data_5UWJ
#
_entry.id   5UWJ
#
_cell.length_a   106.493
_cell.length_b   106.493
_cell.length_c   303.928
_cell.angle_alpha   90.00
_cell.angle_beta   90.00
_cell.angle_gamma   90.00
#
_symmetry.space_group_name_H-M   'P 43 21 2'
#
loop_
_entity.id
_entity.type
_entity.pdbx_description
1 polymer 'GTP-binding nuclear protein Ran'
2 polymer 'Ran-specific GTPase-activating protein 1'
3 polymer Exportin-1
4 polymer 'Synaptic functional regulator FMR1'
5 non-polymer 'PHOSPHOAMINOPHOSPHONIC ACID-GUANYLATE ESTER'
6 non-polymer 'MAGNESIUM ION'
7 non-polymer GLYCEROL
8 water water
#
loop_
_entity_poly.entity_id
_entity_poly.type
_entity_poly.pdbx_seq_one_letter_code
_entity_poly.pdbx_strand_id
1 'polypeptide(L)'
;METGSSHHHHHHSSGLPRGSHMAAQGEPQVQFKLVLVGDGGTGKTTFVKRHLTGEFEKKYVATLGVEVHPLVFHTNRGPI
KFNVWDTAGQEKFGGLRDGYYIQAQCAIIMFDVTSRVTYKNVPNWHRDLVRVCENIPIVLCGNKVDIKDRKVKAKSIVFH
RKKNLQYYDISAKSNYNFEKPFLWLARKLIGDPNLEFVAMPALAPPEVVMDPALAAQYEHDLEVAQTTALPDEDDDL
;
A
2 'polypeptide(L)'
;GGSDIHFEPVVHLEKVDVKTMEEDEEVLYKVRAKLFRFDADAKEWKERGTGDCKFLKNKKTNKVRILMRRDKTLKICANH
IIAPEYTLKPNVGSDRSWVYACTADIAEGEAEAFTFAIRFGSKENADKFKEEFEKAQEINKKA
;
B
3 'polypeptide(L)'
;GGSMEGILDFSNDLDIALLDQVVSTFYQGSGVQQKQAQEILTKFQDNPDAWQKADQILQFSTNPQSKFIALSILDKLITR
KWKLLPNDHRIGIRNFVVGMIISMCQDDEVFKTQKNLINKSDLTLVQILKQEWPQNWPEFIPELIGSSSSSVNVCENNMI
VLKLLSEEVFDFSAEQMTQAKALHLKNSMSKEFEQIFKLCFQVLEQGSSSSLIVATLESLLRYLHWIPYRYIYETNILEL
LSTKFMTSPDTRAITLKCLTEVSNLKIPQDNDLIKRQTVLFFQNTLQQIATSVMPVTADLKATYANANGNDQSFLQDLAM
FLTTYLARNRALLESDESLRELLLNAHQYLIQLSKIEERELFKTTLDYWHNLVADLFYEPLKKHIYEEICSQLRLVIIEN
MVRPEEDLVVENDEGEIVREFVKESDTIQLYKSEREVLVYLTHLNVIDTEEIMISKLARQIDGSEWSWHNINTLSWAIGS
ISGTMSEDTEKRFVVTVIKDLLGLCEQKRGKDNKAVVASDIMYVVGQYPRFLKAHWNFLRTVILKLFEFMHETHEGVQDM
ACDTFIKIVQKCKYHFVIQQPRESEPFIQTIIRDIQKTTADLQPQQVHTFYKACGIIISEERSVAERNRLLSDLMQLPNM
AWDTIVEQSTANPTLLLDSETVKIIANIIKTNVAVCTSMGADFYPQLGHIYYNMLQLYRAVSSMISAQVAAEGLIATKTP
KVRGLRTIKKEILKLVETYISKARNLDDVVKVLVEPLLNAVLEDYMNNVPDARDAEVLNCMTTVVEKVGHMIPQGVILIL
QSVFECTLDMINKDFTEYPEHRVEFYKLLKVINEKSFAAFLELPPAAFKLFVDAICWAFKHNNRDVEVNGLQIALDLVKN
IERMGNVPFANEFHKNYFFIFVSETFFVLTDSDHKSGFSKQALLLMKLISLVYDNKISVPLYQEAEVPQGTSNQVYLSQY
LANMLSNAFPHLTSEQIASFLSALTKQCKDLVVFKGTLRDFLVQIKEVGGDPTDYLFAEDKENA
;
C
4 'polypeptide(L)' YLKEVDQLRLERLQI D
#
# COMPACT_ATOMS: atom_id res chain seq x y z
N VAL A 30 17.25 -9.44 26.97
CA VAL A 30 17.53 -8.87 25.65
C VAL A 30 16.24 -8.40 24.97
N GLN A 31 15.62 -7.34 25.47
CA GLN A 31 14.36 -6.87 24.92
C GLN A 31 14.44 -5.41 24.49
N PHE A 32 13.64 -5.06 23.49
CA PHE A 32 13.62 -3.73 22.91
C PHE A 32 12.18 -3.25 22.78
N LYS A 33 11.94 -2.01 23.18
CA LYS A 33 10.61 -1.43 23.06
C LYS A 33 10.40 -0.91 21.64
N LEU A 34 9.31 -1.35 21.03
CA LEU A 34 8.94 -0.96 19.67
C LEU A 34 7.56 -0.34 19.70
N VAL A 35 7.44 0.88 19.20
CA VAL A 35 6.14 1.54 19.10
C VAL A 35 5.68 1.49 17.66
N LEU A 36 4.42 1.16 17.47
CA LEU A 36 3.82 0.97 16.15
C LEU A 36 2.71 1.99 16.00
N VAL A 37 2.84 2.89 15.02
CA VAL A 37 1.95 4.03 14.90
C VAL A 37 1.48 4.17 13.46
N GLY A 38 0.40 4.93 13.28
CA GLY A 38 -0.18 5.13 11.97
C GLY A 38 -1.69 5.24 12.01
N ASP A 39 -2.30 5.66 10.91
CA ASP A 39 -3.72 5.95 10.89
C ASP A 39 -4.55 4.73 11.24
N GLY A 40 -5.76 4.99 11.74
CA GLY A 40 -6.67 3.90 12.04
C GLY A 40 -6.99 3.11 10.78
N GLY A 41 -7.01 1.79 10.92
CA GLY A 41 -7.40 0.90 9.85
C GLY A 41 -6.29 0.54 8.89
N THR A 42 -5.04 0.92 9.18
CA THR A 42 -3.95 0.65 8.27
C THR A 42 -3.41 -0.78 8.42
N GLY A 43 -3.76 -1.48 9.49
CA GLY A 43 -3.38 -2.87 9.67
C GLY A 43 -2.35 -3.12 10.75
N LYS A 44 -2.09 -2.14 11.61
CA LYS A 44 -1.07 -2.30 12.64
C LYS A 44 -1.35 -3.53 13.49
N THR A 45 -2.57 -3.62 14.02
CA THR A 45 -2.91 -4.71 14.93
C THR A 45 -2.98 -6.05 14.18
N THR A 46 -3.48 -6.05 12.95
CA THR A 46 -3.52 -7.28 12.17
C THR A 46 -2.10 -7.77 11.91
N PHE A 47 -1.18 -6.85 11.63
CA PHE A 47 0.21 -7.21 11.38
C PHE A 47 0.83 -7.86 12.60
N VAL A 48 0.64 -7.27 13.78
CA VAL A 48 1.20 -7.84 14.99
C VAL A 48 0.57 -9.19 15.30
N LYS A 49 -0.76 -9.29 15.17
CA LYS A 49 -1.44 -10.55 15.43
C LYS A 49 -0.89 -11.66 14.56
N ARG A 50 -0.75 -11.40 13.26
CA ARG A 50 -0.14 -12.37 12.35
C ARG A 50 1.17 -12.89 12.92
N HIS A 51 2.02 -11.98 13.40
CA HIS A 51 3.32 -12.36 13.93
C HIS A 51 3.19 -13.12 15.26
N LEU A 52 2.16 -12.83 16.05
CA LEU A 52 2.01 -13.44 17.37
C LEU A 52 1.43 -14.85 17.28
N THR A 53 0.40 -15.04 16.46
CA THR A 53 -0.32 -16.31 16.40
C THR A 53 -0.31 -16.98 15.04
N GLY A 54 0.05 -16.27 13.98
CA GLY A 54 -0.11 -16.76 12.63
C GLY A 54 -1.45 -16.47 11.99
N GLU A 55 -2.39 -15.92 12.74
CA GLU A 55 -3.74 -15.73 12.24
C GLU A 55 -3.85 -14.43 11.44
N PHE A 56 -4.85 -14.39 10.56
CA PHE A 56 -5.24 -13.16 9.87
C PHE A 56 -6.64 -12.78 10.33
N GLU A 57 -6.75 -11.66 11.02
CA GLU A 57 -8.04 -11.16 11.51
C GLU A 57 -8.66 -10.29 10.44
N LYS A 58 -9.81 -10.72 9.91
CA LYS A 58 -10.53 -9.96 8.90
C LYS A 58 -11.30 -8.78 9.48
N LYS A 59 -11.66 -8.84 10.75
CA LYS A 59 -12.48 -7.81 11.37
C LYS A 59 -11.63 -6.62 11.81
N TYR A 60 -12.22 -5.43 11.77
CA TYR A 60 -11.58 -4.21 12.25
C TYR A 60 -12.16 -3.90 13.63
N VAL A 61 -11.38 -4.19 14.66
CA VAL A 61 -11.69 -3.77 16.03
C VAL A 61 -10.64 -2.75 16.41
N ALA A 62 -11.07 -1.49 16.54
CA ALA A 62 -10.13 -0.41 16.79
C ALA A 62 -9.41 -0.59 18.12
N THR A 63 -8.09 -0.46 18.10
CA THR A 63 -7.31 -0.47 19.32
C THR A 63 -7.68 0.74 20.17
N LEU A 64 -7.79 0.54 21.48
CA LEU A 64 -8.09 1.61 22.42
C LEU A 64 -6.80 1.93 23.18
N GLY A 65 -6.20 3.07 22.86
CA GLY A 65 -4.97 3.49 23.52
C GLY A 65 -3.76 2.73 23.01
N VAL A 66 -3.44 1.63 23.67
CA VAL A 66 -2.31 0.78 23.27
C VAL A 66 -2.57 -0.63 23.75
N GLU A 67 -2.03 -1.60 23.01
CA GLU A 67 -1.90 -2.97 23.48
C GLU A 67 -0.43 -3.36 23.37
N VAL A 68 0.10 -3.95 24.44
CA VAL A 68 1.49 -4.36 24.52
C VAL A 68 1.56 -5.86 24.35
N HIS A 69 2.42 -6.32 23.45
CA HIS A 69 2.57 -7.74 23.17
C HIS A 69 4.06 -8.09 23.10
N PRO A 70 4.55 -9.04 23.89
CA PRO A 70 5.91 -9.54 23.67
C PRO A 70 5.99 -10.34 22.38
N LEU A 71 7.09 -10.17 21.66
CA LEU A 71 7.29 -10.88 20.40
C LEU A 71 8.76 -11.26 20.30
N VAL A 72 9.03 -12.57 20.22
CA VAL A 72 10.38 -13.11 20.23
C VAL A 72 10.70 -13.66 18.85
N PHE A 73 11.89 -13.35 18.35
CA PHE A 73 12.42 -13.95 17.14
C PHE A 73 13.72 -14.67 17.49
N HIS A 74 13.93 -15.83 16.90
CA HIS A 74 15.17 -16.57 17.07
C HIS A 74 16.11 -16.22 15.92
N THR A 75 17.35 -15.87 16.27
CA THR A 75 18.33 -15.41 15.31
C THR A 75 19.64 -16.18 15.52
N ASN A 76 20.54 -16.05 14.54
CA ASN A 76 21.88 -16.62 14.69
C ASN A 76 22.70 -15.89 15.75
N ARG A 77 22.15 -14.84 16.37
CA ARG A 77 22.78 -14.18 17.50
C ARG A 77 21.99 -14.39 18.79
N GLY A 78 21.13 -15.40 18.83
CA GLY A 78 20.30 -15.66 19.98
C GLY A 78 18.93 -15.03 19.82
N PRO A 79 18.07 -15.17 20.83
CA PRO A 79 16.72 -14.62 20.70
C PRO A 79 16.69 -13.13 20.94
N ILE A 80 15.83 -12.44 20.21
CA ILE A 80 15.60 -11.01 20.38
C ILE A 80 14.13 -10.82 20.71
N LYS A 81 13.85 -10.08 21.78
CA LYS A 81 12.49 -9.86 22.23
C LYS A 81 12.09 -8.42 21.93
N PHE A 82 11.02 -8.27 21.15
CA PHE A 82 10.38 -6.98 20.94
C PHE A 82 9.18 -6.85 21.88
N ASN A 83 9.14 -5.78 22.64
CA ASN A 83 7.94 -5.41 23.39
C ASN A 83 7.18 -4.42 22.52
N VAL A 84 6.17 -4.92 21.83
CA VAL A 84 5.47 -4.15 20.80
C VAL A 84 4.36 -3.34 21.43
N TRP A 85 4.45 -2.02 21.32
CA TRP A 85 3.40 -1.11 21.75
C TRP A 85 2.56 -0.77 20.53
N ASP A 86 1.45 -1.49 20.36
CA ASP A 86 0.53 -1.34 19.24
C ASP A 86 -0.46 -0.24 19.60
N THR A 87 -0.26 0.96 19.06
CA THR A 87 -1.04 2.11 19.47
C THR A 87 -2.24 2.34 18.56
N ALA A 88 -3.18 3.12 19.07
CA ALA A 88 -4.41 3.43 18.35
C ALA A 88 -4.17 4.55 17.35
N GLY A 89 -4.72 4.38 16.15
CA GLY A 89 -4.60 5.38 15.10
C GLY A 89 -5.78 6.33 15.03
N GLN A 90 -6.94 5.90 15.49
CA GLN A 90 -8.11 6.78 15.50
C GLN A 90 -7.96 7.79 16.62
N GLU A 91 -8.15 9.07 16.29
CA GLU A 91 -7.90 10.13 17.26
C GLU A 91 -8.73 9.94 18.52
N LYS A 92 -10.03 9.62 18.37
CA LYS A 92 -10.89 9.49 19.53
C LYS A 92 -10.54 8.30 20.40
N PHE A 93 -9.62 7.43 19.98
CA PHE A 93 -9.16 6.31 20.79
C PHE A 93 -7.67 6.42 21.10
N GLY A 94 -7.10 7.62 20.91
CA GLY A 94 -5.65 7.78 20.96
C GLY A 94 -5.02 7.60 22.32
N GLY A 95 -5.80 7.69 23.39
CA GLY A 95 -5.26 7.47 24.71
C GLY A 95 -4.19 8.49 25.04
N LEU A 96 -3.04 7.98 25.52
CA LEU A 96 -1.93 8.84 25.91
C LEU A 96 -1.14 9.37 24.71
N ARG A 97 -1.45 8.91 23.50
CA ARG A 97 -0.84 9.41 22.28
C ARG A 97 0.68 9.34 22.35
N ASP A 98 1.38 10.47 22.24
CA ASP A 98 2.83 10.41 22.23
C ASP A 98 3.41 10.00 23.59
N GLY A 99 2.58 9.95 24.64
CA GLY A 99 3.03 9.36 25.89
C GLY A 99 3.47 7.92 25.74
N TYR A 100 2.97 7.22 24.72
CA TYR A 100 3.36 5.84 24.50
C TYR A 100 4.77 5.71 23.96
N TYR A 101 5.31 6.79 23.38
CA TYR A 101 6.59 6.69 22.69
C TYR A 101 7.78 6.79 23.63
N ILE A 102 7.56 7.16 24.88
CA ILE A 102 8.67 7.41 25.81
C ILE A 102 9.54 6.16 25.92
N GLN A 103 10.85 6.34 25.72
CA GLN A 103 11.84 5.29 25.87
C GLN A 103 11.72 4.18 24.82
N ALA A 104 10.97 4.40 23.75
CA ALA A 104 11.00 3.44 22.66
C ALA A 104 12.40 3.37 22.07
N GLN A 105 12.79 2.17 21.63
CA GLN A 105 14.08 1.96 21.00
C GLN A 105 13.98 1.73 19.50
N CYS A 106 12.78 1.58 18.97
CA CYS A 106 12.57 1.41 17.54
C CYS A 106 11.09 1.64 17.28
N ALA A 107 10.74 1.78 16.00
CA ALA A 107 9.35 2.04 15.68
C ALA A 107 9.05 1.60 14.27
N ILE A 108 7.76 1.35 14.03
CA ILE A 108 7.21 1.14 12.70
C ILE A 108 6.11 2.16 12.49
N ILE A 109 6.20 2.90 11.39
CA ILE A 109 5.11 3.76 10.93
C ILE A 109 4.42 3.02 9.80
N MET A 110 3.10 2.96 9.88
N MET A 110 3.10 2.89 9.89
CA MET A 110 2.27 2.15 8.99
CA MET A 110 2.34 2.11 8.93
C MET A 110 1.33 3.07 8.23
C MET A 110 1.31 2.99 8.24
N PHE A 111 1.12 2.76 6.95
CA PHE A 111 0.05 3.38 6.18
C PHE A 111 -0.53 2.32 5.26
N ASP A 112 -1.56 2.70 4.52
CA ASP A 112 -2.33 1.78 3.70
C ASP A 112 -2.22 2.25 2.25
N VAL A 113 -1.63 1.42 1.38
CA VAL A 113 -1.40 1.88 0.02
C VAL A 113 -2.69 2.02 -0.79
N THR A 114 -3.82 1.61 -0.21
CA THR A 114 -5.12 1.85 -0.84
C THR A 114 -5.80 3.11 -0.34
N SER A 115 -5.15 3.88 0.53
CA SER A 115 -5.75 5.07 1.11
C SER A 115 -4.70 6.19 1.18
N ARG A 116 -4.81 7.15 0.25
CA ARG A 116 -3.83 8.24 0.18
C ARG A 116 -3.74 9.02 1.49
N VAL A 117 -4.88 9.25 2.15
CA VAL A 117 -4.83 10.07 3.36
C VAL A 117 -3.88 9.47 4.38
N THR A 118 -3.83 8.14 4.46
CA THR A 118 -2.93 7.51 5.44
C THR A 118 -1.48 7.77 5.10
N TYR A 119 -1.16 7.98 3.82
CA TYR A 119 0.20 8.37 3.47
C TYR A 119 0.44 9.86 3.75
N LYS A 120 -0.57 10.70 3.46
CA LYS A 120 -0.48 12.12 3.76
C LYS A 120 -0.22 12.38 5.24
N ASN A 121 -0.66 11.46 6.11
CA ASN A 121 -0.49 11.63 7.56
C ASN A 121 0.81 11.04 8.08
N VAL A 122 1.56 10.30 7.26
CA VAL A 122 2.84 9.75 7.69
C VAL A 122 3.75 10.83 8.26
N PRO A 123 3.89 12.00 7.64
CA PRO A 123 4.76 13.04 8.25
C PRO A 123 4.28 13.49 9.61
N ASN A 124 2.97 13.44 9.89
CA ASN A 124 2.48 13.87 11.19
C ASN A 124 2.83 12.84 12.26
N TRP A 125 2.61 11.55 11.97
CA TRP A 125 3.05 10.51 12.91
C TRP A 125 4.56 10.57 13.14
N HIS A 126 5.33 10.75 12.06
CA HIS A 126 6.78 10.83 12.19
C HIS A 126 7.19 12.00 13.08
N ARG A 127 6.59 13.17 12.85
CA ARG A 127 6.87 14.33 13.67
C ARG A 127 6.67 14.04 15.15
N ASP A 128 5.48 13.55 15.51
CA ASP A 128 5.18 13.29 16.92
C ASP A 128 6.12 12.24 17.48
N LEU A 129 6.56 11.30 16.64
CA LEU A 129 7.40 10.22 17.12
C LEU A 129 8.81 10.69 17.43
N VAL A 130 9.44 11.40 16.49
CA VAL A 130 10.86 11.74 16.67
C VAL A 130 11.05 12.92 17.61
N ARG A 131 9.99 13.67 17.92
CA ARG A 131 10.09 14.65 18.98
C ARG A 131 10.32 14.00 20.33
N VAL A 132 9.79 12.79 20.51
CA VAL A 132 10.02 12.04 21.75
C VAL A 132 11.23 11.12 21.61
N CYS A 133 11.38 10.47 20.46
CA CYS A 133 12.44 9.48 20.21
C CYS A 133 13.38 10.04 19.15
N GLU A 134 14.42 10.73 19.59
CA GLU A 134 15.19 11.58 18.69
C GLU A 134 16.12 10.80 17.79
N ASN A 135 16.57 9.60 18.19
CA ASN A 135 17.55 8.87 17.40
C ASN A 135 17.30 7.37 17.56
N ILE A 136 16.28 6.87 16.86
CA ILE A 136 15.96 5.46 16.90
C ILE A 136 15.77 4.92 15.47
N PRO A 137 16.07 3.65 15.21
CA PRO A 137 15.72 3.07 13.91
C PRO A 137 14.22 3.00 13.72
N ILE A 138 13.77 3.41 12.53
CA ILE A 138 12.35 3.49 12.18
C ILE A 138 12.13 2.84 10.83
N VAL A 139 11.12 1.98 10.74
CA VAL A 139 10.68 1.38 9.48
C VAL A 139 9.35 2.01 9.09
N LEU A 140 9.25 2.42 7.83
CA LEU A 140 7.99 2.87 7.23
C LEU A 140 7.42 1.73 6.41
N CYS A 141 6.16 1.39 6.65
CA CYS A 141 5.53 0.23 6.01
C CYS A 141 4.28 0.66 5.26
N GLY A 142 4.24 0.36 3.96
CA GLY A 142 3.03 0.52 3.18
C GLY A 142 2.29 -0.80 3.11
N ASN A 143 1.20 -0.90 3.84
CA ASN A 143 0.51 -2.16 4.02
C ASN A 143 -0.59 -2.34 2.97
N LYS A 144 -1.05 -3.59 2.84
CA LYS A 144 -2.19 -3.96 1.99
C LYS A 144 -1.85 -3.95 0.50
N VAL A 145 -0.60 -4.25 0.13
CA VAL A 145 -0.26 -4.31 -1.29
C VAL A 145 -0.90 -5.48 -1.99
N ASP A 146 -1.55 -6.38 -1.26
CA ASP A 146 -2.30 -7.47 -1.87
C ASP A 146 -3.53 -6.99 -2.63
N ILE A 147 -3.95 -5.75 -2.44
N ILE A 147 -3.93 -5.73 -2.46
CA ILE A 147 -5.16 -5.23 -3.06
CA ILE A 147 -5.16 -5.22 -3.05
C ILE A 147 -4.81 -4.69 -4.44
C ILE A 147 -4.84 -4.66 -4.44
N LYS A 148 -5.53 -5.17 -5.45
CA LYS A 148 -5.20 -4.83 -6.83
C LYS A 148 -5.22 -3.32 -7.07
N ASP A 149 -6.22 -2.63 -6.54
CA ASP A 149 -6.44 -1.22 -6.87
C ASP A 149 -5.65 -0.34 -5.91
N ARG A 150 -4.32 -0.41 -6.06
CA ARG A 150 -3.42 0.40 -5.25
C ARG A 150 -3.56 1.89 -5.58
N LYS A 151 -3.55 2.73 -4.54
CA LYS A 151 -3.76 4.17 -4.70
C LYS A 151 -2.51 4.99 -4.44
N VAL A 152 -1.61 4.56 -3.57
CA VAL A 152 -0.37 5.27 -3.28
C VAL A 152 0.72 4.60 -4.12
N LYS A 153 1.01 5.18 -5.28
CA LYS A 153 1.94 4.57 -6.20
C LYS A 153 3.35 4.54 -5.62
N ALA A 154 4.09 3.48 -5.95
CA ALA A 154 5.46 3.33 -5.48
C ALA A 154 6.28 4.59 -5.71
N LYS A 155 6.11 5.23 -6.87
CA LYS A 155 6.89 6.43 -7.18
C LYS A 155 6.56 7.57 -6.22
N SER A 156 5.34 7.60 -5.70
CA SER A 156 4.95 8.67 -4.78
C SER A 156 5.60 8.54 -3.41
N ILE A 157 6.11 7.36 -3.07
CA ILE A 157 6.56 7.08 -1.70
C ILE A 157 8.03 7.48 -1.60
N VAL A 158 8.27 8.68 -1.07
CA VAL A 158 9.62 9.23 -0.96
C VAL A 158 9.90 9.83 0.41
N PHE A 159 8.92 9.85 1.32
CA PHE A 159 9.09 10.57 2.57
C PHE A 159 10.24 10.02 3.40
N HIS A 160 10.50 8.72 3.30
CA HIS A 160 11.54 8.07 4.08
C HIS A 160 12.94 8.53 3.69
N ARG A 161 13.14 9.08 2.50
CA ARG A 161 14.50 9.35 2.02
C ARG A 161 15.21 10.34 2.92
N LYS A 162 14.66 11.55 3.07
CA LYS A 162 15.34 12.55 3.88
C LYS A 162 15.28 12.25 5.36
N LYS A 163 14.39 11.36 5.80
CA LYS A 163 14.27 11.03 7.21
C LYS A 163 15.02 9.75 7.59
N ASN A 164 15.69 9.11 6.63
CA ASN A 164 16.54 7.95 6.91
C ASN A 164 15.73 6.79 7.48
N LEU A 165 14.50 6.64 7.01
CA LEU A 165 13.66 5.50 7.38
C LEU A 165 13.84 4.38 6.36
N GLN A 166 13.84 3.14 6.83
CA GLN A 166 13.70 2.01 5.95
C GLN A 166 12.26 1.89 5.48
N TYR A 167 12.07 1.63 4.19
CA TYR A 167 10.73 1.45 3.63
C TYR A 167 10.53 0.03 3.14
N TYR A 168 9.36 -0.54 3.42
CA TYR A 168 8.94 -1.80 2.79
C TYR A 168 7.47 -1.75 2.42
N ASP A 169 7.17 -2.13 1.18
CA ASP A 169 5.86 -2.69 0.85
C ASP A 169 5.61 -3.93 1.70
N ILE A 170 4.46 -4.01 2.35
CA ILE A 170 4.08 -5.22 3.09
C ILE A 170 2.60 -5.52 2.89
N SER A 171 2.24 -6.77 3.16
CA SER A 171 0.85 -7.20 3.26
C SER A 171 0.72 -8.18 4.41
N ALA A 172 -0.04 -7.80 5.44
CA ALA A 172 -0.34 -8.77 6.49
C ALA A 172 -1.21 -9.91 5.98
N LYS A 173 -1.95 -9.70 4.89
CA LYS A 173 -2.85 -10.73 4.38
C LYS A 173 -2.11 -11.80 3.60
N SER A 174 -1.24 -11.39 2.66
CA SER A 174 -0.47 -12.34 1.87
C SER A 174 0.89 -12.65 2.48
N ASN A 175 1.26 -11.98 3.58
CA ASN A 175 2.55 -12.12 4.24
C ASN A 175 3.70 -11.56 3.42
N TYR A 176 3.42 -10.84 2.34
CA TYR A 176 4.47 -10.23 1.55
C TYR A 176 5.36 -9.34 2.42
N ASN A 177 6.65 -9.67 2.49
CA ASN A 177 7.64 -8.91 3.24
C ASN A 177 7.30 -8.77 4.72
N PHE A 178 6.48 -9.66 5.28
CA PHE A 178 5.96 -9.40 6.62
C PHE A 178 7.06 -9.49 7.69
N GLU A 179 8.16 -10.17 7.39
CA GLU A 179 9.26 -10.30 8.34
C GLU A 179 10.30 -9.20 8.21
N LYS A 180 10.32 -8.48 7.09
CA LYS A 180 11.39 -7.52 6.83
C LYS A 180 11.50 -6.44 7.89
N PRO A 181 10.42 -5.81 8.37
CA PRO A 181 10.59 -4.75 9.38
C PRO A 181 11.31 -5.24 10.62
N PHE A 182 11.01 -6.45 11.08
CA PHE A 182 11.63 -6.94 12.30
C PHE A 182 13.07 -7.37 12.05
N LEU A 183 13.33 -7.97 10.91
CA LEU A 183 14.70 -8.36 10.58
C LEU A 183 15.60 -7.13 10.50
N TRP A 184 15.13 -6.08 9.82
CA TRP A 184 15.93 -4.87 9.68
C TRP A 184 16.15 -4.21 11.03
N LEU A 185 15.10 -4.16 11.86
CA LEU A 185 15.24 -3.57 13.18
C LEU A 185 16.16 -4.40 14.07
N ALA A 186 16.03 -5.73 14.02
CA ALA A 186 16.94 -6.58 14.77
C ALA A 186 18.39 -6.30 14.40
N ARG A 187 18.65 -6.12 13.10
CA ARG A 187 20.01 -5.83 12.64
C ARG A 187 20.51 -4.50 13.20
N LYS A 188 19.67 -3.47 13.17
CA LYS A 188 20.07 -2.18 13.74
C LYS A 188 20.26 -2.27 15.25
N LEU A 189 19.32 -2.92 15.94
CA LEU A 189 19.36 -2.91 17.40
C LEU A 189 20.53 -3.72 17.93
N ILE A 190 20.86 -4.83 17.27
CA ILE A 190 21.97 -5.67 17.69
C ILE A 190 23.30 -5.19 17.12
N GLY A 191 23.27 -4.38 16.06
CA GLY A 191 24.50 -3.93 15.45
C GLY A 191 25.20 -4.97 14.61
N ASP A 192 24.47 -5.96 14.11
CA ASP A 192 25.06 -7.01 13.27
C ASP A 192 24.33 -7.02 11.93
N PRO A 193 24.94 -6.52 10.85
CA PRO A 193 24.22 -6.48 9.57
C PRO A 193 23.96 -7.87 8.98
N ASN A 194 24.63 -8.92 9.47
CA ASN A 194 24.44 -10.26 8.94
C ASN A 194 23.56 -11.12 9.83
N LEU A 195 22.92 -10.54 10.84
CA LEU A 195 22.01 -11.30 11.67
C LEU A 195 20.89 -11.90 10.80
N GLU A 196 20.55 -13.16 11.09
CA GLU A 196 19.53 -13.89 10.34
C GLU A 196 18.55 -14.53 11.31
N PHE A 197 17.30 -14.65 10.87
CA PHE A 197 16.36 -15.52 11.56
C PHE A 197 16.78 -16.97 11.35
N VAL A 198 16.65 -17.78 12.40
CA VAL A 198 16.96 -19.21 12.30
C VAL A 198 15.82 -20.02 12.91
N ALA A 199 15.90 -21.32 12.70
CA ALA A 199 14.84 -22.26 13.09
C ALA A 199 14.93 -22.51 14.59
N MET A 200 13.91 -22.09 15.32
CA MET A 200 13.83 -22.43 16.73
C MET A 200 13.91 -23.94 16.90
N PRO A 201 14.65 -24.44 17.90
CA PRO A 201 14.77 -25.89 18.07
C PRO A 201 13.41 -26.55 18.27
N ALA A 202 13.30 -27.80 17.80
CA ALA A 202 12.04 -28.53 17.72
C ALA A 202 12.13 -29.78 18.60
N LEU A 203 11.66 -29.66 19.84
CA LEU A 203 11.75 -30.75 20.80
C LEU A 203 10.89 -31.93 20.37
N ALA A 204 11.32 -33.13 20.75
CA ALA A 204 10.52 -34.31 20.50
C ALA A 204 9.17 -34.15 21.21
N PRO A 205 8.05 -34.38 20.53
CA PRO A 205 6.75 -34.24 21.19
C PRO A 205 6.38 -35.48 21.96
N PRO A 206 5.49 -35.36 22.94
CA PRO A 206 5.13 -36.52 23.76
C PRO A 206 4.15 -37.44 23.06
N GLU A 207 4.27 -38.73 23.39
CA GLU A 207 3.24 -39.69 23.01
C GLU A 207 2.14 -39.69 24.07
N VAL A 208 0.90 -39.67 23.62
CA VAL A 208 -0.24 -39.62 24.53
C VAL A 208 -1.37 -40.51 24.01
N ASP A 211 -7.42 -40.63 26.51
CA ASP A 211 -8.27 -40.69 27.68
C ASP A 211 -9.74 -40.89 27.26
N PRO A 212 -10.30 -42.07 27.56
CA PRO A 212 -11.67 -42.36 27.07
C PRO A 212 -12.76 -41.57 27.77
N ALA A 213 -12.46 -40.92 28.90
CA ALA A 213 -13.48 -40.14 29.59
C ALA A 213 -13.79 -38.83 28.88
N LEU A 214 -12.92 -38.40 27.96
CA LEU A 214 -13.18 -37.23 27.12
C LEU A 214 -13.33 -37.61 25.65
N ALA A 215 -13.64 -38.88 25.38
CA ALA A 215 -13.84 -39.34 24.00
C ALA A 215 -15.11 -38.76 23.40
N ALA A 216 -16.14 -38.56 24.21
CA ALA A 216 -17.38 -37.97 23.71
C ALA A 216 -17.29 -36.46 23.60
N GLN A 217 -16.45 -35.82 24.40
CA GLN A 217 -16.34 -34.37 24.38
C GLN A 217 -15.48 -33.88 23.22
N TYR A 218 -14.39 -34.60 22.90
CA TYR A 218 -13.59 -34.24 21.74
C TYR A 218 -14.35 -34.52 20.44
N GLU A 219 -15.29 -35.46 20.48
CA GLU A 219 -16.09 -35.75 19.29
C GLU A 219 -17.10 -34.64 19.01
N HIS A 220 -17.55 -33.95 20.06
CA HIS A 220 -18.44 -32.81 19.88
C HIS A 220 -17.71 -31.63 19.26
N ASP A 221 -16.52 -31.30 19.80
CA ASP A 221 -15.73 -30.22 19.21
C ASP A 221 -15.35 -30.54 17.78
N LEU A 222 -15.24 -31.82 17.43
CA LEU A 222 -14.87 -32.22 16.08
C LEU A 222 -16.03 -32.09 15.12
N GLU A 223 -17.26 -32.41 15.55
CA GLU A 223 -18.43 -32.22 14.70
C GLU A 223 -18.57 -30.76 14.32
N VAL A 224 -18.47 -29.86 15.30
CA VAL A 224 -18.55 -28.42 15.03
C VAL A 224 -17.45 -28.00 14.06
N ALA A 225 -16.21 -28.42 14.35
CA ALA A 225 -15.08 -28.01 13.52
C ALA A 225 -15.24 -28.50 12.08
N GLN A 226 -15.81 -29.68 11.90
CA GLN A 226 -15.97 -30.24 10.56
C GLN A 226 -16.99 -29.48 9.74
N THR A 227 -18.03 -28.97 10.38
CA THR A 227 -19.14 -28.30 9.69
C THR A 227 -19.02 -26.77 9.73
N THR A 228 -17.87 -26.25 10.13
CA THR A 228 -17.53 -24.84 9.93
C THR A 228 -16.53 -24.78 8.79
N ALA A 229 -16.91 -24.10 7.71
CA ALA A 229 -16.08 -24.09 6.51
C ALA A 229 -14.78 -23.36 6.78
N LEU A 230 -13.70 -23.86 6.20
CA LEU A 230 -12.44 -23.16 6.26
C LEU A 230 -12.55 -21.83 5.50
N PRO A 231 -11.90 -20.78 5.98
CA PRO A 231 -11.98 -19.48 5.29
C PRO A 231 -11.07 -19.43 4.07
N ASP A 232 -11.41 -18.50 3.17
CA ASP A 232 -10.57 -18.18 2.02
C ASP A 232 -10.25 -19.41 1.20
N GLU A 233 -11.30 -20.14 0.82
CA GLU A 233 -11.10 -21.41 0.12
C GLU A 233 -10.59 -21.22 -1.30
N ASP A 234 -10.54 -20.00 -1.81
CA ASP A 234 -9.98 -19.73 -3.13
C ASP A 234 -8.49 -19.40 -3.10
N ASP A 235 -7.93 -19.09 -1.94
CA ASP A 235 -6.49 -18.87 -1.83
C ASP A 235 -5.73 -20.08 -2.35
N ASP A 236 -4.51 -19.83 -2.86
CA ASP A 236 -3.67 -20.94 -3.29
C ASP A 236 -3.34 -21.87 -2.13
N LEU A 237 -3.46 -21.40 -0.90
CA LEU A 237 -3.38 -22.26 0.27
C LEU A 237 -4.34 -21.77 1.33
N ILE B 5 58.36 -25.96 4.45
CA ILE B 5 58.13 -24.89 5.42
C ILE B 5 56.63 -24.72 5.68
N HIS B 6 56.23 -24.99 6.92
CA HIS B 6 54.83 -24.93 7.33
C HIS B 6 54.40 -23.47 7.50
N PHE B 7 53.40 -23.05 6.72
CA PHE B 7 52.77 -21.75 6.89
C PHE B 7 51.43 -21.94 7.60
N GLU B 8 51.32 -21.38 8.80
CA GLU B 8 50.10 -21.52 9.57
C GLU B 8 48.94 -20.87 8.82
N PRO B 9 47.83 -21.57 8.57
CA PRO B 9 46.72 -20.97 7.83
C PRO B 9 45.90 -20.03 8.71
N VAL B 10 45.07 -19.23 8.03
CA VAL B 10 44.23 -18.25 8.73
C VAL B 10 43.22 -18.96 9.61
N VAL B 11 42.81 -18.28 10.68
CA VAL B 11 41.80 -18.81 11.59
C VAL B 11 40.42 -18.74 10.94
N THR B 20 18.79 -27.19 15.77
CA THR B 20 17.40 -27.17 15.35
C THR B 20 16.62 -28.36 15.93
N MET B 21 17.36 -29.39 16.33
CA MET B 21 16.80 -30.63 16.90
C MET B 21 16.04 -31.45 15.87
N GLU B 22 16.41 -31.32 14.60
CA GLU B 22 15.89 -32.18 13.54
C GLU B 22 16.97 -33.07 12.93
N GLU B 23 18.20 -33.00 13.45
CA GLU B 23 19.34 -33.63 12.78
C GLU B 23 19.33 -35.15 12.94
N ASP B 24 18.72 -35.66 14.00
CA ASP B 24 18.65 -37.09 14.25
C ASP B 24 17.39 -37.73 13.64
N GLU B 25 16.87 -37.18 12.54
CA GLU B 25 15.59 -37.62 12.00
C GLU B 25 15.66 -37.72 10.49
N GLU B 26 14.78 -38.55 9.93
CA GLU B 26 14.67 -38.80 8.51
C GLU B 26 13.37 -38.19 7.99
N VAL B 27 13.43 -37.53 6.83
CA VAL B 27 12.26 -36.88 6.25
C VAL B 27 11.56 -37.90 5.35
N LEU B 28 10.36 -38.34 5.76
CA LEU B 28 9.58 -39.29 4.97
C LEU B 28 8.69 -38.59 3.96
N TYR B 29 8.03 -37.51 4.36
CA TYR B 29 7.12 -36.77 3.51
C TYR B 29 7.31 -35.29 3.75
N LYS B 30 7.17 -34.50 2.69
CA LYS B 30 7.23 -33.05 2.78
C LYS B 30 6.20 -32.47 1.82
N VAL B 31 5.43 -31.49 2.29
CA VAL B 31 4.41 -30.87 1.45
C VAL B 31 4.14 -29.47 1.97
N ARG B 32 3.87 -28.56 1.04
CA ARG B 32 3.43 -27.22 1.40
C ARG B 32 1.97 -27.27 1.83
N ALA B 33 1.63 -26.46 2.83
CA ALA B 33 0.31 -26.56 3.42
C ALA B 33 0.05 -25.33 4.29
N LYS B 34 -1.24 -25.06 4.51
CA LYS B 34 -1.69 -24.04 5.46
C LYS B 34 -2.42 -24.74 6.59
N LEU B 35 -2.10 -24.37 7.81
CA LEU B 35 -2.59 -25.03 9.00
C LEU B 35 -3.51 -24.09 9.76
N PHE B 36 -4.67 -24.61 10.17
CA PHE B 36 -5.64 -23.88 10.97
C PHE B 36 -5.86 -24.58 12.30
N ARG B 37 -6.25 -23.78 13.29
CA ARG B 37 -6.73 -24.27 14.56
C ARG B 37 -8.14 -23.75 14.78
N PHE B 38 -8.99 -24.55 15.41
CA PHE B 38 -10.38 -24.18 15.61
C PHE B 38 -10.53 -23.48 16.96
N ASP B 39 -11.05 -22.26 16.93
CA ASP B 39 -11.40 -21.54 18.15
C ASP B 39 -12.88 -21.80 18.41
N ALA B 40 -13.16 -22.81 19.24
CA ALA B 40 -14.54 -23.16 19.53
C ALA B 40 -15.27 -22.03 20.26
N ASP B 41 -14.55 -21.25 21.07
CA ASP B 41 -15.18 -20.13 21.75
C ASP B 41 -15.62 -19.05 20.77
N ALA B 42 -14.87 -18.86 19.69
CA ALA B 42 -15.25 -17.94 18.62
C ALA B 42 -15.95 -18.65 17.47
N LYS B 43 -16.05 -19.97 17.52
CA LYS B 43 -16.72 -20.75 16.47
C LYS B 43 -16.15 -20.46 15.09
N GLU B 44 -14.84 -20.22 15.01
CA GLU B 44 -14.21 -19.94 13.73
C GLU B 44 -12.82 -20.56 13.67
N TRP B 45 -12.40 -20.87 12.45
CA TRP B 45 -11.05 -21.35 12.20
C TRP B 45 -10.09 -20.16 12.16
N LYS B 46 -8.88 -20.37 12.66
CA LYS B 46 -7.85 -19.36 12.62
C LYS B 46 -6.57 -19.96 12.06
N GLU B 47 -5.93 -19.23 11.15
CA GLU B 47 -4.68 -19.68 10.58
C GLU B 47 -3.60 -19.74 11.66
N ARG B 48 -2.83 -20.83 11.65
CA ARG B 48 -1.70 -20.94 12.55
C ARG B 48 -0.36 -20.84 11.85
N GLY B 49 -0.33 -21.01 10.53
CA GLY B 49 0.94 -20.99 9.83
C GLY B 49 0.85 -21.59 8.44
N THR B 50 1.71 -21.07 7.56
CA THR B 50 1.86 -21.55 6.20
C THR B 50 3.32 -21.87 5.97
N GLY B 51 3.59 -23.07 5.48
CA GLY B 51 4.97 -23.49 5.26
C GLY B 51 5.04 -24.95 4.91
N ASP B 52 6.25 -25.51 5.03
CA ASP B 52 6.47 -26.91 4.73
C ASP B 52 6.04 -27.76 5.92
N CYS B 53 5.14 -28.72 5.66
CA CYS B 53 4.76 -29.73 6.63
C CYS B 53 5.58 -30.99 6.36
N LYS B 54 6.33 -31.44 7.38
CA LYS B 54 7.24 -32.57 7.23
C LYS B 54 6.84 -33.70 8.17
N PHE B 55 6.92 -34.93 7.67
CA PHE B 55 6.85 -36.12 8.50
C PHE B 55 8.28 -36.54 8.81
N LEU B 56 8.63 -36.57 10.09
CA LEU B 56 10.00 -36.82 10.51
C LEU B 56 10.06 -38.11 11.31
N LYS B 57 10.92 -39.04 10.87
CA LYS B 57 11.08 -40.34 11.49
C LYS B 57 12.37 -40.34 12.31
N ASN B 58 12.22 -40.48 13.63
CA ASN B 58 13.37 -40.56 14.52
C ASN B 58 14.18 -41.81 14.22
N LYS B 59 15.48 -41.62 13.98
CA LYS B 59 16.35 -42.76 13.68
C LYS B 59 16.38 -43.76 14.83
N LYS B 60 16.34 -43.25 16.07
CA LYS B 60 16.52 -44.11 17.24
C LYS B 60 15.25 -44.86 17.61
N THR B 61 14.09 -44.18 17.53
CA THR B 61 12.84 -44.74 18.00
C THR B 61 11.92 -45.21 16.87
N ASN B 62 12.18 -44.76 15.64
CA ASN B 62 11.30 -45.01 14.50
C ASN B 62 9.92 -44.40 14.68
N LYS B 63 9.77 -43.48 15.64
CA LYS B 63 8.51 -42.76 15.82
C LYS B 63 8.45 -41.56 14.89
N VAL B 64 7.34 -41.41 14.17
CA VAL B 64 7.18 -40.36 13.17
C VAL B 64 6.36 -39.22 13.78
N ARG B 65 6.79 -37.99 13.54
CA ARG B 65 6.06 -36.81 13.95
C ARG B 65 5.77 -35.93 12.75
N ILE B 66 4.80 -35.04 12.94
CA ILE B 66 4.59 -33.91 12.04
C ILE B 66 5.36 -32.73 12.60
N LEU B 67 6.19 -32.11 11.77
CA LEU B 67 6.85 -30.86 12.13
C LEU B 67 6.64 -29.87 11.01
N MET B 68 6.06 -28.72 11.34
CA MET B 68 5.71 -27.69 10.38
C MET B 68 6.20 -26.35 10.88
N ARG B 69 6.82 -25.57 9.99
CA ARG B 69 7.41 -24.27 10.32
C ARG B 69 6.86 -23.20 9.39
N ARG B 70 6.66 -22.00 9.93
CA ARG B 70 6.24 -20.88 9.11
C ARG B 70 7.37 -20.45 8.18
N ASP B 71 7.00 -20.03 6.98
CA ASP B 71 7.97 -19.42 6.08
C ASP B 71 8.59 -18.18 6.72
N LYS B 72 9.85 -17.93 6.35
CA LYS B 72 10.55 -16.69 6.73
C LYS B 72 10.98 -16.67 8.18
N THR B 73 10.02 -16.68 9.11
CA THR B 73 10.38 -16.66 10.52
C THR B 73 10.79 -18.04 11.02
N LEU B 74 10.36 -19.11 10.34
CA LEU B 74 10.72 -20.48 10.68
C LEU B 74 10.18 -20.92 12.02
N LYS B 75 9.22 -20.18 12.58
CA LYS B 75 8.68 -20.55 13.88
C LYS B 75 7.80 -21.78 13.75
N ILE B 76 7.85 -22.63 14.77
CA ILE B 76 7.13 -23.89 14.74
C ILE B 76 5.65 -23.62 14.91
N CYS B 77 4.84 -24.13 13.98
CA CYS B 77 3.40 -24.07 14.09
C CYS B 77 2.75 -25.44 14.22
N ALA B 78 3.53 -26.53 14.15
CA ALA B 78 2.98 -27.85 14.45
C ALA B 78 4.13 -28.77 14.84
N ASN B 79 3.94 -29.52 15.93
CA ASN B 79 4.94 -30.48 16.38
C ASN B 79 4.22 -31.50 17.26
N HIS B 80 3.96 -32.67 16.72
CA HIS B 80 3.24 -33.70 17.47
C HIS B 80 3.38 -35.04 16.76
N ILE B 81 3.30 -36.11 17.57
CA ILE B 81 3.31 -37.46 17.02
C ILE B 81 2.08 -37.69 16.17
N ILE B 82 2.25 -38.44 15.08
CA ILE B 82 1.12 -38.88 14.27
C ILE B 82 0.52 -40.10 14.94
N ALA B 83 -0.25 -39.89 16.00
CA ALA B 83 -0.76 -40.99 16.80
C ALA B 83 -1.65 -41.91 15.96
N PRO B 84 -1.59 -43.23 16.18
CA PRO B 84 -2.46 -44.13 15.41
C PRO B 84 -3.94 -43.93 15.68
N GLU B 85 -4.32 -43.32 16.80
CA GLU B 85 -5.72 -43.13 17.13
C GLU B 85 -6.35 -41.97 16.37
N TYR B 86 -5.53 -41.10 15.78
CA TYR B 86 -6.06 -39.94 15.07
C TYR B 86 -6.80 -40.38 13.81
N THR B 87 -7.70 -39.51 13.35
CA THR B 87 -8.54 -39.80 12.20
C THR B 87 -8.71 -38.52 11.38
N LEU B 88 -8.29 -38.57 10.12
CA LEU B 88 -8.45 -37.44 9.22
C LEU B 88 -9.87 -37.43 8.66
N LYS B 89 -10.52 -36.27 8.73
CA LYS B 89 -11.89 -36.10 8.27
C LYS B 89 -11.98 -34.95 7.28
N PRO B 90 -12.91 -35.03 6.33
CA PRO B 90 -13.10 -33.91 5.40
C PRO B 90 -13.78 -32.73 6.09
N ASN B 91 -13.47 -31.54 5.61
CA ASN B 91 -14.17 -30.32 6.00
C ASN B 91 -15.25 -30.02 4.97
N VAL B 92 -16.39 -29.51 5.45
CA VAL B 92 -17.55 -29.32 4.58
C VAL B 92 -17.21 -28.42 3.39
N GLY B 93 -16.29 -27.48 3.56
CA GLY B 93 -16.03 -26.47 2.56
C GLY B 93 -14.84 -26.73 1.65
N SER B 94 -14.21 -27.89 1.72
CA SER B 94 -12.96 -28.10 1.00
C SER B 94 -12.83 -29.56 0.57
N ASP B 95 -12.38 -29.76 -0.66
CA ASP B 95 -12.00 -31.07 -1.16
C ASP B 95 -10.48 -31.29 -1.09
N ARG B 96 -9.76 -30.43 -0.38
CA ARG B 96 -8.30 -30.46 -0.34
C ARG B 96 -7.80 -30.20 1.08
N SER B 97 -8.53 -30.66 2.08
CA SER B 97 -8.16 -30.41 3.47
C SER B 97 -8.53 -31.62 4.31
N TRP B 98 -7.95 -31.69 5.50
CA TRP B 98 -8.30 -32.68 6.49
C TRP B 98 -8.44 -32.01 7.85
N VAL B 99 -9.33 -32.56 8.67
CA VAL B 99 -9.57 -32.10 10.02
C VAL B 99 -9.28 -33.27 10.96
N TYR B 100 -8.61 -32.98 12.07
CA TYR B 100 -8.45 -34.02 13.08
C TYR B 100 -8.14 -33.39 14.43
N ALA B 101 -8.51 -34.12 15.47
CA ALA B 101 -8.20 -33.73 16.84
C ALA B 101 -6.76 -34.13 17.16
N CYS B 102 -6.04 -33.21 17.80
CA CYS B 102 -4.70 -33.48 18.28
C CYS B 102 -4.69 -33.28 19.78
N THR B 103 -4.15 -34.26 20.52
CA THR B 103 -4.21 -34.22 21.97
C THR B 103 -2.99 -33.55 22.59
N ALA B 104 -1.85 -33.53 21.90
CA ALA B 104 -0.63 -32.98 22.52
C ALA B 104 0.26 -32.41 21.41
N ASP B 105 0.13 -31.11 21.18
CA ASP B 105 1.02 -30.35 20.29
C ASP B 105 1.86 -29.39 21.13
N ILE B 106 3.15 -29.30 20.80
CA ILE B 106 4.09 -28.54 21.62
C ILE B 106 4.71 -27.40 20.82
N ALA B 107 3.98 -26.91 19.81
CA ALA B 107 4.54 -25.86 18.96
C ALA B 107 4.77 -24.57 19.75
N GLU B 108 3.89 -24.27 20.69
CA GLU B 108 3.93 -23.01 21.42
C GLU B 108 4.30 -23.16 22.89
N GLY B 109 4.51 -24.38 23.38
CA GLY B 109 5.01 -24.57 24.73
C GLY B 109 4.49 -25.82 25.40
N GLU B 110 3.72 -25.65 26.47
CA GLU B 110 3.15 -26.78 27.19
C GLU B 110 2.22 -27.56 26.27
N ALA B 111 2.30 -28.89 26.35
CA ALA B 111 1.51 -29.74 25.47
C ALA B 111 0.04 -29.40 25.59
N GLU B 112 -0.56 -28.97 24.48
CA GLU B 112 -1.94 -28.54 24.43
C GLU B 112 -2.68 -29.39 23.41
N ALA B 113 -3.99 -29.52 23.59
CA ALA B 113 -4.84 -30.21 22.63
C ALA B 113 -5.45 -29.20 21.66
N PHE B 114 -5.66 -29.65 20.42
CA PHE B 114 -6.18 -28.79 19.37
C PHE B 114 -7.03 -29.61 18.42
N THR B 115 -7.99 -28.94 17.78
CA THR B 115 -8.62 -29.43 16.56
C THR B 115 -7.97 -28.71 15.38
N PHE B 116 -7.20 -29.44 14.59
CA PHE B 116 -6.47 -28.85 13.47
C PHE B 116 -7.21 -29.06 12.17
N ALA B 117 -6.95 -28.17 11.22
CA ALA B 117 -7.26 -28.39 9.82
C ALA B 117 -6.04 -28.01 9.01
N ILE B 118 -5.72 -28.84 8.02
CA ILE B 118 -4.58 -28.59 7.16
C ILE B 118 -5.06 -28.62 5.72
N ARG B 119 -4.72 -27.59 4.96
CA ARG B 119 -5.16 -27.44 3.58
C ARG B 119 -3.94 -27.41 2.67
N PHE B 120 -4.09 -27.98 1.49
CA PHE B 120 -3.00 -28.15 0.55
C PHE B 120 -3.35 -27.50 -0.78
N GLY B 121 -2.38 -27.47 -1.68
CA GLY B 121 -2.55 -26.77 -2.95
C GLY B 121 -3.51 -27.46 -3.90
N SER B 122 -3.77 -28.75 -3.69
CA SER B 122 -4.55 -29.52 -4.63
C SER B 122 -5.20 -30.69 -3.90
N LYS B 123 -6.32 -31.18 -4.45
CA LYS B 123 -6.96 -32.35 -3.88
C LYS B 123 -6.00 -33.53 -3.82
N GLU B 124 -5.11 -33.65 -4.80
CA GLU B 124 -4.24 -34.83 -4.83
C GLU B 124 -3.08 -34.70 -3.85
N ASN B 125 -2.62 -33.48 -3.57
CA ASN B 125 -1.71 -33.29 -2.44
C ASN B 125 -2.39 -33.68 -1.15
N ALA B 126 -3.66 -33.31 -0.99
CA ALA B 126 -4.40 -33.67 0.21
C ALA B 126 -4.55 -35.18 0.32
N ASP B 127 -4.93 -35.85 -0.77
CA ASP B 127 -5.07 -37.30 -0.75
C ASP B 127 -3.74 -37.98 -0.46
N LYS B 128 -2.65 -37.43 -0.98
CA LYS B 128 -1.35 -38.05 -0.75
C LYS B 128 -0.92 -37.88 0.71
N PHE B 129 -1.04 -36.66 1.23
CA PHE B 129 -0.84 -36.43 2.66
C PHE B 129 -1.58 -37.48 3.48
N LYS B 130 -2.84 -37.74 3.12
CA LYS B 130 -3.63 -38.74 3.82
C LYS B 130 -2.99 -40.12 3.71
N GLU B 131 -2.55 -40.49 2.51
CA GLU B 131 -1.84 -41.76 2.32
C GLU B 131 -0.62 -41.83 3.25
N GLU B 132 0.26 -40.83 3.15
CA GLU B 132 1.46 -40.81 3.98
C GLU B 132 1.12 -40.76 5.47
N PHE B 133 0.11 -39.98 5.82
CA PHE B 133 -0.31 -39.88 7.22
C PHE B 133 -0.66 -41.25 7.79
N GLU B 134 -1.33 -42.10 7.00
CA GLU B 134 -1.76 -43.39 7.50
C GLU B 134 -0.63 -44.41 7.47
N LYS B 135 0.24 -44.35 6.46
CA LYS B 135 1.46 -45.14 6.52
C LYS B 135 2.24 -44.83 7.79
N ALA B 136 2.33 -43.55 8.15
CA ALA B 136 3.08 -43.16 9.33
C ALA B 136 2.43 -43.64 10.61
N GLN B 137 1.09 -43.69 10.66
CA GLN B 137 0.42 -44.26 11.80
C GLN B 137 0.82 -45.72 11.99
N GLU B 138 0.84 -46.49 10.90
CA GLU B 138 1.26 -47.89 10.98
C GLU B 138 2.65 -48.00 11.62
N ILE B 139 3.58 -47.15 11.20
CA ILE B 139 4.93 -47.19 11.75
C ILE B 139 4.89 -46.91 13.25
N ASN B 140 4.08 -45.94 13.67
CA ASN B 140 4.00 -45.60 15.08
C ASN B 140 3.28 -46.67 15.89
N LYS B 141 2.41 -47.47 15.26
CA LYS B 141 1.80 -48.59 15.97
C LYS B 141 2.86 -49.52 16.56
N LYS B 142 4.04 -49.56 15.96
CA LYS B 142 5.16 -50.33 16.48
C LYS B 142 6.10 -49.43 17.27
N GLY C 2 -9.10 -1.87 41.69
CA GLY C 2 -8.10 -2.01 42.78
C GLY C 2 -7.73 -0.69 43.44
N SER C 3 -6.54 -0.66 44.04
CA SER C 3 -6.07 0.55 44.73
C SER C 3 -5.68 1.63 43.73
N MET C 4 -5.03 1.25 42.63
CA MET C 4 -4.50 2.24 41.69
C MET C 4 -5.55 3.25 41.23
N GLU C 5 -6.84 2.91 41.32
CA GLU C 5 -7.88 3.81 40.82
C GLU C 5 -8.11 5.03 41.70
N GLY C 6 -7.31 5.22 42.76
CA GLY C 6 -7.54 6.35 43.65
C GLY C 6 -7.29 7.70 43.01
N ILE C 7 -6.36 7.77 42.05
CA ILE C 7 -6.08 9.04 41.40
C ILE C 7 -7.26 9.53 40.60
N LEU C 8 -8.22 8.64 40.28
CA LEU C 8 -9.41 9.03 39.54
C LEU C 8 -10.45 9.73 40.40
N ASP C 9 -10.28 9.74 41.73
CA ASP C 9 -11.23 10.38 42.63
C ASP C 9 -10.73 11.79 42.92
N PHE C 10 -11.35 12.77 42.27
CA PHE C 10 -10.91 14.17 42.34
C PHE C 10 -11.46 14.92 43.54
N SER C 11 -12.42 14.35 44.28
CA SER C 11 -12.89 14.98 45.51
C SER C 11 -11.82 14.96 46.58
N ASN C 12 -10.89 14.03 46.51
CA ASN C 12 -9.73 14.00 47.38
C ASN C 12 -8.58 14.77 46.73
N ASP C 13 -7.55 15.03 47.53
CA ASP C 13 -6.31 15.55 46.97
C ASP C 13 -5.61 14.45 46.16
N LEU C 14 -4.94 14.86 45.10
CA LEU C 14 -4.21 13.91 44.28
C LEU C 14 -2.99 13.40 45.04
N ASP C 15 -2.96 12.10 45.32
CA ASP C 15 -1.79 11.47 45.93
C ASP C 15 -0.73 11.32 44.84
N ILE C 16 0.30 12.17 44.88
CA ILE C 16 1.30 12.18 43.83
C ILE C 16 2.08 10.87 43.80
N ALA C 17 2.35 10.30 44.98
CA ALA C 17 3.05 9.02 45.02
C ALA C 17 2.20 7.91 44.44
N LEU C 18 0.87 8.02 44.56
CA LEU C 18 0.00 7.06 43.88
C LEU C 18 0.08 7.23 42.36
N LEU C 19 0.11 8.49 41.89
CA LEU C 19 0.27 8.73 40.46
C LEU C 19 1.54 8.06 39.94
N ASP C 20 2.66 8.26 40.65
CA ASP C 20 3.93 7.70 40.20
C ASP C 20 3.89 6.18 40.19
N GLN C 21 3.15 5.56 41.11
CA GLN C 21 3.04 4.10 41.07
C GLN C 21 2.28 3.64 39.83
N VAL C 22 1.17 4.30 39.52
CA VAL C 22 0.41 3.95 38.33
C VAL C 22 1.26 4.12 37.08
N VAL C 23 2.04 5.20 37.03
CA VAL C 23 2.85 5.49 35.86
C VAL C 23 3.96 4.46 35.71
N SER C 24 4.65 4.16 36.82
CA SER C 24 5.69 3.12 36.79
C SER C 24 5.14 1.79 36.32
N THR C 25 4.00 1.37 36.89
CA THR C 25 3.41 0.09 36.50
C THR C 25 3.10 0.05 35.01
N PHE C 26 2.66 1.16 34.44
CA PHE C 26 2.40 1.19 33.00
C PHE C 26 3.68 1.09 32.20
N TYR C 27 4.65 1.96 32.48
CA TYR C 27 5.82 2.09 31.63
C TYR C 27 6.82 0.96 31.85
N GLN C 28 7.07 0.59 33.10
CA GLN C 28 8.09 -0.39 33.44
C GLN C 28 7.52 -1.75 33.81
N GLY C 29 6.19 -1.88 33.95
CA GLY C 29 5.57 -3.13 34.32
C GLY C 29 5.19 -3.95 33.11
N SER C 30 4.37 -4.98 33.35
CA SER C 30 4.06 -5.96 32.32
C SER C 30 2.64 -6.50 32.49
N GLY C 31 2.15 -7.13 31.43
CA GLY C 31 0.91 -7.89 31.44
C GLY C 31 -0.28 -7.17 32.06
N VAL C 32 -0.93 -7.87 32.99
CA VAL C 32 -2.22 -7.44 33.50
C VAL C 32 -2.09 -6.15 34.31
N GLN C 33 -1.10 -6.10 35.21
CA GLN C 33 -0.81 -4.86 35.93
C GLN C 33 -0.68 -3.69 34.96
N GLN C 34 0.19 -3.84 33.97
CA GLN C 34 0.43 -2.78 33.00
C GLN C 34 -0.87 -2.33 32.35
N LYS C 35 -1.70 -3.29 31.91
CA LYS C 35 -2.92 -2.94 31.20
C LYS C 35 -3.89 -2.17 32.09
N GLN C 36 -4.00 -2.55 33.36
CA GLN C 36 -4.88 -1.83 34.27
C GLN C 36 -4.41 -0.39 34.45
N ALA C 37 -3.11 -0.22 34.73
CA ALA C 37 -2.55 1.12 34.84
C ALA C 37 -2.87 1.96 33.61
N GLN C 38 -2.72 1.37 32.42
CA GLN C 38 -2.97 2.10 31.19
C GLN C 38 -4.39 2.66 31.15
N GLU C 39 -5.37 1.80 31.46
CA GLU C 39 -6.76 2.25 31.43
C GLU C 39 -7.01 3.33 32.47
N ILE C 40 -6.34 3.24 33.62
CA ILE C 40 -6.46 4.29 34.64
C ILE C 40 -5.85 5.59 34.13
N LEU C 41 -4.60 5.53 33.63
CA LEU C 41 -3.94 6.74 33.18
C LEU C 41 -4.75 7.44 32.11
N THR C 42 -5.30 6.68 31.16
CA THR C 42 -6.10 7.29 30.11
C THR C 42 -7.32 8.01 30.70
N LYS C 43 -8.03 7.34 31.62
CA LYS C 43 -9.16 7.99 32.27
C LYS C 43 -8.71 9.25 33.02
N PHE C 44 -7.53 9.20 33.64
CA PHE C 44 -7.03 10.35 34.38
C PHE C 44 -6.80 11.56 33.46
N GLN C 45 -5.99 11.37 32.41
CA GLN C 45 -5.66 12.51 31.56
C GLN C 45 -6.84 12.98 30.73
N ASP C 46 -7.87 12.15 30.57
CA ASP C 46 -9.06 12.55 29.84
C ASP C 46 -10.11 13.21 30.72
N ASN C 47 -9.87 13.29 32.02
CA ASN C 47 -10.75 14.05 32.88
C ASN C 47 -10.65 15.52 32.50
N PRO C 48 -11.77 16.21 32.21
CA PRO C 48 -11.67 17.61 31.79
C PRO C 48 -11.15 18.54 32.89
N ASP C 49 -11.00 18.05 34.12
CA ASP C 49 -10.45 18.85 35.21
C ASP C 49 -9.01 18.48 35.54
N ALA C 50 -8.43 17.49 34.86
CA ALA C 50 -7.10 17.03 35.21
C ALA C 50 -6.05 18.11 35.05
N TRP C 51 -6.28 19.08 34.16
CA TRP C 51 -5.29 20.15 33.96
C TRP C 51 -5.11 20.97 35.21
N GLN C 52 -6.15 21.08 36.05
CA GLN C 52 -6.04 21.82 37.29
C GLN C 52 -5.02 21.21 38.24
N LYS C 53 -4.70 19.93 38.07
CA LYS C 53 -3.77 19.25 38.94
C LYS C 53 -2.40 19.08 38.29
N ALA C 54 -2.19 19.69 37.13
CA ALA C 54 -0.91 19.58 36.44
C ALA C 54 0.18 20.38 37.15
N ASP C 55 -0.15 21.54 37.70
CA ASP C 55 0.86 22.32 38.39
C ASP C 55 1.35 21.60 39.64
N GLN C 56 0.50 20.80 40.29
CA GLN C 56 0.96 19.95 41.38
C GLN C 56 1.96 18.91 40.88
N ILE C 57 1.57 18.15 39.85
CA ILE C 57 2.42 17.09 39.33
C ILE C 57 3.79 17.65 38.97
N LEU C 58 3.81 18.77 38.25
CA LEU C 58 5.08 19.32 37.78
C LEU C 58 5.94 19.82 38.92
N GLN C 59 5.34 20.24 40.03
CA GLN C 59 6.12 20.71 41.17
C GLN C 59 6.63 19.56 42.02
N PHE C 60 5.78 18.58 42.29
CA PHE C 60 6.00 17.64 43.38
C PHE C 60 6.21 16.20 42.95
N SER C 61 6.01 15.87 41.67
CA SER C 61 6.35 14.54 41.20
C SER C 61 7.87 14.41 41.07
N THR C 62 8.37 13.22 41.36
CA THR C 62 9.77 12.87 41.08
C THR C 62 9.89 11.94 39.89
N ASN C 63 8.83 11.79 39.09
CA ASN C 63 8.81 10.86 37.98
C ASN C 63 8.67 11.65 36.69
N PRO C 64 9.66 11.62 35.78
CA PRO C 64 9.55 12.42 34.55
C PRO C 64 8.43 11.97 33.64
N GLN C 65 8.05 10.68 33.64
CA GLN C 65 6.90 10.25 32.86
C GLN C 65 5.62 10.90 33.37
N SER C 66 5.48 11.01 34.69
CA SER C 66 4.31 11.68 35.27
C SER C 66 4.21 13.12 34.79
N LYS C 67 5.33 13.83 34.79
CA LYS C 67 5.32 15.22 34.33
C LYS C 67 5.03 15.29 32.84
N PHE C 68 5.56 14.35 32.06
CA PHE C 68 5.25 14.30 30.64
C PHE C 68 3.74 14.21 30.43
N ILE C 69 3.09 13.27 31.13
CA ILE C 69 1.64 13.12 31.02
C ILE C 69 0.94 14.39 31.48
N ALA C 70 1.44 15.02 32.54
CA ALA C 70 0.87 16.28 32.98
C ALA C 70 0.91 17.32 31.86
N LEU C 71 2.03 17.38 31.14
CA LEU C 71 2.14 18.35 30.04
C LEU C 71 1.22 17.98 28.89
N SER C 72 1.02 16.69 28.61
CA SER C 72 0.06 16.30 27.60
C SER C 72 -1.33 16.81 27.97
N ILE C 73 -1.73 16.64 29.23
CA ILE C 73 -3.00 17.17 29.71
C ILE C 73 -3.08 18.67 29.46
N LEU C 74 -2.02 19.40 29.82
CA LEU C 74 -1.99 20.83 29.55
C LEU C 74 -2.09 21.12 28.06
N ASP C 75 -1.39 20.32 27.25
CA ASP C 75 -1.43 20.52 25.80
C ASP C 75 -2.87 20.47 25.28
N LYS C 76 -3.63 19.45 25.71
CA LYS C 76 -5.03 19.35 25.30
C LYS C 76 -5.78 20.65 25.63
N LEU C 77 -5.57 21.17 26.83
CA LEU C 77 -6.28 22.38 27.27
C LEU C 77 -5.86 23.59 26.43
N ILE C 78 -4.56 23.83 26.29
CA ILE C 78 -4.08 24.97 25.52
C ILE C 78 -4.62 24.91 24.10
N THR C 79 -4.66 23.70 23.54
CA THR C 79 -4.97 23.52 22.13
C THR C 79 -6.46 23.67 21.84
N ARG C 80 -7.33 23.31 22.79
CA ARG C 80 -8.76 23.24 22.52
C ARG C 80 -9.60 24.21 23.33
N LYS C 81 -9.17 24.60 24.53
CA LYS C 81 -10.02 25.38 25.42
C LYS C 81 -9.33 26.61 26.01
N TRP C 82 -8.16 26.98 25.49
CA TRP C 82 -7.40 28.10 26.04
C TRP C 82 -8.25 29.35 26.20
N LYS C 83 -8.99 29.72 25.16
CA LYS C 83 -9.69 31.00 25.15
C LYS C 83 -10.92 31.02 26.04
N LEU C 84 -11.35 29.89 26.57
CA LEU C 84 -12.45 29.83 27.50
C LEU C 84 -12.02 30.09 28.94
N LEU C 85 -10.73 29.95 29.22
CA LEU C 85 -10.24 30.09 30.59
C LEU C 85 -10.43 31.53 31.08
N PRO C 86 -10.60 31.72 32.38
CA PRO C 86 -10.42 33.07 32.93
C PRO C 86 -9.01 33.52 32.64
N ASN C 87 -8.85 34.81 32.33
CA ASN C 87 -7.56 35.29 31.88
C ASN C 87 -6.45 35.03 32.92
N ASP C 88 -6.81 34.98 34.20
CA ASP C 88 -5.79 34.74 35.22
C ASP C 88 -5.17 33.35 35.08
N HIS C 89 -5.97 32.35 34.72
CA HIS C 89 -5.42 31.02 34.52
C HIS C 89 -4.48 30.98 33.32
N ARG C 90 -4.81 31.72 32.25
CA ARG C 90 -3.92 31.78 31.10
C ARG C 90 -2.55 32.31 31.49
N ILE C 91 -2.51 33.45 32.20
CA ILE C 91 -1.23 33.99 32.64
C ILE C 91 -0.55 33.04 33.60
N GLY C 92 -1.32 32.42 34.50
CA GLY C 92 -0.73 31.50 35.46
C GLY C 92 -0.08 30.30 34.79
N ILE C 93 -0.74 29.74 33.78
CA ILE C 93 -0.18 28.58 33.09
C ILE C 93 1.08 28.98 32.34
N ARG C 94 1.05 30.10 31.62
CA ARG C 94 2.26 30.61 30.98
C ARG C 94 3.40 30.68 31.98
N ASN C 95 3.19 31.43 33.08
CA ASN C 95 4.25 31.63 34.06
C ASN C 95 4.77 30.31 34.59
N PHE C 96 3.87 29.35 34.87
CA PHE C 96 4.31 28.06 35.37
C PHE C 96 5.23 27.37 34.38
N VAL C 97 4.89 27.42 33.10
CA VAL C 97 5.66 26.67 32.10
C VAL C 97 6.99 27.36 31.83
N VAL C 98 7.01 28.68 31.73
CA VAL C 98 8.27 29.40 31.61
C VAL C 98 9.19 29.07 32.77
N GLY C 99 8.70 29.25 33.99
CA GLY C 99 9.53 29.01 35.16
C GLY C 99 10.09 27.60 35.19
N MET C 100 9.26 26.62 34.84
CA MET C 100 9.69 25.22 34.88
C MET C 100 10.81 24.97 33.89
N ILE C 101 10.77 25.63 32.73
CA ILE C 101 11.82 25.43 31.73
C ILE C 101 13.12 26.08 32.20
N ILE C 102 13.04 27.32 32.69
CA ILE C 102 14.23 27.99 33.22
C ILE C 102 14.90 27.12 34.27
N SER C 103 14.12 26.63 35.23
CA SER C 103 14.72 25.88 36.33
C SER C 103 15.37 24.59 35.83
N MET C 104 14.72 23.90 34.89
CA MET C 104 15.32 22.68 34.35
C MET C 104 16.61 22.97 33.60
N CYS C 105 16.69 24.12 32.92
N CYS C 105 16.72 24.13 32.94
CA CYS C 105 17.91 24.51 32.22
CA CYS C 105 17.94 24.43 32.21
C CYS C 105 19.05 24.78 33.20
C CYS C 105 19.05 24.98 33.11
N GLN C 106 18.74 25.39 34.34
CA GLN C 106 19.78 25.85 35.26
C GLN C 106 20.44 24.70 36.01
N ASP C 107 19.73 23.59 36.19
CA ASP C 107 20.29 22.41 36.85
C ASP C 107 20.95 21.54 35.79
N ASP C 108 22.28 21.59 35.72
CA ASP C 108 23.01 20.86 34.68
C ASP C 108 22.69 19.38 34.70
N GLU C 109 22.44 18.81 35.89
CA GLU C 109 22.10 17.40 35.99
C GLU C 109 20.75 17.12 35.33
N VAL C 110 19.74 17.92 35.68
CA VAL C 110 18.44 17.79 35.04
C VAL C 110 18.54 18.03 33.54
N PHE C 111 19.30 19.05 33.13
CA PHE C 111 19.36 19.40 31.72
C PHE C 111 19.89 18.24 30.89
N LYS C 112 20.85 17.48 31.41
CA LYS C 112 21.42 16.40 30.62
C LYS C 112 20.60 15.12 30.72
N THR C 113 19.90 14.90 31.83
CA THR C 113 19.26 13.60 32.09
C THR C 113 17.79 13.55 31.69
N GLN C 114 17.13 14.69 31.47
CA GLN C 114 15.70 14.70 31.18
C GLN C 114 15.40 15.44 29.89
N LYS C 115 16.11 15.08 28.82
CA LYS C 115 15.87 15.73 27.53
C LYS C 115 14.43 15.55 27.09
N ASN C 116 13.86 14.36 27.29
CA ASN C 116 12.49 14.10 26.85
C ASN C 116 11.50 15.03 27.55
N LEU C 117 11.66 15.22 28.86
CA LEU C 117 10.73 16.09 29.58
C LEU C 117 10.90 17.56 29.17
N ILE C 118 12.15 17.99 28.93
CA ILE C 118 12.38 19.37 28.51
C ILE C 118 11.83 19.60 27.11
N ASN C 119 12.03 18.64 26.21
CA ASN C 119 11.51 18.80 24.86
C ASN C 119 9.99 18.90 24.88
N LYS C 120 9.33 18.11 25.74
CA LYS C 120 7.88 18.21 25.88
C LYS C 120 7.47 19.56 26.44
N SER C 121 8.23 20.09 27.40
CA SER C 121 7.92 21.39 27.97
C SER C 121 8.10 22.49 26.93
N ASP C 122 9.16 22.39 26.12
CA ASP C 122 9.35 23.35 25.04
C ASP C 122 8.18 23.33 24.07
N LEU C 123 7.69 22.14 23.72
CA LEU C 123 6.56 22.06 22.82
C LEU C 123 5.31 22.67 23.45
N THR C 124 5.09 22.42 24.75
CA THR C 124 3.95 23.03 25.43
C THR C 124 4.06 24.55 25.41
N LEU C 125 5.25 25.07 25.66
CA LEU C 125 5.49 26.51 25.52
C LEU C 125 5.10 27.00 24.13
N VAL C 126 5.46 26.23 23.09
CA VAL C 126 5.17 26.66 21.73
C VAL C 126 3.67 26.69 21.48
N GLN C 127 2.92 25.77 22.09
CA GLN C 127 1.47 25.82 21.96
C GLN C 127 0.93 27.13 22.52
N ILE C 128 1.49 27.58 23.64
CA ILE C 128 1.08 28.85 24.25
C ILE C 128 1.43 30.01 23.33
N LEU C 129 2.64 29.98 22.75
CA LEU C 129 3.02 31.02 21.80
C LEU C 129 2.02 31.11 20.65
N LYS C 130 1.56 29.96 20.15
CA LYS C 130 0.63 29.98 19.03
C LYS C 130 -0.68 30.65 19.41
N GLN C 131 -1.03 30.66 20.69
CA GLN C 131 -2.22 31.33 21.18
C GLN C 131 -1.97 32.79 21.51
N GLU C 132 -0.80 33.11 22.06
CA GLU C 132 -0.57 34.38 22.72
C GLU C 132 0.38 35.32 21.99
N TRP C 133 1.20 34.80 21.10
CA TRP C 133 2.33 35.57 20.59
C TRP C 133 2.11 35.97 19.14
N PRO C 134 2.50 37.18 18.74
CA PRO C 134 3.12 38.26 19.54
C PRO C 134 2.14 39.23 20.21
N GLN C 135 0.87 39.19 19.81
CA GLN C 135 -0.06 40.24 20.23
C GLN C 135 -0.12 40.38 21.76
N ASN C 136 -0.11 39.26 22.48
CA ASN C 136 -0.12 39.27 23.95
C ASN C 136 1.24 38.97 24.56
N TRP C 137 2.31 39.02 23.77
CA TRP C 137 3.61 38.63 24.29
C TRP C 137 4.70 39.25 23.43
N PRO C 138 4.62 40.55 23.17
CA PRO C 138 5.52 41.15 22.17
C PRO C 138 6.99 41.02 22.50
N GLU C 139 7.33 40.76 23.75
CA GLU C 139 8.73 40.75 24.18
C GLU C 139 9.36 39.37 24.13
N PHE C 140 8.61 38.35 23.72
CA PHE C 140 9.11 36.98 23.83
C PHE C 140 10.47 36.83 23.18
N ILE C 141 10.61 37.29 21.94
CA ILE C 141 11.82 37.07 21.17
C ILE C 141 12.98 37.90 21.74
N PRO C 142 12.81 39.20 21.94
CA PRO C 142 13.90 39.96 22.58
C PRO C 142 14.37 39.37 23.91
N GLU C 143 13.44 38.92 24.76
CA GLU C 143 13.85 38.35 26.03
C GLU C 143 14.49 36.97 25.86
N LEU C 144 14.05 36.22 24.86
CA LEU C 144 14.74 34.97 24.52
C LEU C 144 16.18 35.23 24.13
N ILE C 145 16.40 36.21 23.24
CA ILE C 145 17.77 36.51 22.81
C ILE C 145 18.61 36.97 23.99
N GLY C 146 18.01 37.74 24.90
CA GLY C 146 18.76 38.22 26.05
C GLY C 146 19.14 37.11 27.00
N SER C 147 18.18 36.23 27.30
CA SER C 147 18.46 35.12 28.22
C SER C 147 19.48 34.15 27.64
N SER C 148 19.60 34.08 26.32
CA SER C 148 20.53 33.15 25.71
C SER C 148 21.97 33.45 26.07
N SER C 149 22.30 34.73 26.31
CA SER C 149 23.69 35.11 26.53
C SER C 149 24.20 34.74 27.92
N SER C 150 23.31 34.48 28.87
CA SER C 150 23.68 34.27 30.25
C SER C 150 23.80 32.80 30.64
N SER C 151 23.71 31.89 29.68
CA SER C 151 23.72 30.46 29.99
C SER C 151 23.74 29.61 28.73
N VAL C 152 24.71 28.71 28.62
CA VAL C 152 24.79 27.84 27.45
C VAL C 152 23.57 26.93 27.39
N ASN C 153 23.13 26.41 28.54
CA ASN C 153 21.99 25.50 28.55
C ASN C 153 20.72 26.20 28.08
N VAL C 154 20.45 27.38 28.63
CA VAL C 154 19.27 28.14 28.20
C VAL C 154 19.35 28.45 26.72
N CYS C 155 20.53 28.87 26.26
CA CYS C 155 20.70 29.20 24.85
C CYS C 155 20.42 27.98 23.97
N GLU C 156 20.99 26.84 24.34
CA GLU C 156 20.72 25.61 23.59
C GLU C 156 19.22 25.30 23.61
N ASN C 157 18.58 25.43 24.77
CA ASN C 157 17.16 25.10 24.83
C ASN C 157 16.33 26.08 24.02
N ASN C 158 16.76 27.34 23.96
CA ASN C 158 16.05 28.31 23.13
C ASN C 158 16.12 27.95 21.65
N MET C 159 17.20 27.29 21.21
CA MET C 159 17.26 26.81 19.83
C MET C 159 16.23 25.72 19.60
N ILE C 160 15.99 24.86 20.60
CA ILE C 160 14.95 23.85 20.47
C ILE C 160 13.57 24.51 20.39
N VAL C 161 13.32 25.49 21.24
CA VAL C 161 12.05 26.20 21.20
C VAL C 161 11.83 26.85 19.84
N LEU C 162 12.86 27.51 19.32
CA LEU C 162 12.72 28.19 18.04
C LEU C 162 12.54 27.19 16.91
N LYS C 163 13.24 26.06 16.97
CA LYS C 163 13.05 25.01 15.98
C LYS C 163 11.60 24.55 15.96
N LEU C 164 11.04 24.27 17.14
CA LEU C 164 9.66 23.80 17.23
C LEU C 164 8.68 24.87 16.77
N LEU C 165 8.92 26.13 17.15
CA LEU C 165 8.06 27.21 16.70
C LEU C 165 8.04 27.27 15.19
N SER C 166 9.22 27.22 14.57
CA SER C 166 9.29 27.26 13.11
C SER C 166 8.55 26.08 12.49
N GLU C 167 8.73 24.88 13.05
CA GLU C 167 7.97 23.73 12.56
C GLU C 167 6.48 23.97 12.65
N GLU C 168 6.02 24.46 13.81
CA GLU C 168 4.58 24.60 14.01
C GLU C 168 3.99 25.69 13.13
N VAL C 169 4.77 26.72 12.81
CA VAL C 169 4.26 27.85 12.04
C VAL C 169 4.36 27.60 10.54
N PHE C 170 5.46 27.03 10.06
CA PHE C 170 5.69 26.92 8.61
C PHE C 170 5.54 25.52 8.06
N ASP C 171 5.84 24.47 8.82
CA ASP C 171 5.82 23.11 8.28
C ASP C 171 4.52 22.36 8.56
N PHE C 172 3.83 22.67 9.66
CA PHE C 172 2.70 21.85 10.09
C PHE C 172 1.45 22.68 10.35
N SER C 173 1.40 23.92 9.85
CA SER C 173 0.26 24.80 10.13
C SER C 173 -0.89 24.58 9.16
N ALA C 174 -0.61 24.11 7.94
CA ALA C 174 -1.61 24.11 6.88
C ALA C 174 -2.91 23.45 7.31
N GLU C 175 -2.84 22.29 7.98
CA GLU C 175 -4.04 21.54 8.31
C GLU C 175 -4.46 21.68 9.77
N GLN C 176 -3.73 22.48 10.56
CA GLN C 176 -4.01 22.61 11.99
C GLN C 176 -4.41 24.02 12.42
N MET C 177 -4.36 25.00 11.52
N MET C 177 -4.30 25.01 11.53
CA MET C 177 -4.72 26.36 11.86
CA MET C 177 -4.69 26.38 11.80
C MET C 177 -5.49 26.96 10.69
C MET C 177 -5.59 26.88 10.70
N THR C 178 -6.33 27.96 11.00
CA THR C 178 -7.01 28.66 9.93
C THR C 178 -5.99 29.37 9.05
N GLN C 179 -6.40 29.66 7.81
CA GLN C 179 -5.52 30.39 6.90
C GLN C 179 -5.08 31.71 7.51
N ALA C 180 -6.01 32.44 8.13
CA ALA C 180 -5.69 33.74 8.71
C ALA C 180 -4.68 33.61 9.85
N LYS C 181 -4.84 32.60 10.71
CA LYS C 181 -3.94 32.49 11.84
C LYS C 181 -2.55 32.03 11.40
N ALA C 182 -2.48 31.15 10.40
CA ALA C 182 -1.19 30.74 9.88
C ALA C 182 -0.44 31.93 9.31
N LEU C 183 -1.13 32.74 8.49
CA LEU C 183 -0.48 33.92 7.94
C LEU C 183 -0.02 34.86 9.04
N HIS C 184 -0.85 35.06 10.07
CA HIS C 184 -0.49 35.95 11.17
C HIS C 184 0.81 35.51 11.83
N LEU C 185 0.96 34.20 12.06
CA LEU C 185 2.17 33.71 12.74
C LEU C 185 3.38 33.70 11.82
N LYS C 186 3.19 33.35 10.55
CA LYS C 186 4.28 33.45 9.59
C LYS C 186 4.80 34.87 9.49
N ASN C 187 3.91 35.84 9.35
CA ASN C 187 4.33 37.24 9.31
C ASN C 187 5.04 37.64 10.59
N SER C 188 4.56 37.15 11.74
CA SER C 188 5.18 37.53 13.01
C SER C 188 6.59 36.98 13.12
N MET C 189 6.78 35.71 12.77
CA MET C 189 8.13 35.15 12.77
C MET C 189 9.01 35.87 11.76
N SER C 190 8.48 36.10 10.56
CA SER C 190 9.25 36.80 9.54
C SER C 190 9.64 38.21 10.00
N LYS C 191 8.76 38.87 10.74
CA LYS C 191 9.06 40.22 11.22
C LYS C 191 10.25 40.25 12.15
N GLU C 192 10.44 39.22 12.96
CA GLU C 192 11.48 39.22 13.98
C GLU C 192 12.61 38.24 13.67
N PHE C 193 12.70 37.74 12.45
CA PHE C 193 13.73 36.75 12.17
C PHE C 193 15.11 37.36 12.07
N GLU C 194 15.22 38.65 11.74
CA GLU C 194 16.53 39.28 11.70
C GLU C 194 17.26 39.10 13.02
N GLN C 195 16.58 39.36 14.14
CA GLN C 195 17.20 39.19 15.44
C GLN C 195 17.48 37.72 15.73
N ILE C 196 16.60 36.82 15.30
CA ILE C 196 16.81 35.40 15.53
C ILE C 196 18.05 34.93 14.78
N PHE C 197 18.18 35.35 13.52
CA PHE C 197 19.33 34.91 12.73
C PHE C 197 20.63 35.41 13.35
N LYS C 198 20.64 36.64 13.85
CA LYS C 198 21.86 37.18 14.47
C LYS C 198 22.35 36.27 15.58
N LEU C 199 21.47 35.90 16.51
CA LEU C 199 21.85 34.97 17.56
C LEU C 199 22.35 33.66 16.96
N CYS C 200 21.60 33.12 16.01
CA CYS C 200 21.97 31.85 15.36
CA CYS C 200 21.99 31.85 15.41
C CYS C 200 23.36 31.93 14.75
N PHE C 201 23.65 33.02 14.04
CA PHE C 201 24.93 33.12 13.36
C PHE C 201 26.06 33.37 14.35
N GLN C 202 25.81 34.15 15.40
CA GLN C 202 26.84 34.36 16.42
C GLN C 202 27.22 33.05 17.08
N VAL C 203 26.23 32.25 17.46
CA VAL C 203 26.51 30.95 18.07
C VAL C 203 27.34 30.08 17.14
N LEU C 204 26.99 30.06 15.86
CA LEU C 204 27.73 29.22 14.92
C LEU C 204 29.15 29.73 14.73
N GLU C 205 29.33 31.04 14.66
CA GLU C 205 30.67 31.59 14.44
C GLU C 205 31.56 31.39 15.66
N GLN C 206 31.01 31.59 16.85
CA GLN C 206 31.80 31.69 18.08
C GLN C 206 31.74 30.43 18.92
N GLY C 207 30.56 29.84 19.08
CA GLY C 207 30.35 28.76 20.03
C GLY C 207 31.35 27.63 19.92
N SER C 208 31.52 26.90 21.04
CA SER C 208 32.33 25.70 21.08
C SER C 208 31.59 24.49 21.62
N SER C 209 30.45 24.66 22.27
CA SER C 209 29.66 23.52 22.77
C SER C 209 29.04 22.79 21.59
N SER C 210 29.52 21.57 21.34
CA SER C 210 28.96 20.76 20.27
C SER C 210 27.45 20.66 20.39
N SER C 211 26.94 20.39 21.59
CA SER C 211 25.51 20.20 21.75
C SER C 211 24.75 21.47 21.40
N LEU C 212 25.30 22.64 21.76
CA LEU C 212 24.68 23.90 21.36
C LEU C 212 24.77 24.11 19.86
N ILE C 213 25.92 23.79 19.26
CA ILE C 213 26.07 23.95 17.82
C ILE C 213 25.04 23.10 17.08
N VAL C 214 24.94 21.83 17.47
CA VAL C 214 24.03 20.92 16.80
C VAL C 214 22.60 21.45 16.87
N ALA C 215 22.17 21.90 18.05
CA ALA C 215 20.82 22.42 18.18
C ALA C 215 20.61 23.63 17.29
N THR C 216 21.59 24.51 17.21
CA THR C 216 21.48 25.68 16.36
C THR C 216 21.37 25.28 14.89
N LEU C 217 22.15 24.29 14.47
CA LEU C 217 22.07 23.83 13.09
C LEU C 217 20.75 23.13 12.81
N GLU C 218 20.21 22.42 13.80
CA GLU C 218 18.90 21.79 13.61
C GLU C 218 17.82 22.85 13.41
N SER C 219 17.90 23.97 14.12
CA SER C 219 16.92 25.03 13.90
C SER C 219 17.15 25.70 12.55
N LEU C 220 18.42 25.88 12.17
CA LEU C 220 18.71 26.43 10.85
C LEU C 220 18.05 25.59 9.76
N LEU C 221 18.09 24.26 9.90
CA LEU C 221 17.46 23.41 8.90
C LEU C 221 16.00 23.79 8.70
N ARG C 222 15.28 24.03 9.80
CA ARG C 222 13.89 24.44 9.69
C ARG C 222 13.76 25.80 9.02
N TYR C 223 14.63 26.76 9.40
CA TYR C 223 14.53 28.09 8.83
C TYR C 223 14.67 28.07 7.32
N LEU C 224 15.56 27.20 6.82
CA LEU C 224 15.85 27.17 5.39
C LEU C 224 14.62 26.83 4.57
N HIS C 225 13.58 26.24 5.18
CA HIS C 225 12.35 25.97 4.46
C HIS C 225 11.67 27.24 3.98
N TRP C 226 11.88 28.37 4.68
CA TRP C 226 11.08 29.57 4.39
C TRP C 226 11.83 30.89 4.33
N ILE C 227 13.05 31.00 4.85
CA ILE C 227 13.65 32.33 4.97
C ILE C 227 14.12 32.84 3.61
N PRO C 228 14.22 34.17 3.45
CA PRO C 228 14.76 34.72 2.20
C PRO C 228 16.21 34.31 2.00
N TYR C 229 16.56 34.09 0.73
CA TYR C 229 17.89 33.61 0.40
C TYR C 229 18.99 34.58 0.86
N ARG C 230 18.67 35.84 1.12
N ARG C 230 18.67 35.85 1.12
CA ARG C 230 19.73 36.80 1.45
CA ARG C 230 19.69 36.83 1.47
C ARG C 230 20.41 36.46 2.77
C ARG C 230 20.41 36.43 2.76
N TYR C 231 19.69 35.85 3.71
CA TYR C 231 20.32 35.45 4.96
C TYR C 231 21.36 34.36 4.75
N ILE C 232 21.25 33.61 3.66
CA ILE C 232 22.20 32.54 3.37
C ILE C 232 23.34 33.02 2.50
N TYR C 233 23.06 33.89 1.54
CA TYR C 233 24.06 34.27 0.55
C TYR C 233 24.78 35.58 0.87
N GLU C 234 24.19 36.47 1.66
CA GLU C 234 24.85 37.73 2.02
C GLU C 234 25.58 37.67 3.35
N THR C 235 25.59 36.51 4.00
CA THR C 235 26.38 36.28 5.20
C THR C 235 27.49 35.30 4.85
N ASN C 236 28.37 35.02 5.82
CA ASN C 236 29.42 34.02 5.61
C ASN C 236 28.95 32.62 6.01
N ILE C 237 27.64 32.40 6.13
CA ILE C 237 27.17 31.17 6.75
C ILE C 237 27.45 29.97 5.85
N LEU C 238 27.43 30.15 4.53
CA LEU C 238 27.75 29.03 3.64
C LEU C 238 29.16 28.54 3.87
N GLU C 239 30.10 29.47 4.04
CA GLU C 239 31.48 29.10 4.34
C GLU C 239 31.54 28.21 5.58
N LEU C 240 30.90 28.64 6.67
CA LEU C 240 30.91 27.84 7.89
C LEU C 240 30.30 26.48 7.66
N LEU C 241 29.12 26.44 7.03
CA LEU C 241 28.45 25.17 6.80
C LEU C 241 29.33 24.21 5.99
N SER C 242 29.99 24.71 4.95
CA SER C 242 30.65 23.85 3.99
C SER C 242 32.11 23.56 4.35
N THR C 243 32.63 24.10 5.45
CA THR C 243 33.99 23.78 5.88
C THR C 243 34.01 23.34 7.33
N LYS C 244 33.92 24.31 8.25
CA LYS C 244 34.02 24.04 9.68
C LYS C 244 33.13 22.87 10.09
N PHE C 245 31.85 22.92 9.74
CA PHE C 245 30.87 21.97 10.28
C PHE C 245 30.81 20.66 9.51
N MET C 246 31.49 20.54 8.37
CA MET C 246 31.62 19.24 7.72
C MET C 246 32.78 18.43 8.28
N THR C 247 33.64 19.03 9.10
CA THR C 247 34.83 18.32 9.58
C THR C 247 34.52 17.45 10.80
N SER C 248 33.76 17.98 11.76
CA SER C 248 33.42 17.16 12.92
C SER C 248 32.19 16.31 12.62
N PRO C 249 32.19 15.02 12.91
CA PRO C 249 31.00 14.20 12.61
C PRO C 249 29.80 14.56 13.46
N ASP C 250 30.00 15.22 14.60
CA ASP C 250 28.87 15.68 15.41
C ASP C 250 27.95 16.59 14.62
N THR C 251 28.52 17.52 13.86
CA THR C 251 27.77 18.49 13.08
C THR C 251 27.58 18.07 11.63
N ARG C 252 28.32 17.07 11.17
CA ARG C 252 28.35 16.77 9.74
C ARG C 252 26.98 16.37 9.21
N ALA C 253 26.27 15.52 9.95
CA ALA C 253 24.99 15.03 9.47
C ALA C 253 23.99 16.17 9.29
N ILE C 254 23.84 17.02 10.31
CA ILE C 254 22.86 18.10 10.22
C ILE C 254 23.29 19.12 9.18
N THR C 255 24.59 19.42 9.11
CA THR C 255 25.10 20.39 8.16
C THR C 255 24.81 19.97 6.73
N LEU C 256 25.04 18.70 6.42
CA LEU C 256 24.77 18.20 5.08
C LEU C 256 23.31 18.36 4.72
N LYS C 257 22.41 18.09 5.68
CA LYS C 257 20.98 18.29 5.45
C LYS C 257 20.67 19.77 5.20
N CYS C 258 21.35 20.66 5.93
CA CYS C 258 21.18 22.09 5.69
C CYS C 258 21.61 22.46 4.28
N LEU C 259 22.77 21.95 3.86
CA LEU C 259 23.28 22.28 2.53
C LEU C 259 22.39 21.72 1.44
N THR C 260 21.75 20.57 1.68
CA THR C 260 20.78 20.06 0.72
C THR C 260 19.61 21.01 0.55
N GLU C 261 19.10 21.56 1.65
CA GLU C 261 18.02 22.53 1.55
C GLU C 261 18.51 23.83 0.93
N VAL C 262 19.72 24.27 1.27
CA VAL C 262 20.30 25.43 0.60
C VAL C 262 20.25 25.23 -0.90
N SER C 263 20.58 24.03 -1.36
CA SER C 263 20.55 23.72 -2.78
C SER C 263 19.13 23.85 -3.34
N ASN C 264 18.14 24.11 -2.49
CA ASN C 264 16.75 24.30 -2.94
C ASN C 264 16.21 25.71 -2.68
N LEU C 265 17.04 26.65 -2.21
CA LEU C 265 16.54 27.99 -1.97
C LEU C 265 16.13 28.65 -3.29
N LYS C 266 15.24 29.64 -3.17
CA LYS C 266 14.90 30.51 -4.29
C LYS C 266 16.02 31.53 -4.47
N ILE C 267 16.74 31.43 -5.58
CA ILE C 267 17.88 32.31 -5.86
C ILE C 267 17.73 32.93 -7.23
N PRO C 268 18.12 34.20 -7.42
CA PRO C 268 18.14 34.76 -8.77
C PRO C 268 19.20 34.08 -9.62
N GLN C 269 18.82 33.70 -10.83
CA GLN C 269 19.69 32.91 -11.70
C GLN C 269 20.41 33.76 -12.74
N ASP C 270 20.43 35.07 -12.56
CA ASP C 270 21.14 35.99 -13.44
C ASP C 270 22.29 36.69 -12.74
N ASN C 271 22.59 36.31 -11.49
CA ASN C 271 23.62 36.96 -10.69
C ASN C 271 24.88 36.10 -10.70
N ASP C 272 26.01 36.70 -11.11
CA ASP C 272 27.25 35.95 -11.19
C ASP C 272 27.88 35.73 -9.82
N LEU C 273 27.75 36.68 -8.90
CA LEU C 273 28.24 36.48 -7.54
C LEU C 273 27.57 35.29 -6.89
N ILE C 274 26.23 35.24 -6.97
CA ILE C 274 25.49 34.11 -6.40
C ILE C 274 25.98 32.79 -6.99
N LYS C 275 26.13 32.77 -8.32
CA LYS C 275 26.56 31.54 -8.99
C LYS C 275 27.90 31.06 -8.44
N ARG C 276 28.85 31.98 -8.27
CA ARG C 276 30.15 31.58 -7.74
C ARG C 276 30.03 31.10 -6.30
N GLN C 277 29.15 31.72 -5.52
CA GLN C 277 28.91 31.24 -4.16
C GLN C 277 28.31 29.83 -4.17
N THR C 278 27.40 29.57 -5.11
CA THR C 278 26.81 28.24 -5.21
C THR C 278 27.83 27.20 -5.61
N VAL C 279 28.71 27.55 -6.56
CA VAL C 279 29.83 26.69 -6.89
C VAL C 279 30.68 26.45 -5.65
N LEU C 280 30.98 27.52 -4.92
CA LEU C 280 32.00 27.46 -3.89
C LEU C 280 31.61 26.55 -2.74
N PHE C 281 30.35 26.63 -2.27
CA PHE C 281 30.01 25.79 -1.14
C PHE C 281 29.98 24.31 -1.53
N PHE C 282 29.66 24.02 -2.79
CA PHE C 282 29.77 22.65 -3.29
C PHE C 282 31.21 22.18 -3.30
N GLN C 283 32.10 23.03 -3.84
CA GLN C 283 33.53 22.73 -3.88
C GLN C 283 34.08 22.47 -2.48
N ASN C 284 33.71 23.32 -1.52
CA ASN C 284 34.17 23.14 -0.15
C ASN C 284 33.66 21.83 0.44
N THR C 285 32.39 21.52 0.21
CA THR C 285 31.81 20.31 0.79
C THR C 285 32.48 19.06 0.25
N LEU C 286 32.66 19.00 -1.07
CA LEU C 286 33.29 17.84 -1.68
C LEU C 286 34.73 17.69 -1.23
N GLN C 287 35.43 18.81 -1.01
CA GLN C 287 36.78 18.75 -0.49
C GLN C 287 36.80 18.17 0.93
N GLN C 288 35.87 18.60 1.78
CA GLN C 288 35.83 18.07 3.14
C GLN C 288 35.52 16.57 3.15
N ILE C 289 34.65 16.12 2.26
CA ILE C 289 34.34 14.70 2.19
C ILE C 289 35.58 13.92 1.77
N ALA C 290 36.28 14.41 0.75
CA ALA C 290 37.44 13.70 0.22
C ALA C 290 38.56 13.58 1.25
N THR C 291 38.74 14.61 2.09
CA THR C 291 39.85 14.62 3.05
C THR C 291 39.46 14.16 4.44
N SER C 292 38.20 14.32 4.85
CA SER C 292 37.80 13.97 6.21
C SER C 292 36.94 12.73 6.32
N VAL C 293 36.34 12.26 5.23
CA VAL C 293 35.42 11.12 5.33
C VAL C 293 35.94 9.94 4.52
N MET C 294 35.96 10.05 3.20
CA MET C 294 36.53 8.98 2.38
C MET C 294 36.87 9.52 1.00
N PRO C 295 37.93 9.02 0.38
CA PRO C 295 38.24 9.43 -0.99
C PRO C 295 37.23 8.88 -1.99
N VAL C 296 37.27 9.45 -3.19
N VAL C 296 37.27 9.46 -3.19
CA VAL C 296 36.30 9.10 -4.22
CA VAL C 296 36.28 9.10 -4.21
C VAL C 296 36.46 7.65 -4.65
C VAL C 296 36.50 7.68 -4.74
N THR C 297 37.65 7.08 -4.48
CA THR C 297 37.88 5.68 -4.84
C THR C 297 37.28 4.70 -3.84
N ALA C 298 36.82 5.17 -2.68
CA ALA C 298 36.43 4.25 -1.61
C ALA C 298 35.24 3.39 -2.03
N ASP C 299 35.19 2.19 -1.45
CA ASP C 299 34.17 1.19 -1.75
C ASP C 299 32.96 1.46 -0.86
N LEU C 300 32.03 2.27 -1.35
CA LEU C 300 30.88 2.66 -0.55
C LEU C 300 29.90 1.50 -0.38
N LYS C 301 29.82 0.61 -1.36
CA LYS C 301 29.05 -0.61 -1.21
C LYS C 301 29.45 -1.35 0.06
N ALA C 302 30.74 -1.62 0.24
CA ALA C 302 31.22 -2.33 1.41
C ALA C 302 30.97 -1.54 2.69
N THR C 303 31.27 -0.23 2.66
CA THR C 303 31.06 0.60 3.85
C THR C 303 29.60 0.55 4.29
N TYR C 304 28.68 0.72 3.33
CA TYR C 304 27.26 0.67 3.66
C TYR C 304 26.88 -0.68 4.26
N ALA C 305 27.37 -1.77 3.66
CA ALA C 305 27.04 -3.11 4.17
C ALA C 305 27.53 -3.30 5.60
N ASN C 306 28.70 -2.74 5.92
CA ASN C 306 29.24 -2.89 7.28
C ASN C 306 28.39 -2.20 8.31
N ALA C 307 27.72 -1.11 7.94
CA ALA C 307 26.73 -0.46 8.80
C ALA C 307 27.32 -0.02 10.14
N ASN C 308 28.56 0.47 10.11
CA ASN C 308 29.15 1.05 11.32
C ASN C 308 28.47 2.37 11.65
N GLY C 309 28.33 2.64 12.95
CA GLY C 309 27.82 3.91 13.43
C GLY C 309 26.69 4.48 12.59
N ASN C 310 26.87 5.70 12.11
CA ASN C 310 25.87 6.38 11.29
C ASN C 310 26.29 6.43 9.83
N ASP C 311 27.11 5.49 9.38
CA ASP C 311 27.60 5.52 8.00
C ASP C 311 26.44 5.42 7.00
N GLN C 312 25.45 4.57 7.29
CA GLN C 312 24.36 4.37 6.33
C GLN C 312 23.55 5.64 6.14
N SER C 313 23.17 6.29 7.24
N SER C 313 23.17 6.29 7.24
CA SER C 313 22.44 7.55 7.11
CA SER C 313 22.45 7.55 7.14
C SER C 313 23.31 8.62 6.43
C SER C 313 23.30 8.61 6.46
N PHE C 314 24.61 8.61 6.70
CA PHE C 314 25.49 9.59 6.08
C PHE C 314 25.53 9.40 4.57
N LEU C 315 25.72 8.17 4.11
CA LEU C 315 25.76 7.91 2.68
C LEU C 315 24.40 8.20 2.03
N GLN C 316 23.31 7.87 2.73
CA GLN C 316 22.00 8.28 2.24
C GLN C 316 21.95 9.79 2.07
N ASP C 317 22.37 10.54 3.10
CA ASP C 317 22.32 11.99 3.05
C ASP C 317 23.27 12.54 1.99
N LEU C 318 24.41 11.90 1.77
CA LEU C 318 25.30 12.38 0.72
C LEU C 318 24.68 12.18 -0.65
N ALA C 319 24.02 11.04 -0.87
CA ALA C 319 23.31 10.83 -2.13
C ALA C 319 22.26 11.92 -2.34
N MET C 320 21.50 12.23 -1.30
CA MET C 320 20.47 13.26 -1.42
C MET C 320 21.09 14.62 -1.72
N PHE C 321 22.20 14.94 -1.05
CA PHE C 321 22.88 16.21 -1.31
C PHE C 321 23.38 16.28 -2.74
N LEU C 322 24.17 15.29 -3.16
CA LEU C 322 24.74 15.31 -4.50
C LEU C 322 23.65 15.38 -5.57
N THR C 323 22.63 14.54 -5.48
CA THR C 323 21.61 14.51 -6.52
C THR C 323 20.80 15.81 -6.53
N THR C 324 20.45 16.33 -5.35
CA THR C 324 19.69 17.57 -5.29
C THR C 324 20.46 18.72 -5.91
N TYR C 325 21.72 18.88 -5.52
CA TYR C 325 22.51 20.00 -6.02
C TYR C 325 22.77 19.86 -7.52
N LEU C 326 23.16 18.66 -7.97
CA LEU C 326 23.53 18.50 -9.37
C LEU C 326 22.32 18.57 -10.29
N ALA C 327 21.16 18.08 -9.85
CA ALA C 327 19.98 18.22 -10.69
C ALA C 327 19.67 19.69 -10.95
N ARG C 328 20.06 20.57 -10.04
CA ARG C 328 19.78 21.99 -10.19
C ARG C 328 20.94 22.78 -10.78
N ASN C 329 22.18 22.45 -10.43
CA ASN C 329 23.29 23.36 -10.63
C ASN C 329 24.43 22.83 -11.48
N ARG C 330 24.34 21.62 -12.03
CA ARG C 330 25.51 21.05 -12.68
C ARG C 330 25.94 21.88 -13.88
N ALA C 331 25.01 22.58 -14.54
CA ALA C 331 25.40 23.48 -15.63
C ALA C 331 26.44 24.50 -15.15
N LEU C 332 26.36 24.91 -13.88
CA LEU C 332 27.35 25.82 -13.33
C LEU C 332 28.76 25.25 -13.40
N LEU C 333 28.89 23.92 -13.37
CA LEU C 333 30.19 23.27 -13.34
C LEU C 333 30.65 22.80 -14.71
N GLU C 334 29.85 22.97 -15.75
CA GLU C 334 30.08 22.28 -17.02
C GLU C 334 30.90 23.06 -18.03
N SER C 335 30.99 24.38 -17.92
CA SER C 335 31.68 25.19 -18.91
C SER C 335 33.08 25.60 -18.49
N ASP C 336 33.32 25.78 -17.20
CA ASP C 336 34.63 26.20 -16.70
C ASP C 336 35.55 24.99 -16.59
N GLU C 337 36.63 24.98 -17.39
CA GLU C 337 37.59 23.88 -17.32
C GLU C 337 38.08 23.65 -15.90
N SER C 338 38.20 24.72 -15.10
CA SER C 338 38.72 24.59 -13.76
C SER C 338 37.73 23.95 -12.80
N LEU C 339 36.46 23.80 -13.20
CA LEU C 339 35.46 23.10 -12.39
C LEU C 339 35.22 21.68 -12.87
N ARG C 340 35.93 21.22 -13.90
CA ARG C 340 35.64 19.92 -14.49
C ARG C 340 35.94 18.79 -13.51
N GLU C 341 37.08 18.86 -12.83
CA GLU C 341 37.43 17.83 -11.85
C GLU C 341 36.37 17.74 -10.76
N LEU C 342 35.91 18.88 -10.27
CA LEU C 342 34.86 18.89 -9.25
C LEU C 342 33.59 18.23 -9.78
N LEU C 343 33.21 18.54 -11.02
CA LEU C 343 32.00 17.97 -11.59
C LEU C 343 32.10 16.46 -11.67
N LEU C 344 33.23 15.94 -12.11
CA LEU C 344 33.36 14.50 -12.31
C LEU C 344 33.57 13.76 -10.99
N ASN C 345 34.31 14.35 -10.06
CA ASN C 345 34.44 13.74 -8.74
C ASN C 345 33.08 13.60 -8.07
N ALA C 346 32.26 14.65 -8.14
CA ALA C 346 30.91 14.55 -7.58
C ALA C 346 30.13 13.40 -8.21
N HIS C 347 30.23 13.26 -9.54
CA HIS C 347 29.51 12.18 -10.19
C HIS C 347 30.15 10.83 -9.91
N GLN C 348 31.47 10.80 -9.69
CA GLN C 348 32.11 9.53 -9.33
C GLN C 348 31.64 9.05 -7.96
N TYR C 349 31.45 9.97 -7.01
CA TYR C 349 30.85 9.58 -5.73
C TYR C 349 29.47 8.98 -5.96
N LEU C 350 28.69 9.57 -6.85
CA LEU C 350 27.37 9.02 -7.15
C LEU C 350 27.46 7.63 -7.77
N ILE C 351 28.42 7.43 -8.69
CA ILE C 351 28.66 6.09 -9.21
C ILE C 351 28.87 5.12 -8.06
N GLN C 352 29.79 5.46 -7.14
CA GLN C 352 30.09 4.57 -6.03
C GLN C 352 28.87 4.36 -5.14
N LEU C 353 28.08 5.41 -4.94
CA LEU C 353 26.85 5.28 -4.16
C LEU C 353 25.84 4.37 -4.85
N SER C 354 25.86 4.32 -6.18
CA SER C 354 24.89 3.54 -6.93
C SER C 354 25.19 2.04 -6.90
N LYS C 355 26.33 1.64 -6.36
CA LYS C 355 26.66 0.24 -6.20
C LYS C 355 26.20 -0.31 -4.85
N ILE C 356 25.76 0.56 -3.95
CA ILE C 356 25.27 0.09 -2.65
C ILE C 356 24.06 -0.82 -2.87
N GLU C 357 24.03 -1.91 -2.10
CA GLU C 357 22.86 -2.81 -2.09
C GLU C 357 21.85 -2.24 -1.10
N GLU C 358 20.94 -1.43 -1.61
CA GLU C 358 19.89 -0.80 -0.84
C GLU C 358 18.85 -0.26 -1.81
N ARG C 359 17.72 -0.95 -1.90
CA ARG C 359 16.77 -0.70 -2.98
C ARG C 359 16.32 0.76 -3.02
N GLU C 360 15.94 1.31 -1.87
CA GLU C 360 15.38 2.65 -1.86
C GLU C 360 16.42 3.69 -2.18
N LEU C 361 17.66 3.48 -1.74
CA LEU C 361 18.73 4.39 -2.10
C LEU C 361 19.06 4.30 -3.59
N PHE C 362 19.08 3.09 -4.14
CA PHE C 362 19.32 2.94 -5.56
C PHE C 362 18.30 3.73 -6.37
N LYS C 363 17.04 3.72 -5.95
CA LYS C 363 16.00 4.46 -6.64
C LYS C 363 16.28 5.96 -6.61
N THR C 364 16.83 6.44 -5.49
CA THR C 364 17.16 7.86 -5.39
C THR C 364 18.25 8.24 -6.38
N THR C 365 19.32 7.45 -6.43
CA THR C 365 20.38 7.72 -7.39
C THR C 365 19.90 7.49 -8.82
N LEU C 366 19.02 6.51 -9.03
CA LEU C 366 18.57 6.21 -10.38
C LEU C 366 17.72 7.36 -10.94
N ASP C 367 16.89 7.96 -10.10
CA ASP C 367 16.12 9.13 -10.53
C ASP C 367 17.05 10.24 -11.01
N TYR C 368 18.17 10.44 -10.31
CA TYR C 368 19.12 11.45 -10.77
C TYR C 368 19.74 11.04 -12.09
N TRP C 369 20.17 9.78 -12.23
CA TRP C 369 20.78 9.35 -13.48
C TRP C 369 19.84 9.59 -14.64
N HIS C 370 18.55 9.30 -14.44
CA HIS C 370 17.54 9.60 -15.46
C HIS C 370 17.57 11.07 -15.82
N ASN C 371 17.60 11.95 -14.82
CA ASN C 371 17.70 13.38 -15.08
C ASN C 371 18.93 13.69 -15.92
N LEU C 372 20.06 13.05 -15.60
CA LEU C 372 21.30 13.35 -16.32
C LEU C 372 21.24 12.85 -17.76
N VAL C 373 20.94 11.58 -17.97
CA VAL C 373 21.10 11.00 -19.30
C VAL C 373 20.03 11.53 -20.26
N ALA C 374 18.84 11.86 -19.76
CA ALA C 374 17.87 12.55 -20.60
C ALA C 374 18.42 13.88 -21.10
N ASP C 375 19.11 14.63 -20.23
CA ASP C 375 19.68 15.91 -20.64
C ASP C 375 20.82 15.71 -21.64
N LEU C 376 21.65 14.68 -21.45
CA LEU C 376 22.71 14.40 -22.40
C LEU C 376 22.17 13.97 -23.75
N PHE C 377 20.97 13.39 -23.77
CA PHE C 377 20.34 12.94 -24.99
C PHE C 377 19.81 14.10 -25.83
N TYR C 378 19.43 15.21 -25.19
CA TYR C 378 18.80 16.34 -25.85
C TYR C 378 19.68 17.57 -25.93
N GLU C 379 20.58 17.78 -24.98
CA GLU C 379 21.24 19.07 -24.82
C GLU C 379 22.54 19.11 -25.61
N PRO C 380 22.72 20.06 -26.54
CA PRO C 380 23.95 20.06 -27.36
C PRO C 380 25.21 20.12 -26.53
N LEU C 381 26.22 19.36 -26.99
CA LEU C 381 27.61 19.51 -26.56
C LEU C 381 27.85 19.12 -25.11
N LYS C 382 26.99 18.29 -24.53
CA LYS C 382 27.14 17.89 -23.13
C LYS C 382 27.62 16.46 -22.94
N LYS C 383 27.25 15.53 -23.82
CA LYS C 383 27.46 14.12 -23.50
C LYS C 383 28.94 13.76 -23.41
N HIS C 384 29.81 14.43 -24.16
CA HIS C 384 31.23 14.06 -24.13
C HIS C 384 31.85 14.30 -22.76
N ILE C 385 31.34 15.28 -22.01
CA ILE C 385 31.86 15.53 -20.67
C ILE C 385 31.74 14.27 -19.81
N TYR C 386 30.67 13.50 -20.00
CA TYR C 386 30.28 12.45 -19.07
C TYR C 386 30.57 11.06 -19.61
N GLU C 387 31.40 10.96 -20.64
CA GLU C 387 31.59 9.67 -21.31
C GLU C 387 32.03 8.58 -20.34
N GLU C 388 33.01 8.88 -19.47
CA GLU C 388 33.51 7.87 -18.56
C GLU C 388 32.52 7.57 -17.44
N ILE C 389 31.76 8.57 -17.00
CA ILE C 389 30.70 8.32 -16.03
C ILE C 389 29.62 7.42 -16.63
N CYS C 390 29.22 7.71 -17.86
CA CYS C 390 28.14 6.95 -18.49
C CYS C 390 28.56 5.50 -18.71
N SER C 391 29.83 5.29 -19.07
CA SER C 391 30.32 3.93 -19.28
C SER C 391 30.23 3.12 -18.00
N GLN C 392 30.65 3.70 -16.87
CA GLN C 392 30.51 3.02 -15.59
C GLN C 392 29.05 2.79 -15.27
N LEU C 393 28.19 3.75 -15.61
CA LEU C 393 26.78 3.62 -15.28
C LEU C 393 26.15 2.45 -16.05
N ARG C 394 26.55 2.27 -17.31
CA ARG C 394 26.06 1.12 -18.08
C ARG C 394 26.28 -0.17 -17.31
N LEU C 395 27.48 -0.34 -16.77
CA LEU C 395 27.78 -1.56 -16.03
C LEU C 395 26.96 -1.65 -14.75
N VAL C 396 26.80 -0.53 -14.05
CA VAL C 396 26.02 -0.52 -12.80
C VAL C 396 24.58 -0.94 -13.06
N ILE C 397 23.97 -0.36 -14.09
N ILE C 397 23.97 -0.36 -14.09
CA ILE C 397 22.56 -0.64 -14.36
CA ILE C 397 22.56 -0.66 -14.34
C ILE C 397 22.39 -2.08 -14.84
C ILE C 397 22.40 -2.10 -14.84
N ILE C 398 23.25 -2.52 -15.78
CA ILE C 398 23.15 -3.86 -16.30
C ILE C 398 23.27 -4.88 -15.19
N GLU C 399 24.18 -4.66 -14.24
CA GLU C 399 24.42 -5.63 -13.17
C GLU C 399 23.37 -5.59 -12.06
N ASN C 400 22.54 -4.55 -11.98
CA ASN C 400 21.48 -4.48 -10.98
C ASN C 400 20.09 -4.51 -11.60
N MET C 401 19.99 -4.91 -12.86
N MET C 401 19.98 -4.98 -12.84
CA MET C 401 18.70 -5.06 -13.50
CA MET C 401 18.68 -5.00 -13.53
C MET C 401 17.82 -5.96 -12.66
C MET C 401 17.74 -6.00 -12.87
N VAL C 402 16.59 -5.52 -12.41
CA VAL C 402 15.62 -6.33 -11.67
C VAL C 402 14.63 -6.98 -12.63
N ARG C 403 13.85 -7.90 -12.10
CA ARG C 403 12.94 -8.69 -12.90
C ARG C 403 11.85 -7.82 -13.52
N PRO C 404 11.63 -7.89 -14.82
CA PRO C 404 10.55 -7.11 -15.43
C PRO C 404 9.18 -7.73 -15.19
N GLU C 405 9.06 -9.02 -15.44
CA GLU C 405 7.76 -9.66 -15.54
C GLU C 405 7.27 -10.18 -14.20
N THR C 427 8.38 -5.55 -8.53
CA THR C 427 9.50 -4.68 -8.89
C THR C 427 9.26 -4.04 -10.24
N ILE C 428 7.97 -3.91 -10.59
CA ILE C 428 7.58 -3.40 -11.91
C ILE C 428 8.15 -2.00 -12.13
N GLN C 429 7.98 -1.12 -11.14
CA GLN C 429 8.36 0.28 -11.33
C GLN C 429 9.87 0.42 -11.52
N LEU C 430 10.65 -0.32 -10.75
CA LEU C 430 12.09 -0.16 -10.80
C LEU C 430 12.64 -0.64 -12.14
N TYR C 431 12.08 -1.72 -12.68
CA TYR C 431 12.54 -2.19 -13.98
C TYR C 431 12.31 -1.13 -15.06
N LYS C 432 11.14 -0.50 -15.05
CA LYS C 432 10.84 0.51 -16.06
C LYS C 432 11.78 1.69 -15.97
N SER C 433 12.11 2.11 -14.74
CA SER C 433 13.07 3.21 -14.58
C SER C 433 14.44 2.80 -15.06
N GLU C 434 14.88 1.59 -14.71
CA GLU C 434 16.18 1.11 -15.18
C GLU C 434 16.20 1.00 -16.69
N ARG C 435 15.14 0.45 -17.29
CA ARG C 435 15.07 0.36 -18.74
C ARG C 435 15.23 1.74 -19.38
N GLU C 436 14.54 2.73 -18.84
CA GLU C 436 14.57 4.06 -19.41
C GLU C 436 15.98 4.63 -19.40
N VAL C 437 16.68 4.53 -18.28
CA VAL C 437 18.04 5.03 -18.21
C VAL C 437 18.92 4.29 -19.20
N LEU C 438 18.81 2.96 -19.23
CA LEU C 438 19.70 2.17 -20.07
C LEU C 438 19.43 2.43 -21.55
N VAL C 439 18.17 2.70 -21.91
CA VAL C 439 17.84 3.04 -23.29
C VAL C 439 18.54 4.34 -23.69
N TYR C 440 18.45 5.36 -22.83
CA TYR C 440 19.21 6.59 -23.06
C TYR C 440 20.70 6.30 -23.20
N LEU C 441 21.26 5.52 -22.27
CA LEU C 441 22.69 5.24 -22.30
C LEU C 441 23.09 4.50 -23.55
N THR C 442 22.18 3.70 -24.11
CA THR C 442 22.47 3.01 -25.35
C THR C 442 22.53 3.98 -26.53
N HIS C 443 21.54 4.88 -26.63
CA HIS C 443 21.59 5.91 -27.67
C HIS C 443 22.87 6.74 -27.56
N LEU C 444 23.31 7.00 -26.33
CA LEU C 444 24.47 7.86 -26.13
C LEU C 444 25.74 7.19 -26.64
N ASN C 445 25.88 5.88 -26.43
CA ASN C 445 27.02 5.16 -27.00
C ASN C 445 26.60 3.70 -27.22
N VAL C 446 26.08 3.43 -28.42
N VAL C 446 26.05 3.45 -28.40
CA VAL C 446 25.57 2.10 -28.71
CA VAL C 446 25.58 2.10 -28.74
C VAL C 446 26.70 1.07 -28.74
C VAL C 446 26.73 1.11 -28.63
N ILE C 447 27.90 1.47 -29.17
CA ILE C 447 29.01 0.53 -29.27
C ILE C 447 29.45 0.08 -27.88
N ASP C 448 29.60 1.02 -26.96
CA ASP C 448 30.02 0.67 -25.60
C ASP C 448 29.00 -0.24 -24.94
N THR C 449 27.71 -0.01 -25.19
CA THR C 449 26.69 -0.85 -24.56
C THR C 449 26.78 -2.28 -25.07
N GLU C 450 26.86 -2.46 -26.38
CA GLU C 450 26.99 -3.80 -26.92
C GLU C 450 28.21 -4.50 -26.34
N GLU C 451 29.35 -3.82 -26.30
CA GLU C 451 30.58 -4.44 -25.83
C GLU C 451 30.44 -4.93 -24.38
N ILE C 452 29.84 -4.12 -23.51
CA ILE C 452 29.67 -4.54 -22.11
C ILE C 452 28.82 -5.80 -22.04
N MET C 453 27.73 -5.83 -22.81
CA MET C 453 26.82 -6.98 -22.74
C MET C 453 27.46 -8.24 -23.28
N ILE C 454 28.18 -8.14 -24.41
CA ILE C 454 28.85 -9.32 -24.96
C ILE C 454 29.89 -9.84 -23.97
N SER C 455 30.78 -8.97 -23.51
CA SER C 455 31.77 -9.37 -22.50
C SER C 455 31.09 -10.03 -21.31
N LYS C 456 30.01 -9.43 -20.83
CA LYS C 456 29.29 -10.01 -19.70
C LYS C 456 28.84 -11.43 -20.02
N LEU C 457 28.36 -11.64 -21.25
CA LEU C 457 27.92 -12.97 -21.65
C LEU C 457 29.08 -13.96 -21.70
N ALA C 458 30.27 -13.48 -22.09
CA ALA C 458 31.44 -14.35 -22.11
C ALA C 458 31.74 -14.90 -20.72
N ARG C 459 31.66 -14.06 -19.69
CA ARG C 459 31.92 -14.50 -18.33
C ARG C 459 30.77 -15.31 -17.75
N GLN C 460 29.63 -15.40 -18.45
CA GLN C 460 28.66 -16.44 -18.14
C GLN C 460 29.10 -17.77 -18.72
N ILE C 461 29.74 -17.73 -19.89
CA ILE C 461 30.17 -18.95 -20.55
C ILE C 461 31.45 -19.49 -19.92
N ASP C 462 32.43 -18.62 -19.68
CA ASP C 462 33.65 -19.08 -19.03
C ASP C 462 33.45 -19.46 -17.57
N GLY C 463 32.24 -19.28 -17.04
CA GLY C 463 31.90 -19.71 -15.69
C GLY C 463 32.32 -18.79 -14.57
N SER C 464 33.02 -17.68 -14.88
CA SER C 464 33.58 -16.87 -13.81
C SER C 464 32.52 -16.04 -13.10
N GLU C 465 31.43 -15.71 -13.79
CA GLU C 465 30.30 -15.01 -13.17
C GLU C 465 29.01 -15.78 -13.38
N TRP C 466 29.10 -17.10 -13.54
CA TRP C 466 27.93 -17.92 -13.81
C TRP C 466 27.10 -18.12 -12.56
N SER C 467 25.82 -17.78 -12.64
CA SER C 467 24.84 -18.17 -11.64
C SER C 467 23.47 -17.97 -12.23
N TRP C 468 22.51 -18.77 -11.74
CA TRP C 468 21.12 -18.59 -12.15
C TRP C 468 20.72 -17.13 -12.10
N HIS C 469 20.97 -16.47 -10.97
CA HIS C 469 20.64 -15.06 -10.86
C HIS C 469 21.34 -14.25 -11.93
N ASN C 470 22.65 -14.45 -12.11
CA ASN C 470 23.43 -13.55 -12.95
C ASN C 470 23.06 -13.68 -14.42
N ILE C 471 22.75 -14.89 -14.90
CA ILE C 471 22.33 -15.02 -16.29
C ILE C 471 20.95 -14.38 -16.49
N ASN C 472 20.09 -14.46 -15.46
CA ASN C 472 18.77 -13.85 -15.57
C ASN C 472 18.87 -12.34 -15.71
N THR C 473 19.61 -11.68 -14.81
CA THR C 473 19.67 -10.23 -14.84
C THR C 473 20.26 -9.73 -16.14
N LEU C 474 21.29 -10.42 -16.64
CA LEU C 474 21.89 -10.03 -17.91
C LEU C 474 20.89 -10.19 -19.05
N SER C 475 20.07 -11.24 -19.00
CA SER C 475 19.07 -11.43 -20.04
C SER C 475 18.04 -10.31 -20.02
N TRP C 476 17.61 -9.89 -18.83
CA TRP C 476 16.68 -8.77 -18.72
C TRP C 476 17.31 -7.50 -19.28
N ALA C 477 18.56 -7.24 -18.94
CA ALA C 477 19.23 -6.05 -19.47
C ALA C 477 19.29 -6.09 -20.99
N ILE C 478 19.66 -7.23 -21.55
CA ILE C 478 19.73 -7.35 -23.01
C ILE C 478 18.35 -7.12 -23.62
N GLY C 479 17.31 -7.69 -23.01
CA GLY C 479 15.97 -7.50 -23.52
C GLY C 479 15.51 -6.05 -23.41
N SER C 480 16.02 -5.32 -22.42
CA SER C 480 15.47 -4.01 -22.09
C SER C 480 15.81 -2.95 -23.14
N ILE C 481 16.89 -3.11 -23.90
CA ILE C 481 17.33 -2.09 -24.83
C ILE C 481 16.79 -2.33 -26.25
N SER C 482 15.92 -3.32 -26.43
N SER C 482 15.92 -3.32 -26.43
CA SER C 482 15.32 -3.55 -27.74
CA SER C 482 15.39 -3.58 -27.76
C SER C 482 14.78 -2.25 -28.30
C SER C 482 14.73 -2.32 -28.32
N GLY C 483 15.02 -2.02 -29.59
CA GLY C 483 14.55 -0.83 -30.25
C GLY C 483 15.53 0.32 -30.28
N THR C 484 16.66 0.22 -29.59
CA THR C 484 17.63 1.30 -29.55
C THR C 484 18.69 1.20 -30.63
N MET C 485 18.99 0.00 -31.10
CA MET C 485 19.99 -0.20 -32.13
C MET C 485 19.36 -0.09 -33.51
N SER C 486 20.19 0.19 -34.50
CA SER C 486 19.76 0.04 -35.88
C SER C 486 19.38 -1.42 -36.13
N GLU C 487 18.58 -1.63 -37.16
CA GLU C 487 18.10 -2.99 -37.44
C GLU C 487 19.25 -3.91 -37.83
N ASP C 488 20.20 -3.41 -38.63
CA ASP C 488 21.37 -4.20 -38.98
C ASP C 488 22.19 -4.55 -37.74
N THR C 489 22.48 -3.55 -36.89
CA THR C 489 23.27 -3.83 -35.70
C THR C 489 22.50 -4.71 -34.73
N GLU C 490 21.21 -4.45 -34.55
CA GLU C 490 20.37 -5.34 -33.76
C GLU C 490 20.46 -6.77 -34.26
N LYS C 491 20.46 -6.95 -35.59
CA LYS C 491 20.42 -8.28 -36.15
C LYS C 491 21.63 -9.11 -35.73
N ARG C 492 22.84 -8.56 -35.90
CA ARG C 492 24.03 -9.34 -35.54
C ARG C 492 24.27 -9.33 -34.04
N PHE C 493 23.69 -8.38 -33.31
CA PHE C 493 23.73 -8.44 -31.85
C PHE C 493 22.85 -9.57 -31.34
N VAL C 494 21.63 -9.67 -31.87
CA VAL C 494 20.72 -10.73 -31.44
C VAL C 494 21.31 -12.10 -31.78
N VAL C 495 21.78 -12.24 -33.03
CA VAL C 495 22.42 -13.49 -33.43
C VAL C 495 23.53 -13.87 -32.47
N THR C 496 24.45 -12.94 -32.21
CA THR C 496 25.56 -13.22 -31.30
C THR C 496 25.04 -13.68 -29.93
N VAL C 497 24.05 -12.97 -29.40
CA VAL C 497 23.51 -13.29 -28.07
C VAL C 497 22.92 -14.68 -28.06
N ILE C 498 22.10 -15.00 -29.06
N ILE C 498 22.10 -14.99 -29.06
CA ILE C 498 21.42 -16.30 -29.06
CA ILE C 498 21.41 -16.29 -29.07
C ILE C 498 22.40 -17.42 -29.33
C ILE C 498 22.40 -17.42 -29.33
N LYS C 499 23.32 -17.22 -30.28
CA LYS C 499 24.38 -18.20 -30.49
C LYS C 499 25.09 -18.51 -29.17
N ASP C 500 25.49 -17.47 -28.45
CA ASP C 500 26.17 -17.67 -27.18
C ASP C 500 25.25 -18.33 -26.16
N LEU C 501 23.99 -17.91 -26.10
CA LEU C 501 23.06 -18.50 -25.14
C LEU C 501 22.79 -19.97 -25.46
N LEU C 502 22.64 -20.29 -26.75
CA LEU C 502 22.44 -21.69 -27.15
C LEU C 502 23.61 -22.55 -26.71
N GLY C 503 24.84 -22.09 -26.98
CA GLY C 503 26.01 -22.84 -26.55
C GLY C 503 26.08 -22.97 -25.04
N LEU C 504 25.70 -21.91 -24.32
CA LEU C 504 25.65 -21.99 -22.86
C LEU C 504 24.71 -23.08 -22.39
N CYS C 505 23.53 -23.17 -23.00
CA CYS C 505 22.57 -24.20 -22.58
C CYS C 505 23.09 -25.59 -22.90
N GLU C 506 23.66 -25.77 -24.09
CA GLU C 506 24.31 -27.04 -24.43
C GLU C 506 25.28 -27.45 -23.33
N GLN C 507 26.11 -26.52 -22.88
CA GLN C 507 27.23 -26.84 -22.00
C GLN C 507 26.79 -27.23 -20.60
N LYS C 508 25.62 -26.78 -20.15
CA LYS C 508 25.19 -27.07 -18.79
C LYS C 508 24.53 -28.45 -18.71
N ARG C 509 24.50 -28.99 -17.49
CA ARG C 509 23.91 -30.29 -17.23
C ARG C 509 22.73 -30.13 -16.28
N GLY C 510 21.80 -31.08 -16.36
CA GLY C 510 20.65 -31.10 -15.48
C GLY C 510 19.57 -30.12 -15.92
N LYS C 511 18.32 -30.55 -15.81
CA LYS C 511 17.21 -29.71 -16.24
C LYS C 511 17.16 -28.39 -15.47
N ASP C 512 17.65 -28.38 -14.24
CA ASP C 512 17.71 -27.13 -13.48
C ASP C 512 18.39 -26.03 -14.29
N ASN C 513 19.66 -26.25 -14.64
CA ASN C 513 20.41 -25.23 -15.35
C ASN C 513 19.88 -25.04 -16.77
N LYS C 514 19.63 -26.14 -17.49
CA LYS C 514 19.16 -26.03 -18.86
C LYS C 514 17.82 -25.30 -18.93
N ALA C 515 16.96 -25.51 -17.93
CA ALA C 515 15.69 -24.79 -17.89
C ALA C 515 15.93 -23.29 -17.78
N VAL C 516 16.83 -22.89 -16.88
CA VAL C 516 17.08 -21.47 -16.66
C VAL C 516 17.58 -20.80 -17.92
N VAL C 517 18.48 -21.45 -18.65
CA VAL C 517 19.10 -20.81 -19.81
C VAL C 517 18.15 -20.81 -20.99
N ALA C 518 17.42 -21.90 -21.19
CA ALA C 518 16.43 -21.92 -22.27
C ALA C 518 15.35 -20.88 -22.05
N SER C 519 14.97 -20.65 -20.79
CA SER C 519 13.98 -19.62 -20.49
C SER C 519 14.51 -18.24 -20.87
N ASP C 520 15.75 -17.94 -20.50
CA ASP C 520 16.32 -16.65 -20.83
C ASP C 520 16.41 -16.46 -22.34
N ILE C 521 16.72 -17.53 -23.07
CA ILE C 521 16.72 -17.47 -24.53
C ILE C 521 15.36 -17.03 -25.03
N MET C 522 14.30 -17.69 -24.55
CA MET C 522 12.96 -17.31 -24.97
C MET C 522 12.61 -15.91 -24.49
N TYR C 523 13.15 -15.49 -23.34
CA TYR C 523 12.88 -14.13 -22.90
C TYR C 523 13.46 -13.11 -23.88
N VAL C 524 14.72 -13.30 -24.27
CA VAL C 524 15.37 -12.34 -25.16
C VAL C 524 14.65 -12.29 -26.50
N VAL C 525 14.32 -13.45 -27.07
N VAL C 525 14.37 -13.46 -27.06
CA VAL C 525 13.68 -13.44 -28.39
CA VAL C 525 13.65 -13.56 -28.34
C VAL C 525 12.32 -12.75 -28.31
C VAL C 525 12.37 -12.75 -28.27
N GLY C 526 11.57 -12.97 -27.23
CA GLY C 526 10.30 -12.29 -27.08
C GLY C 526 10.42 -10.80 -26.98
N GLN C 527 11.60 -10.30 -26.63
CA GLN C 527 11.82 -8.86 -26.51
C GLN C 527 12.24 -8.21 -27.81
N TYR C 528 12.49 -8.97 -28.87
CA TYR C 528 12.97 -8.43 -30.14
C TYR C 528 12.02 -8.81 -31.27
N PRO C 529 10.78 -8.32 -31.23
CA PRO C 529 9.82 -8.68 -32.29
C PRO C 529 10.23 -8.17 -33.65
N ARG C 530 10.92 -7.02 -33.71
CA ARG C 530 11.40 -6.54 -35.00
C ARG C 530 12.27 -7.58 -35.67
N PHE C 531 13.13 -8.25 -34.91
CA PHE C 531 13.97 -9.30 -35.46
C PHE C 531 13.12 -10.49 -35.92
N LEU C 532 12.12 -10.86 -35.13
CA LEU C 532 11.26 -11.99 -35.49
C LEU C 532 10.47 -11.71 -36.75
N LYS C 533 9.96 -10.48 -36.89
CA LYS C 533 9.13 -10.17 -38.05
C LYS C 533 9.93 -10.15 -39.35
N ALA C 534 11.25 -9.98 -39.27
CA ALA C 534 12.09 -9.97 -40.46
C ALA C 534 12.64 -11.34 -40.83
N HIS C 535 12.55 -12.32 -39.93
CA HIS C 535 13.15 -13.65 -40.13
C HIS C 535 12.08 -14.69 -39.82
N TRP C 536 11.22 -14.95 -40.80
CA TRP C 536 10.07 -15.82 -40.57
C TRP C 536 10.51 -17.22 -40.16
N ASN C 537 11.41 -17.83 -40.94
CA ASN C 537 11.84 -19.18 -40.63
C ASN C 537 12.31 -19.27 -39.19
N PHE C 538 13.03 -18.26 -38.72
CA PHE C 538 13.45 -18.23 -37.32
C PHE C 538 12.25 -18.12 -36.38
N LEU C 539 11.33 -17.21 -36.68
CA LEU C 539 10.14 -17.06 -35.84
C LEU C 539 9.36 -18.35 -35.78
N ARG C 540 9.25 -19.06 -36.91
CA ARG C 540 8.59 -20.36 -36.93
C ARG C 540 9.29 -21.34 -36.00
N THR C 541 10.63 -21.38 -36.07
CA THR C 541 11.40 -22.28 -35.22
C THR C 541 11.17 -21.98 -33.75
N VAL C 542 11.13 -20.69 -33.38
CA VAL C 542 10.87 -20.32 -31.99
C VAL C 542 9.53 -20.90 -31.53
N ILE C 543 8.47 -20.64 -32.29
CA ILE C 543 7.13 -21.07 -31.88
C ILE C 543 7.09 -22.59 -31.74
N LEU C 544 7.62 -23.30 -32.73
CA LEU C 544 7.63 -24.76 -32.67
C LEU C 544 8.44 -25.24 -31.48
N LYS C 545 9.47 -24.50 -31.08
CA LYS C 545 10.21 -24.88 -29.89
C LYS C 545 9.38 -24.61 -28.64
N LEU C 546 8.69 -23.47 -28.60
CA LEU C 546 7.74 -23.22 -27.51
C LEU C 546 6.71 -24.33 -27.40
N PHE C 547 6.15 -24.75 -28.54
CA PHE C 547 5.18 -25.84 -28.50
C PHE C 547 5.78 -27.10 -27.91
N GLU C 548 7.03 -27.40 -28.28
CA GLU C 548 7.75 -28.50 -27.66
C GLU C 548 7.82 -28.33 -26.15
N PHE C 549 8.14 -27.12 -25.69
CA PHE C 549 8.28 -26.88 -24.25
C PHE C 549 6.95 -26.99 -23.51
N MET C 550 5.82 -26.95 -24.22
CA MET C 550 4.53 -27.12 -23.56
C MET C 550 4.26 -28.55 -23.14
N HIS C 551 5.17 -29.47 -23.47
CA HIS C 551 5.11 -30.85 -23.00
C HIS C 551 6.13 -31.14 -21.92
N GLU C 552 6.95 -30.15 -21.57
CA GLU C 552 7.99 -30.31 -20.56
C GLU C 552 7.42 -30.01 -19.20
N THR C 553 7.50 -30.98 -18.29
CA THR C 553 6.84 -30.88 -16.99
C THR C 553 7.71 -30.23 -15.92
N HIS C 554 8.99 -29.99 -16.19
CA HIS C 554 9.83 -29.27 -15.24
C HIS C 554 9.15 -27.97 -14.84
N GLU C 555 9.12 -27.72 -13.53
CA GLU C 555 8.38 -26.59 -12.99
C GLU C 555 8.76 -25.29 -13.69
N GLY C 556 7.75 -24.59 -14.20
CA GLY C 556 7.91 -23.27 -14.78
C GLY C 556 7.97 -23.24 -16.29
N VAL C 557 8.42 -24.33 -16.92
CA VAL C 557 8.67 -24.29 -18.37
C VAL C 557 7.37 -24.03 -19.13
N GLN C 558 6.30 -24.73 -18.75
CA GLN C 558 5.05 -24.60 -19.48
C GLN C 558 4.46 -23.19 -19.36
N ASP C 559 4.48 -22.63 -18.14
CA ASP C 559 4.08 -21.23 -17.99
C ASP C 559 4.94 -20.33 -18.85
N MET C 560 6.26 -20.51 -18.78
CA MET C 560 7.16 -19.70 -19.60
C MET C 560 6.83 -19.86 -21.08
N ALA C 561 6.60 -21.10 -21.53
CA ALA C 561 6.30 -21.33 -22.94
C ALA C 561 5.04 -20.60 -23.36
N CYS C 562 3.97 -20.71 -22.57
CA CYS C 562 2.71 -20.07 -22.93
C CYS C 562 2.82 -18.55 -22.87
N ASP C 563 3.48 -18.02 -21.83
CA ASP C 563 3.65 -16.58 -21.72
C ASP C 563 4.42 -16.01 -22.92
N THR C 564 5.50 -16.69 -23.33
CA THR C 564 6.27 -16.23 -24.47
C THR C 564 5.45 -16.31 -25.75
N PHE C 565 4.63 -17.35 -25.88
CA PHE C 565 3.79 -17.51 -27.07
C PHE C 565 2.87 -16.30 -27.24
N ILE C 566 2.09 -15.98 -26.20
CA ILE C 566 1.12 -14.90 -26.35
C ILE C 566 1.83 -13.56 -26.54
N LYS C 567 2.97 -13.38 -25.87
CA LYS C 567 3.72 -12.13 -25.99
C LYS C 567 4.25 -11.93 -27.41
N ILE C 568 4.81 -12.98 -28.00
CA ILE C 568 5.27 -12.89 -29.38
C ILE C 568 4.09 -12.63 -30.31
N VAL C 569 2.95 -13.27 -30.02
CA VAL C 569 1.77 -13.15 -30.88
C VAL C 569 1.26 -11.72 -30.87
N GLN C 570 1.15 -11.11 -29.70
CA GLN C 570 0.67 -9.74 -29.60
C GLN C 570 1.47 -8.79 -30.50
N LYS C 571 2.75 -9.07 -30.69
CA LYS C 571 3.62 -8.18 -31.44
C LYS C 571 3.82 -8.59 -32.89
N CYS C 572 3.57 -9.85 -33.24
CA CYS C 572 3.88 -10.35 -34.58
C CYS C 572 2.68 -11.01 -35.26
N LYS C 573 1.48 -10.82 -34.71
CA LYS C 573 0.28 -11.53 -35.19
C LYS C 573 0.14 -11.50 -36.71
N TYR C 574 0.43 -10.36 -37.34
CA TYR C 574 0.27 -10.27 -38.78
C TYR C 574 1.00 -11.38 -39.52
N HIS C 575 2.15 -11.83 -38.98
CA HIS C 575 2.95 -12.85 -39.65
C HIS C 575 2.40 -14.25 -39.48
N PHE C 576 1.42 -14.45 -38.60
CA PHE C 576 0.74 -15.73 -38.46
C PHE C 576 -0.51 -15.81 -39.33
N VAL C 577 -1.04 -14.67 -39.75
CA VAL C 577 -2.32 -14.61 -40.44
C VAL C 577 -2.16 -14.52 -41.95
N ILE C 578 -1.00 -14.07 -42.44
CA ILE C 578 -0.71 -14.11 -43.86
C ILE C 578 -0.12 -15.46 -44.20
N GLN C 579 -0.20 -15.81 -45.48
CA GLN C 579 0.54 -16.94 -46.01
C GLN C 579 1.96 -16.47 -46.34
N GLN C 580 2.92 -17.03 -45.64
CA GLN C 580 4.30 -16.62 -45.80
C GLN C 580 4.90 -17.29 -47.04
N PRO C 581 5.76 -16.60 -47.78
CA PRO C 581 6.39 -17.25 -48.94
C PRO C 581 7.03 -18.57 -48.52
N ARG C 582 6.87 -19.58 -49.37
CA ARG C 582 7.38 -20.94 -49.16
C ARG C 582 6.53 -21.76 -48.19
N GLU C 583 5.39 -21.26 -47.73
CA GLU C 583 4.48 -22.03 -46.90
C GLU C 583 3.17 -22.28 -47.64
N SER C 584 2.48 -23.36 -47.25
CA SER C 584 1.24 -23.75 -47.91
C SER C 584 0.03 -22.99 -47.38
N GLU C 585 0.13 -22.35 -46.22
CA GLU C 585 -1.03 -21.80 -45.56
C GLU C 585 -0.56 -20.80 -44.51
N PRO C 586 -1.43 -19.87 -44.10
CA PRO C 586 -1.09 -19.02 -42.95
C PRO C 586 -0.81 -19.90 -41.74
N PHE C 587 0.20 -19.52 -40.98
CA PHE C 587 0.63 -20.37 -39.88
C PHE C 587 -0.47 -20.58 -38.84
N ILE C 588 -1.47 -19.69 -38.78
CA ILE C 588 -2.53 -19.87 -37.80
C ILE C 588 -3.31 -21.15 -38.09
N GLN C 589 -3.45 -21.50 -39.36
CA GLN C 589 -4.11 -22.76 -39.70
C GLN C 589 -3.32 -23.94 -39.15
N THR C 590 -2.00 -23.88 -39.24
CA THR C 590 -1.18 -24.98 -38.76
C THR C 590 -1.25 -25.10 -37.24
N ILE C 591 -1.29 -23.97 -36.53
CA ILE C 591 -1.44 -24.01 -35.09
C ILE C 591 -2.75 -24.66 -34.70
N ILE C 592 -3.83 -24.31 -35.41
CA ILE C 592 -5.15 -24.80 -35.04
C ILE C 592 -5.25 -26.30 -35.33
N ARG C 593 -4.70 -26.75 -36.46
CA ARG C 593 -4.80 -28.17 -36.81
C ARG C 593 -4.27 -29.06 -35.70
N ASP C 594 -3.19 -28.65 -35.02
CA ASP C 594 -2.50 -29.50 -34.07
C ASP C 594 -2.74 -29.09 -32.61
N ILE C 595 -3.76 -28.27 -32.36
CA ILE C 595 -3.92 -27.68 -31.04
C ILE C 595 -4.16 -28.74 -29.97
N GLN C 596 -4.85 -29.84 -30.31
CA GLN C 596 -5.11 -30.86 -29.29
C GLN C 596 -3.82 -31.45 -28.76
N LYS C 597 -2.90 -31.82 -29.66
CA LYS C 597 -1.63 -32.37 -29.24
C LYS C 597 -0.75 -31.30 -28.60
N THR C 598 -0.78 -30.08 -29.14
CA THR C 598 0.06 -29.02 -28.59
C THR C 598 -0.25 -28.75 -27.12
N THR C 599 -1.54 -28.72 -26.77
CA THR C 599 -1.97 -28.35 -25.43
C THR C 599 -2.27 -29.55 -24.53
N ALA C 600 -2.01 -30.77 -25.00
CA ALA C 600 -2.46 -31.96 -24.28
C ALA C 600 -1.98 -31.98 -22.83
N ASP C 601 -0.76 -31.49 -22.59
CA ASP C 601 -0.15 -31.58 -21.27
C ASP C 601 -0.27 -30.31 -20.46
N LEU C 602 -0.99 -29.31 -20.95
CA LEU C 602 -1.12 -28.04 -20.25
C LEU C 602 -2.26 -28.09 -19.24
N GLN C 603 -2.11 -27.29 -18.17
CA GLN C 603 -3.20 -27.05 -17.25
C GLN C 603 -4.27 -26.17 -17.91
N PRO C 604 -5.52 -26.27 -17.48
CA PRO C 604 -6.58 -25.49 -18.13
C PRO C 604 -6.27 -24.01 -18.27
N GLN C 605 -5.74 -23.38 -17.22
CA GLN C 605 -5.39 -21.96 -17.27
C GLN C 605 -4.43 -21.68 -18.41
N GLN C 606 -3.50 -22.61 -18.66
CA GLN C 606 -2.53 -22.43 -19.73
C GLN C 606 -3.15 -22.68 -21.10
N VAL C 607 -4.09 -23.64 -21.18
CA VAL C 607 -4.84 -23.85 -22.42
C VAL C 607 -5.59 -22.59 -22.81
N HIS C 608 -6.17 -21.90 -21.83
CA HIS C 608 -6.96 -20.70 -22.14
C HIS C 608 -6.07 -19.59 -22.68
N THR C 609 -4.88 -19.41 -22.09
CA THR C 609 -3.92 -18.46 -22.64
C THR C 609 -3.61 -18.80 -24.09
N PHE C 610 -3.42 -20.09 -24.38
CA PHE C 610 -3.12 -20.51 -25.75
C PHE C 610 -4.25 -20.12 -26.70
N TYR C 611 -5.49 -20.43 -26.31
CA TYR C 611 -6.64 -20.04 -27.15
C TYR C 611 -6.74 -18.53 -27.29
N LYS C 612 -6.50 -17.79 -26.20
CA LYS C 612 -6.51 -16.33 -26.28
C LYS C 612 -5.50 -15.84 -27.30
N ALA C 613 -4.30 -16.41 -27.31
CA ALA C 613 -3.29 -16.02 -28.29
C ALA C 613 -3.78 -16.29 -29.71
N CYS C 614 -4.45 -17.42 -29.91
CA CYS C 614 -4.99 -17.74 -31.22
C CYS C 614 -6.05 -16.72 -31.64
N GLY C 615 -6.86 -16.26 -30.69
CA GLY C 615 -7.86 -15.26 -31.00
C GLY C 615 -7.28 -13.91 -31.39
N ILE C 616 -6.14 -13.55 -30.79
CA ILE C 616 -5.43 -12.34 -31.21
C ILE C 616 -5.10 -12.43 -32.69
N ILE C 617 -4.53 -13.56 -33.12
CA ILE C 617 -4.15 -13.73 -34.51
C ILE C 617 -5.40 -13.70 -35.39
N ILE C 618 -6.43 -14.45 -34.99
CA ILE C 618 -7.61 -14.59 -35.84
C ILE C 618 -8.27 -13.23 -36.07
N SER C 619 -8.20 -12.34 -35.08
CA SER C 619 -8.79 -11.02 -35.24
C SER C 619 -8.03 -10.14 -36.22
N GLU C 620 -6.81 -10.52 -36.59
CA GLU C 620 -6.09 -9.81 -37.64
C GLU C 620 -6.62 -10.12 -39.02
N GLU C 621 -7.35 -11.22 -39.18
CA GLU C 621 -7.96 -11.57 -40.46
C GLU C 621 -9.21 -10.72 -40.64
N ARG C 622 -9.21 -9.85 -41.66
CA ARG C 622 -10.34 -8.94 -41.85
C ARG C 622 -11.30 -9.38 -42.94
N SER C 623 -10.97 -10.42 -43.71
CA SER C 623 -12.01 -11.08 -44.50
C SER C 623 -12.91 -11.85 -43.55
N VAL C 624 -14.21 -11.53 -43.57
CA VAL C 624 -15.11 -12.02 -42.53
C VAL C 624 -15.32 -13.52 -42.64
N ALA C 625 -15.48 -14.04 -43.86
CA ALA C 625 -15.72 -15.47 -44.00
C ALA C 625 -14.53 -16.28 -43.54
N GLU C 626 -13.31 -15.79 -43.82
CA GLU C 626 -12.11 -16.50 -43.38
C GLU C 626 -11.93 -16.39 -41.88
N ARG C 627 -12.18 -15.21 -41.32
CA ARG C 627 -12.06 -15.04 -39.87
C ARG C 627 -13.04 -15.95 -39.14
N ASN C 628 -14.28 -16.03 -39.63
CA ASN C 628 -15.28 -16.87 -38.97
C ASN C 628 -14.96 -18.36 -39.11
N ARG C 629 -14.38 -18.77 -40.23
CA ARG C 629 -13.97 -20.16 -40.37
C ARG C 629 -12.84 -20.49 -39.40
N LEU C 630 -11.83 -19.61 -39.31
CA LEU C 630 -10.79 -19.78 -38.31
C LEU C 630 -11.36 -19.85 -36.91
N LEU C 631 -12.33 -18.98 -36.60
CA LEU C 631 -12.94 -18.98 -35.28
C LEU C 631 -13.62 -20.31 -34.99
N SER C 632 -14.46 -20.79 -35.92
CA SER C 632 -15.16 -22.04 -35.68
C SER C 632 -14.19 -23.21 -35.63
N ASP C 633 -13.10 -23.16 -36.40
CA ASP C 633 -12.09 -24.21 -36.32
C ASP C 633 -11.36 -24.18 -34.98
N LEU C 634 -10.99 -22.97 -34.52
CA LEU C 634 -10.33 -22.85 -33.21
C LEU C 634 -11.19 -23.45 -32.12
N MET C 635 -12.49 -23.19 -32.16
CA MET C 635 -13.40 -23.61 -31.09
C MET C 635 -13.94 -25.03 -31.30
N GLN C 636 -13.35 -25.81 -32.20
CA GLN C 636 -13.92 -27.12 -32.51
C GLN C 636 -13.96 -28.00 -31.27
N LEU C 637 -12.84 -28.10 -30.56
CA LEU C 637 -12.80 -28.98 -29.38
C LEU C 637 -13.75 -28.52 -28.29
N PRO C 638 -13.70 -27.26 -27.82
CA PRO C 638 -14.68 -26.84 -26.83
C PRO C 638 -16.13 -26.95 -27.31
N ASN C 639 -16.39 -26.69 -28.59
CA ASN C 639 -17.76 -26.77 -29.09
C ASN C 639 -18.26 -28.21 -29.13
N MET C 640 -17.38 -29.18 -29.39
CA MET C 640 -17.82 -30.56 -29.39
C MET C 640 -18.03 -31.07 -27.97
N ALA C 641 -17.11 -30.77 -27.06
CA ALA C 641 -17.33 -31.04 -25.65
C ALA C 641 -18.63 -30.40 -25.19
N TRP C 642 -18.89 -29.17 -25.64
CA TRP C 642 -20.08 -28.43 -25.26
C TRP C 642 -21.35 -29.15 -25.73
N ASP C 643 -21.44 -29.43 -27.03
CA ASP C 643 -22.60 -30.14 -27.54
C ASP C 643 -22.86 -31.42 -26.75
N THR C 644 -21.80 -32.17 -26.45
CA THR C 644 -21.98 -33.43 -25.74
C THR C 644 -22.61 -33.21 -24.38
N ILE C 645 -22.07 -32.28 -23.58
CA ILE C 645 -22.61 -32.06 -22.24
C ILE C 645 -24.01 -31.48 -22.30
N VAL C 646 -24.28 -30.59 -23.26
CA VAL C 646 -25.62 -30.05 -23.39
C VAL C 646 -26.62 -31.17 -23.69
N GLU C 647 -26.27 -32.08 -24.60
CA GLU C 647 -27.13 -33.22 -24.89
C GLU C 647 -27.31 -34.09 -23.65
N GLN C 648 -26.21 -34.41 -22.97
CA GLN C 648 -26.24 -35.23 -21.78
C GLN C 648 -26.96 -34.52 -20.64
N SER C 649 -26.35 -33.43 -20.16
CA SER C 649 -26.81 -32.78 -18.94
C SER C 649 -28.27 -32.37 -19.03
N THR C 650 -28.78 -32.12 -20.25
CA THR C 650 -30.20 -31.79 -20.38
C THR C 650 -31.07 -33.03 -20.21
N ALA C 651 -30.60 -34.18 -20.71
CA ALA C 651 -31.33 -35.43 -20.53
C ALA C 651 -31.19 -36.01 -19.13
N ASN C 652 -30.34 -35.44 -18.29
CA ASN C 652 -30.18 -35.90 -16.91
C ASN C 652 -29.53 -34.83 -16.05
N PRO C 653 -30.30 -33.91 -15.49
CA PRO C 653 -29.73 -32.87 -14.64
C PRO C 653 -28.86 -33.37 -13.49
N THR C 654 -28.90 -34.67 -13.18
CA THR C 654 -28.09 -35.19 -12.08
C THR C 654 -26.60 -35.00 -12.35
N LEU C 655 -26.17 -35.18 -13.60
CA LEU C 655 -24.78 -35.03 -13.99
C LEU C 655 -24.13 -33.79 -13.37
N LEU C 656 -24.86 -32.67 -13.33
CA LEU C 656 -24.29 -31.42 -12.86
C LEU C 656 -23.79 -31.49 -11.42
N LEU C 657 -24.10 -32.55 -10.68
CA LEU C 657 -23.50 -32.75 -9.38
C LEU C 657 -22.18 -33.52 -9.47
N ASP C 658 -21.94 -34.18 -10.59
CA ASP C 658 -20.63 -34.77 -10.86
C ASP C 658 -19.61 -33.65 -11.02
N SER C 659 -18.74 -33.51 -10.02
CA SER C 659 -17.71 -32.47 -10.07
C SER C 659 -16.93 -32.50 -11.38
N GLU C 660 -16.73 -33.69 -11.95
CA GLU C 660 -15.97 -33.79 -13.20
C GLU C 660 -16.69 -33.07 -14.34
N THR C 661 -18.01 -33.24 -14.42
CA THR C 661 -18.78 -32.56 -15.45
C THR C 661 -18.83 -31.07 -15.20
N VAL C 662 -18.93 -30.66 -13.93
CA VAL C 662 -18.96 -29.24 -13.60
C VAL C 662 -17.67 -28.56 -14.02
N LYS C 663 -16.52 -29.20 -13.73
CA LYS C 663 -15.24 -28.61 -14.10
C LYS C 663 -15.07 -28.54 -15.61
N ILE C 664 -15.46 -29.60 -16.32
CA ILE C 664 -15.43 -29.55 -17.79
C ILE C 664 -16.23 -28.35 -18.29
N ILE C 665 -17.45 -28.18 -17.77
CA ILE C 665 -18.31 -27.08 -18.23
C ILE C 665 -17.61 -25.75 -17.99
N ALA C 666 -17.11 -25.54 -16.78
CA ALA C 666 -16.49 -24.26 -16.45
C ALA C 666 -15.32 -23.97 -17.38
N ASN C 667 -14.53 -25.00 -17.70
CA ASN C 667 -13.37 -24.79 -18.54
C ASN C 667 -13.75 -24.50 -19.99
N ILE C 668 -14.85 -25.08 -20.48
CA ILE C 668 -15.36 -24.70 -21.79
C ILE C 668 -15.69 -23.22 -21.80
N ILE C 669 -16.45 -22.77 -20.80
CA ILE C 669 -16.87 -21.37 -20.77
CA ILE C 669 -16.86 -21.38 -20.78
C ILE C 669 -15.66 -20.46 -20.63
N LYS C 670 -14.69 -20.85 -19.78
CA LYS C 670 -13.48 -20.05 -19.65
C LYS C 670 -12.70 -19.96 -20.96
N THR C 671 -12.74 -21.02 -21.77
CA THR C 671 -12.09 -20.96 -23.08
C THR C 671 -12.79 -19.93 -23.95
N ASN C 672 -14.13 -19.90 -23.91
CA ASN C 672 -14.88 -18.89 -24.64
C ASN C 672 -14.55 -17.48 -24.13
N VAL C 673 -14.45 -17.31 -22.81
CA VAL C 673 -14.07 -16.00 -22.27
C VAL C 673 -12.72 -15.59 -22.81
N ALA C 674 -11.75 -16.51 -22.79
CA ALA C 674 -10.40 -16.17 -23.22
C ALA C 674 -10.39 -15.70 -24.66
N VAL C 675 -11.06 -16.45 -25.55
CA VAL C 675 -11.08 -16.08 -26.96
C VAL C 675 -11.88 -14.80 -27.16
N CYS C 676 -13.03 -14.67 -26.48
CA CYS C 676 -13.79 -13.43 -26.58
C CYS C 676 -12.99 -12.24 -26.07
N THR C 677 -12.10 -12.46 -25.11
CA THR C 677 -11.30 -11.36 -24.59
C THR C 677 -10.42 -10.77 -25.67
N SER C 678 -9.79 -11.62 -26.48
N SER C 678 -9.82 -11.62 -26.51
CA SER C 678 -8.94 -11.13 -27.57
CA SER C 678 -8.93 -11.14 -27.55
C SER C 678 -9.78 -10.58 -28.71
C SER C 678 -9.64 -10.78 -28.84
N MET C 679 -10.86 -11.26 -29.06
CA MET C 679 -11.56 -11.00 -30.31
C MET C 679 -12.67 -9.96 -30.18
N GLY C 680 -13.21 -9.74 -28.99
CA GLY C 680 -14.24 -8.74 -28.80
C GLY C 680 -15.41 -8.86 -29.76
N ALA C 681 -15.64 -7.81 -30.55
CA ALA C 681 -16.77 -7.77 -31.47
C ALA C 681 -16.74 -8.96 -32.43
N ASP C 682 -15.55 -9.37 -32.86
CA ASP C 682 -15.45 -10.48 -33.80
C ASP C 682 -15.94 -11.79 -33.21
N PHE C 683 -16.08 -11.87 -31.89
CA PHE C 683 -16.45 -13.13 -31.25
C PHE C 683 -17.91 -13.50 -31.48
N TYR C 684 -18.73 -12.57 -31.96
CA TYR C 684 -20.18 -12.76 -32.00
C TYR C 684 -20.61 -14.09 -32.61
N PRO C 685 -20.06 -14.56 -33.74
CA PRO C 685 -20.56 -15.83 -34.30
C PRO C 685 -20.41 -16.99 -33.34
N GLN C 686 -19.31 -17.06 -32.60
CA GLN C 686 -19.15 -18.14 -31.62
C GLN C 686 -20.13 -17.97 -30.48
N LEU C 687 -20.36 -16.75 -30.03
CA LEU C 687 -21.37 -16.53 -28.99
C LEU C 687 -22.72 -17.05 -29.43
N GLY C 688 -23.08 -16.82 -30.70
CA GLY C 688 -24.36 -17.30 -31.20
C GLY C 688 -24.48 -18.81 -31.21
N HIS C 689 -23.34 -19.51 -31.37
CA HIS C 689 -23.38 -20.96 -31.38
C HIS C 689 -23.83 -21.52 -30.03
N ILE C 690 -23.44 -20.89 -28.93
CA ILE C 690 -23.67 -21.43 -27.59
C ILE C 690 -24.72 -20.65 -26.80
N TYR C 691 -25.16 -19.48 -27.27
CA TYR C 691 -25.82 -18.51 -26.39
C TYR C 691 -27.07 -19.10 -25.75
N TYR C 692 -28.00 -19.61 -26.56
CA TYR C 692 -29.29 -20.02 -26.02
C TYR C 692 -29.15 -21.21 -25.07
N ASN C 693 -28.34 -22.19 -25.43
CA ASN C 693 -28.13 -23.32 -24.52
C ASN C 693 -27.32 -22.91 -23.29
N MET C 694 -26.45 -21.91 -23.43
CA MET C 694 -25.71 -21.46 -22.26
C MET C 694 -26.64 -20.83 -21.23
N LEU C 695 -27.64 -20.07 -21.68
CA LEU C 695 -28.57 -19.48 -20.73
C LEU C 695 -29.49 -20.52 -20.13
N GLN C 696 -29.85 -21.56 -20.89
CA GLN C 696 -30.56 -22.69 -20.31
C GLN C 696 -29.71 -23.40 -19.26
N LEU C 697 -28.41 -23.55 -19.54
CA LEU C 697 -27.51 -24.12 -18.54
C LEU C 697 -27.47 -23.25 -17.30
N TYR C 698 -27.39 -21.93 -17.49
CA TYR C 698 -27.45 -21.02 -16.35
C TYR C 698 -28.66 -21.32 -15.47
N ARG C 699 -29.83 -21.50 -16.09
CA ARG C 699 -31.04 -21.76 -15.32
C ARG C 699 -30.98 -23.11 -14.61
N ALA C 700 -30.49 -24.14 -15.30
CA ALA C 700 -30.43 -25.46 -14.68
C ALA C 700 -29.47 -25.46 -13.50
N VAL C 701 -28.30 -24.85 -13.66
CA VAL C 701 -27.36 -24.74 -12.56
C VAL C 701 -27.98 -23.94 -11.42
N SER C 702 -28.71 -22.87 -11.78
CA SER C 702 -29.33 -22.02 -10.76
C SER C 702 -30.27 -22.82 -9.86
N SER C 703 -31.12 -23.65 -10.46
CA SER C 703 -32.07 -24.39 -9.63
C SER C 703 -31.38 -25.52 -8.87
N MET C 704 -30.25 -26.02 -9.39
CA MET C 704 -29.46 -26.97 -8.62
C MET C 704 -28.87 -26.33 -7.38
N ILE C 705 -28.34 -25.11 -7.50
CA ILE C 705 -27.83 -24.38 -6.34
C ILE C 705 -28.95 -24.18 -5.32
N SER C 706 -30.11 -23.72 -5.79
CA SER C 706 -31.24 -23.50 -4.89
C SER C 706 -31.65 -24.78 -4.19
N ALA C 707 -31.71 -25.90 -4.93
CA ALA C 707 -32.11 -27.17 -4.32
C ALA C 707 -31.12 -27.60 -3.25
N GLN C 708 -29.83 -27.42 -3.50
CA GLN C 708 -28.83 -27.77 -2.50
C GLN C 708 -28.97 -26.94 -1.24
N VAL C 709 -29.19 -25.63 -1.40
CA VAL C 709 -29.34 -24.77 -0.23
C VAL C 709 -30.62 -25.12 0.53
N ALA C 710 -31.67 -25.54 -0.18
CA ALA C 710 -32.87 -26.02 0.49
C ALA C 710 -32.59 -27.29 1.29
N ALA C 711 -31.84 -28.23 0.70
CA ALA C 711 -31.65 -29.53 1.32
C ALA C 711 -30.59 -29.52 2.41
N GLU C 712 -29.59 -28.65 2.32
CA GLU C 712 -28.46 -28.69 3.24
C GLU C 712 -28.30 -27.43 4.10
N GLY C 713 -28.96 -26.33 3.76
CA GLY C 713 -28.80 -25.08 4.47
C GLY C 713 -27.82 -24.16 3.77
N LEU C 714 -27.66 -22.97 4.37
CA LEU C 714 -26.73 -21.98 3.85
C LEU C 714 -25.32 -22.52 3.71
N ILE C 715 -24.92 -23.44 4.59
CA ILE C 715 -23.58 -24.00 4.53
C ILE C 715 -23.30 -24.61 3.17
N ALA C 716 -24.35 -24.98 2.43
CA ALA C 716 -24.17 -25.53 1.08
C ALA C 716 -23.34 -24.62 0.19
N THR C 717 -23.48 -23.30 0.34
CA THR C 717 -22.75 -22.39 -0.54
C THR C 717 -21.25 -22.50 -0.37
N LYS C 718 -20.79 -23.11 0.71
CA LYS C 718 -19.36 -23.30 0.96
C LYS C 718 -18.84 -24.61 0.38
N THR C 719 -19.71 -25.53 0.01
CA THR C 719 -19.27 -26.84 -0.43
C THR C 719 -18.61 -26.75 -1.81
N PRO C 720 -17.70 -27.67 -2.12
CA PRO C 720 -17.12 -27.68 -3.48
C PRO C 720 -18.16 -27.82 -4.58
N LYS C 721 -19.18 -28.66 -4.38
CA LYS C 721 -20.19 -28.87 -5.40
C LYS C 721 -20.84 -27.55 -5.79
N VAL C 722 -21.29 -26.76 -4.80
CA VAL C 722 -22.00 -25.53 -5.10
C VAL C 722 -21.03 -24.45 -5.58
N ARG C 723 -19.84 -24.36 -4.99
CA ARG C 723 -18.87 -23.41 -5.52
C ARG C 723 -18.58 -23.70 -6.99
N GLY C 724 -18.49 -24.98 -7.35
CA GLY C 724 -18.32 -25.32 -8.75
C GLY C 724 -19.49 -24.87 -9.61
N LEU C 725 -20.72 -25.07 -9.12
CA LEU C 725 -21.89 -24.66 -9.88
C LEU C 725 -21.93 -23.16 -10.06
N ARG C 726 -21.59 -22.41 -9.01
CA ARG C 726 -21.59 -20.96 -9.11
C ARG C 726 -20.49 -20.46 -10.02
N THR C 727 -19.36 -21.17 -10.08
CA THR C 727 -18.33 -20.82 -11.07
C THR C 727 -18.93 -20.82 -12.47
N ILE C 728 -19.74 -21.82 -12.80
CA ILE C 728 -20.39 -21.84 -14.11
C ILE C 728 -21.19 -20.56 -14.30
N LYS C 729 -22.04 -20.21 -13.34
CA LYS C 729 -22.85 -19.00 -13.45
C LYS C 729 -21.97 -17.77 -13.64
N LYS C 730 -20.91 -17.65 -12.84
CA LYS C 730 -20.06 -16.47 -12.91
C LYS C 730 -19.33 -16.37 -14.25
N GLU C 731 -18.85 -17.50 -14.77
CA GLU C 731 -18.15 -17.48 -16.05
C GLU C 731 -19.11 -17.15 -17.19
N ILE C 732 -20.35 -17.64 -17.13
CA ILE C 732 -21.34 -17.27 -18.13
C ILE C 732 -21.57 -15.76 -18.11
N LEU C 733 -21.77 -15.19 -16.92
CA LEU C 733 -21.96 -13.75 -16.83
C LEU C 733 -20.74 -12.99 -17.34
N LYS C 734 -19.54 -13.48 -17.01
CA LYS C 734 -18.33 -12.80 -17.46
C LYS C 734 -18.18 -12.87 -18.96
N LEU C 735 -18.58 -14.00 -19.56
CA LEU C 735 -18.54 -14.10 -21.02
C LEU C 735 -19.45 -13.07 -21.65
N VAL C 736 -20.68 -12.96 -21.15
CA VAL C 736 -21.64 -12.03 -21.72
C VAL C 736 -21.18 -10.60 -21.49
N GLU C 737 -20.64 -10.31 -20.31
CA GLU C 737 -20.12 -8.98 -20.02
C GLU C 737 -18.96 -8.65 -20.95
N THR C 738 -18.04 -9.60 -21.12
CA THR C 738 -16.88 -9.36 -21.96
C THR C 738 -17.31 -9.04 -23.39
N TYR C 739 -18.23 -9.83 -23.94
CA TYR C 739 -18.65 -9.56 -25.30
C TYR C 739 -19.35 -8.20 -25.40
N ILE C 740 -20.33 -7.95 -24.53
CA ILE C 740 -21.14 -6.75 -24.67
C ILE C 740 -20.29 -5.51 -24.48
N SER C 741 -19.28 -5.57 -23.60
CA SER C 741 -18.43 -4.42 -23.38
C SER C 741 -17.63 -4.05 -24.63
N LYS C 742 -17.43 -4.98 -25.56
CA LYS C 742 -16.64 -4.75 -26.76
C LYS C 742 -17.48 -4.77 -28.03
N ALA C 743 -18.78 -4.99 -27.93
CA ALA C 743 -19.61 -5.17 -29.12
C ALA C 743 -19.68 -3.89 -29.95
N ARG C 744 -19.70 -4.05 -31.27
CA ARG C 744 -19.89 -2.93 -32.19
C ARG C 744 -21.29 -2.86 -32.77
N ASN C 745 -22.01 -3.99 -32.85
CA ASN C 745 -23.38 -4.01 -33.34
C ASN C 745 -24.30 -4.05 -32.13
N LEU C 746 -24.78 -2.87 -31.72
CA LEU C 746 -25.62 -2.79 -30.54
C LEU C 746 -27.08 -3.14 -30.83
N ASP C 747 -27.51 -3.03 -32.08
CA ASP C 747 -28.82 -3.53 -32.45
C ASP C 747 -28.95 -5.01 -32.12
N ASP C 748 -27.93 -5.81 -32.47
CA ASP C 748 -27.97 -7.23 -32.16
C ASP C 748 -27.94 -7.46 -30.64
N VAL C 749 -27.16 -6.65 -29.92
CA VAL C 749 -27.12 -6.78 -28.47
C VAL C 749 -28.53 -6.63 -27.90
N VAL C 750 -29.23 -5.60 -28.35
CA VAL C 750 -30.54 -5.27 -27.80
C VAL C 750 -31.57 -6.30 -28.23
N LYS C 751 -31.57 -6.65 -29.52
CA LYS C 751 -32.64 -7.46 -30.09
C LYS C 751 -32.44 -8.96 -29.90
N VAL C 752 -31.20 -9.42 -29.68
CA VAL C 752 -30.90 -10.83 -29.60
C VAL C 752 -30.43 -11.23 -28.21
N LEU C 753 -29.55 -10.44 -27.60
CA LEU C 753 -28.88 -10.89 -26.38
C LEU C 753 -29.61 -10.48 -25.10
N VAL C 754 -30.11 -9.25 -25.03
CA VAL C 754 -30.46 -8.67 -23.72
C VAL C 754 -31.65 -9.38 -23.11
N GLU C 755 -32.70 -9.61 -23.89
CA GLU C 755 -33.93 -10.13 -23.29
C GLU C 755 -33.75 -11.55 -22.79
N PRO C 756 -33.20 -12.49 -23.54
CA PRO C 756 -32.86 -13.78 -22.94
C PRO C 756 -31.99 -13.64 -21.71
N LEU C 757 -31.03 -12.70 -21.73
CA LEU C 757 -30.16 -12.52 -20.58
C LEU C 757 -30.97 -12.11 -19.36
N LEU C 758 -31.80 -11.07 -19.48
CA LEU C 758 -32.54 -10.59 -18.33
C LEU C 758 -33.50 -11.65 -17.81
N ASN C 759 -34.17 -12.37 -18.71
N ASN C 759 -34.18 -12.37 -18.71
CA ASN C 759 -35.09 -13.42 -18.28
CA ASN C 759 -35.10 -13.40 -18.25
C ASN C 759 -34.37 -14.52 -17.53
C ASN C 759 -34.36 -14.51 -17.50
N ALA C 760 -33.10 -14.75 -17.85
CA ALA C 760 -32.36 -15.84 -17.23
C ALA C 760 -31.74 -15.47 -15.89
N VAL C 761 -31.42 -14.20 -15.65
N VAL C 761 -31.45 -14.19 -15.67
CA VAL C 761 -30.60 -13.83 -14.50
CA VAL C 761 -30.60 -13.78 -14.57
C VAL C 761 -31.36 -13.01 -13.45
C VAL C 761 -31.35 -13.02 -13.48
N LEU C 762 -32.37 -12.23 -13.83
CA LEU C 762 -32.92 -11.27 -12.88
C LEU C 762 -33.79 -11.94 -11.80
N GLU C 763 -34.79 -12.72 -12.20
CA GLU C 763 -35.63 -13.38 -11.20
C GLU C 763 -34.82 -14.31 -10.32
N ASP C 764 -33.90 -15.07 -10.94
CA ASP C 764 -33.05 -15.97 -10.16
C ASP C 764 -32.33 -15.21 -9.05
N TYR C 765 -31.85 -14.01 -9.36
CA TYR C 765 -31.15 -13.21 -8.36
C TYR C 765 -32.11 -12.72 -7.29
N MET C 766 -33.23 -12.15 -7.71
CA MET C 766 -34.19 -11.59 -6.76
C MET C 766 -34.71 -12.65 -5.80
N ASN C 767 -34.93 -13.87 -6.29
CA ASN C 767 -35.64 -14.88 -5.53
C ASN C 767 -34.73 -15.89 -4.86
N ASN C 768 -33.42 -15.73 -4.97
CA ASN C 768 -32.49 -16.48 -4.15
C ASN C 768 -32.32 -15.79 -2.80
N VAL C 769 -31.97 -16.57 -1.78
CA VAL C 769 -31.65 -16.00 -0.48
C VAL C 769 -30.39 -15.16 -0.63
N PRO C 770 -30.15 -14.19 0.25
CA PRO C 770 -28.98 -13.31 0.08
C PRO C 770 -27.66 -14.03 -0.14
N ASP C 771 -27.37 -15.10 0.60
CA ASP C 771 -26.08 -15.78 0.50
C ASP C 771 -25.90 -16.53 -0.81
N ALA C 772 -26.93 -16.64 -1.65
CA ALA C 772 -26.83 -17.34 -2.92
C ALA C 772 -26.88 -16.41 -4.12
N ARG C 773 -26.95 -15.10 -3.89
CA ARG C 773 -26.97 -14.15 -4.99
C ARG C 773 -25.55 -13.81 -5.42
N ASP C 774 -25.32 -13.84 -6.73
CA ASP C 774 -24.00 -13.56 -7.28
C ASP C 774 -23.88 -12.06 -7.55
N ALA C 775 -22.93 -11.41 -6.87
CA ALA C 775 -22.66 -10.01 -7.14
C ALA C 775 -22.30 -9.78 -8.61
N GLU C 776 -21.79 -10.81 -9.27
CA GLU C 776 -21.45 -10.70 -10.69
C GLU C 776 -22.66 -10.34 -11.53
N VAL C 777 -23.87 -10.70 -11.07
CA VAL C 777 -25.08 -10.29 -11.79
C VAL C 777 -25.12 -8.77 -11.89
N LEU C 778 -24.84 -8.09 -10.78
CA LEU C 778 -24.84 -6.63 -10.77
C LEU C 778 -23.80 -6.08 -11.75
N ASN C 779 -22.60 -6.67 -11.73
CA ASN C 779 -21.52 -6.22 -12.61
C ASN C 779 -21.92 -6.39 -14.08
N CYS C 780 -22.46 -7.57 -14.42
CA CYS C 780 -22.92 -7.79 -15.78
C CYS C 780 -23.99 -6.76 -16.17
N MET C 781 -24.93 -6.49 -15.27
CA MET C 781 -25.97 -5.51 -15.56
C MET C 781 -25.39 -4.12 -15.73
N THR C 782 -24.34 -3.79 -14.98
CA THR C 782 -23.70 -2.48 -15.14
C THR C 782 -23.19 -2.31 -16.56
N THR C 783 -22.61 -3.36 -17.13
CA THR C 783 -22.10 -3.26 -18.50
C THR C 783 -23.25 -3.17 -19.49
N VAL C 784 -24.32 -3.94 -19.27
CA VAL C 784 -25.49 -3.83 -20.15
C VAL C 784 -25.99 -2.38 -20.19
N VAL C 785 -26.21 -1.78 -19.02
CA VAL C 785 -26.72 -0.41 -18.97
C VAL C 785 -25.75 0.53 -19.66
N GLU C 786 -24.44 0.36 -19.39
CA GLU C 786 -23.45 1.23 -19.98
C GLU C 786 -23.54 1.23 -21.50
N LYS C 787 -23.56 0.04 -22.11
CA LYS C 787 -23.43 -0.04 -23.56
C LYS C 787 -24.74 0.26 -24.28
N VAL C 788 -25.87 -0.21 -23.75
CA VAL C 788 -27.13 -0.10 -24.49
C VAL C 788 -28.26 0.39 -23.58
N GLY C 789 -27.91 0.92 -22.41
CA GLY C 789 -28.95 1.40 -21.50
C GLY C 789 -29.91 2.37 -22.16
N HIS C 790 -29.39 3.26 -23.01
CA HIS C 790 -30.23 4.21 -23.72
C HIS C 790 -31.23 3.55 -24.65
N MET C 791 -31.00 2.30 -25.05
CA MET C 791 -31.86 1.62 -26.01
C MET C 791 -32.88 0.69 -25.37
N ILE C 792 -32.82 0.47 -24.06
CA ILE C 792 -33.70 -0.50 -23.40
C ILE C 792 -34.29 0.09 -22.13
N PRO C 793 -35.03 1.20 -22.20
CA PRO C 793 -35.59 1.79 -20.97
C PRO C 793 -36.45 0.84 -20.15
N GLN C 794 -37.28 0.03 -20.80
CA GLN C 794 -38.06 -0.94 -20.02
C GLN C 794 -37.16 -1.99 -19.40
N GLY C 795 -36.07 -2.34 -20.07
CA GLY C 795 -35.13 -3.29 -19.51
C GLY C 795 -34.41 -2.74 -18.29
N VAL C 796 -34.07 -1.45 -18.31
CA VAL C 796 -33.43 -0.87 -17.14
C VAL C 796 -34.40 -0.85 -15.96
N ILE C 797 -35.65 -0.48 -16.20
CA ILE C 797 -36.65 -0.53 -15.14
C ILE C 797 -36.72 -1.95 -14.57
N LEU C 798 -36.66 -2.96 -15.43
CA LEU C 798 -36.74 -4.33 -14.94
C LEU C 798 -35.54 -4.68 -14.08
N ILE C 799 -34.35 -4.19 -14.44
CA ILE C 799 -33.16 -4.44 -13.64
C ILE C 799 -33.33 -3.85 -12.25
N LEU C 800 -33.77 -2.59 -12.17
CA LEU C 800 -33.96 -1.95 -10.87
C LEU C 800 -34.96 -2.73 -10.03
N GLN C 801 -36.11 -3.06 -10.61
CA GLN C 801 -37.14 -3.78 -9.86
C GLN C 801 -36.58 -5.06 -9.26
N SER C 802 -35.67 -5.73 -9.97
CA SER C 802 -35.24 -7.05 -9.57
C SER C 802 -34.04 -7.05 -8.63
N VAL C 803 -33.23 -5.99 -8.60
CA VAL C 803 -32.03 -5.97 -7.78
C VAL C 803 -32.00 -4.85 -6.76
N PHE C 804 -32.76 -3.78 -6.93
CA PHE C 804 -32.52 -2.58 -6.12
C PHE C 804 -32.85 -2.82 -4.65
N GLU C 805 -34.12 -3.10 -4.34
CA GLU C 805 -34.53 -3.19 -2.95
C GLU C 805 -33.91 -4.41 -2.26
N CYS C 806 -33.83 -5.54 -2.95
CA CYS C 806 -33.31 -6.73 -2.28
C CYS C 806 -31.81 -6.63 -2.06
N THR C 807 -31.08 -5.97 -2.94
CA THR C 807 -29.66 -5.77 -2.68
C THR C 807 -29.44 -4.71 -1.61
N LEU C 808 -30.24 -3.64 -1.62
CA LEU C 808 -30.12 -2.62 -0.59
C LEU C 808 -30.32 -3.19 0.80
N ASP C 809 -31.31 -4.09 0.95
CA ASP C 809 -31.57 -4.68 2.25
C ASP C 809 -30.41 -5.55 2.71
N MET C 810 -29.63 -6.11 1.78
CA MET C 810 -28.45 -6.87 2.16
C MET C 810 -27.35 -5.98 2.75
N ILE C 811 -27.25 -4.73 2.31
CA ILE C 811 -26.08 -3.91 2.61
C ILE C 811 -26.37 -2.75 3.53
N ASN C 812 -27.61 -2.55 3.98
CA ASN C 812 -27.94 -1.37 4.77
C ASN C 812 -28.08 -1.65 6.26
N LYS C 813 -27.45 -2.71 6.76
CA LYS C 813 -27.45 -3.00 8.20
C LYS C 813 -26.10 -2.76 8.85
N ASP C 814 -25.01 -2.88 8.08
CA ASP C 814 -23.68 -2.54 8.53
C ASP C 814 -22.90 -2.10 7.30
N PHE C 815 -21.61 -1.81 7.50
CA PHE C 815 -20.75 -1.43 6.39
C PHE C 815 -19.86 -2.57 5.90
N THR C 816 -20.03 -3.79 6.44
CA THR C 816 -19.09 -4.88 6.21
C THR C 816 -19.66 -6.05 5.42
N GLU C 817 -20.88 -6.48 5.68
CA GLU C 817 -21.40 -7.68 5.03
C GLU C 817 -21.55 -7.46 3.53
N TYR C 818 -21.37 -8.54 2.78
CA TYR C 818 -21.57 -8.56 1.34
C TYR C 818 -20.75 -7.47 0.64
N PRO C 819 -19.43 -7.45 0.85
CA PRO C 819 -18.62 -6.35 0.32
C PRO C 819 -18.66 -6.22 -1.19
N GLU C 820 -18.72 -7.33 -1.93
CA GLU C 820 -18.75 -7.22 -3.39
C GLU C 820 -20.09 -6.70 -3.88
N HIS C 821 -21.20 -7.17 -3.29
CA HIS C 821 -22.51 -6.65 -3.67
C HIS C 821 -22.57 -5.15 -3.45
N ARG C 822 -22.01 -4.70 -2.33
CA ARG C 822 -21.95 -3.29 -1.98
C ARG C 822 -21.33 -2.47 -3.11
N VAL C 823 -20.12 -2.84 -3.52
CA VAL C 823 -19.39 -2.10 -4.55
C VAL C 823 -20.16 -2.13 -5.86
N GLU C 824 -20.56 -3.33 -6.30
CA GLU C 824 -21.26 -3.45 -7.58
C GLU C 824 -22.61 -2.74 -7.56
N PHE C 825 -23.27 -2.73 -6.40
CA PHE C 825 -24.56 -2.05 -6.26
C PHE C 825 -24.47 -0.59 -6.65
N TYR C 826 -23.47 0.12 -6.14
CA TYR C 826 -23.38 1.55 -6.40
C TYR C 826 -22.81 1.84 -7.77
N LYS C 827 -22.02 0.94 -8.33
CA LYS C 827 -21.61 1.09 -9.73
C LYS C 827 -22.81 0.98 -10.65
N LEU C 828 -23.73 0.06 -10.34
CA LEU C 828 -24.92 -0.09 -11.18
C LEU C 828 -25.82 1.12 -11.07
N LEU C 829 -26.06 1.62 -9.86
CA LEU C 829 -26.88 2.81 -9.70
C LEU C 829 -26.25 4.02 -10.36
N LYS C 830 -24.92 4.13 -10.27
CA LYS C 830 -24.23 5.25 -10.91
C LYS C 830 -24.51 5.28 -12.41
N VAL C 831 -24.34 4.13 -13.08
CA VAL C 831 -24.53 4.14 -14.53
C VAL C 831 -26.00 4.30 -14.90
N ILE C 832 -26.91 3.73 -14.11
CA ILE C 832 -28.33 3.94 -14.37
C ILE C 832 -28.66 5.43 -14.24
N ASN C 833 -28.08 6.09 -13.24
CA ASN C 833 -28.30 7.52 -13.06
C ASN C 833 -27.68 8.33 -14.19
N GLU C 834 -26.63 7.81 -14.82
CA GLU C 834 -25.99 8.51 -15.92
C GLU C 834 -26.77 8.32 -17.23
N LYS C 835 -27.19 7.08 -17.51
CA LYS C 835 -27.62 6.70 -18.86
C LYS C 835 -29.12 6.50 -19.00
N SER C 836 -29.84 6.28 -17.91
CA SER C 836 -31.28 6.02 -18.00
CA SER C 836 -31.26 5.97 -17.96
C SER C 836 -31.94 6.53 -16.73
N PHE C 837 -31.72 7.82 -16.46
CA PHE C 837 -32.30 8.46 -15.29
C PHE C 837 -33.81 8.35 -15.26
N ALA C 838 -34.46 8.14 -16.41
CA ALA C 838 -35.90 8.00 -16.43
C ALA C 838 -36.36 6.80 -15.62
N ALA C 839 -35.49 5.80 -15.43
CA ALA C 839 -35.88 4.64 -14.63
C ALA C 839 -36.14 5.04 -13.18
N PHE C 840 -35.38 6.00 -12.66
CA PHE C 840 -35.64 6.48 -11.31
C PHE C 840 -36.92 7.32 -11.26
N LEU C 841 -37.24 8.04 -12.33
CA LEU C 841 -38.48 8.80 -12.38
C LEU C 841 -39.69 7.89 -12.23
N GLU C 842 -39.69 6.74 -12.90
CA GLU C 842 -40.82 5.83 -12.80
C GLU C 842 -40.94 5.17 -11.44
N LEU C 843 -39.91 5.24 -10.61
CA LEU C 843 -39.97 4.60 -9.31
C LEU C 843 -41.16 5.11 -8.52
N PRO C 844 -41.89 4.25 -7.82
CA PRO C 844 -42.91 4.74 -6.90
C PRO C 844 -42.26 5.55 -5.79
N PRO C 845 -42.94 6.57 -5.27
CA PRO C 845 -42.27 7.53 -4.36
C PRO C 845 -41.56 6.88 -3.18
N ALA C 846 -42.12 5.81 -2.61
CA ALA C 846 -41.44 5.14 -1.51
C ALA C 846 -40.12 4.54 -1.98
N ALA C 847 -40.04 4.11 -3.24
CA ALA C 847 -38.81 3.53 -3.75
C ALA C 847 -37.80 4.59 -4.11
N PHE C 848 -38.24 5.76 -4.59
CA PHE C 848 -37.33 6.86 -4.82
C PHE C 848 -36.71 7.33 -3.50
N LYS C 849 -37.50 7.32 -2.42
CA LYS C 849 -36.96 7.65 -1.11
C LYS C 849 -35.87 6.66 -0.71
N LEU C 850 -36.08 5.37 -0.97
CA LEU C 850 -35.04 4.38 -0.70
C LEU C 850 -33.78 4.69 -1.49
N PHE C 851 -33.95 5.17 -2.73
CA PHE C 851 -32.80 5.53 -3.56
C PHE C 851 -32.00 6.65 -2.90
N VAL C 852 -32.69 7.67 -2.39
CA VAL C 852 -32.00 8.76 -1.70
C VAL C 852 -31.28 8.24 -0.46
N ASP C 853 -31.97 7.45 0.37
CA ASP C 853 -31.32 6.86 1.53
C ASP C 853 -30.08 6.07 1.14
N ALA C 854 -30.15 5.35 0.01
CA ALA C 854 -29.02 4.54 -0.42
C ALA C 854 -27.81 5.41 -0.73
N ILE C 855 -28.04 6.57 -1.36
CA ILE C 855 -26.94 7.47 -1.71
C ILE C 855 -26.27 8.00 -0.44
N CYS C 856 -27.06 8.46 0.52
CA CYS C 856 -26.49 8.97 1.77
C CYS C 856 -25.79 7.87 2.53
N TRP C 857 -26.38 6.68 2.59
CA TRP C 857 -25.69 5.52 3.13
C TRP C 857 -24.31 5.35 2.52
N ALA C 858 -24.19 5.56 1.20
CA ALA C 858 -22.89 5.45 0.56
C ALA C 858 -21.93 6.53 1.05
N PHE C 859 -22.43 7.75 1.30
CA PHE C 859 -21.58 8.80 1.86
C PHE C 859 -20.82 8.31 3.07
N LYS C 860 -21.51 7.56 3.93
CA LYS C 860 -21.02 7.23 5.26
C LYS C 860 -20.05 6.07 5.28
N HIS C 861 -19.82 5.42 4.13
CA HIS C 861 -18.79 4.40 4.06
C HIS C 861 -17.40 5.03 4.12
N ASN C 862 -16.48 4.33 4.77
CA ASN C 862 -15.06 4.67 4.68
C ASN C 862 -14.42 4.03 3.47
N ASN C 863 -14.97 2.91 3.01
CA ASN C 863 -14.55 2.24 1.79
C ASN C 863 -14.58 3.21 0.62
N ARG C 864 -13.41 3.52 0.05
CA ARG C 864 -13.34 4.48 -1.05
C ARG C 864 -14.21 4.06 -2.22
N ASP C 865 -14.21 2.76 -2.56
CA ASP C 865 -15.00 2.30 -3.69
C ASP C 865 -16.43 2.80 -3.59
N VAL C 866 -17.06 2.58 -2.43
CA VAL C 866 -18.46 2.94 -2.26
C VAL C 866 -18.63 4.45 -2.12
N GLU C 867 -17.78 5.08 -1.30
CA GLU C 867 -17.95 6.48 -0.94
C GLU C 867 -17.87 7.39 -2.16
N VAL C 868 -16.88 7.15 -3.03
CA VAL C 868 -16.69 8.00 -4.20
C VAL C 868 -17.90 7.91 -5.12
N ASN C 869 -18.39 6.68 -5.36
CA ASN C 869 -19.57 6.52 -6.21
C ASN C 869 -20.79 7.16 -5.58
N GLY C 870 -20.92 7.07 -4.26
CA GLY C 870 -22.06 7.67 -3.59
C GLY C 870 -22.07 9.18 -3.74
N LEU C 871 -20.91 9.81 -3.62
CA LEU C 871 -20.82 11.27 -3.81
C LEU C 871 -21.08 11.65 -5.25
N GLN C 872 -20.64 10.82 -6.19
CA GLN C 872 -20.85 11.11 -7.61
C GLN C 872 -22.31 10.91 -7.98
N ILE C 873 -22.96 9.87 -7.47
CA ILE C 873 -24.38 9.68 -7.75
C ILE C 873 -25.15 10.90 -7.25
N ALA C 874 -24.84 11.36 -6.04
CA ALA C 874 -25.50 12.54 -5.49
C ALA C 874 -25.34 13.73 -6.42
N LEU C 875 -24.11 13.99 -6.86
CA LEU C 875 -23.85 15.11 -7.77
C LEU C 875 -24.61 14.93 -9.08
N ASP C 876 -24.48 13.76 -9.70
CA ASP C 876 -25.19 13.50 -10.95
C ASP C 876 -26.69 13.64 -10.78
N LEU C 877 -27.23 13.20 -9.64
CA LEU C 877 -28.66 13.28 -9.40
C LEU C 877 -29.12 14.74 -9.36
N VAL C 878 -28.42 15.57 -8.60
CA VAL C 878 -28.74 17.01 -8.56
C VAL C 878 -28.74 17.58 -9.96
N LYS C 879 -27.71 17.27 -10.74
CA LYS C 879 -27.64 17.74 -12.12
C LYS C 879 -28.85 17.26 -12.92
N ASN C 880 -29.20 15.98 -12.78
CA ASN C 880 -30.36 15.46 -13.52
C ASN C 880 -31.62 16.22 -13.14
N ILE C 881 -31.84 16.44 -11.84
CA ILE C 881 -33.01 17.20 -11.39
C ILE C 881 -32.97 18.61 -11.96
N GLU C 882 -31.82 19.27 -11.85
CA GLU C 882 -31.69 20.63 -12.40
C GLU C 882 -32.08 20.66 -13.87
N ARG C 883 -31.66 19.66 -14.65
CA ARG C 883 -31.93 19.64 -16.07
C ARG C 883 -33.42 19.56 -16.38
N MET C 884 -34.23 19.05 -15.46
CA MET C 884 -35.66 18.91 -15.74
C MET C 884 -36.37 20.25 -15.83
N GLY C 885 -35.73 21.33 -15.40
CA GLY C 885 -36.39 22.63 -15.43
C GLY C 885 -37.30 22.80 -14.23
N ASN C 886 -38.34 23.62 -14.42
CA ASN C 886 -39.29 23.92 -13.36
C ASN C 886 -40.54 23.08 -13.60
N VAL C 887 -40.47 21.82 -13.17
CA VAL C 887 -41.59 20.90 -13.32
C VAL C 887 -41.91 20.28 -11.96
N PRO C 888 -43.06 19.63 -11.81
CA PRO C 888 -43.47 19.14 -10.48
C PRO C 888 -42.50 18.14 -9.87
N PHE C 889 -41.96 17.20 -10.64
CA PHE C 889 -41.06 16.22 -10.04
C PHE C 889 -39.82 16.90 -9.46
N ALA C 890 -39.26 17.88 -10.19
CA ALA C 890 -38.08 18.57 -9.69
C ALA C 890 -38.42 19.40 -8.45
N ASN C 891 -39.56 20.09 -8.46
CA ASN C 891 -39.94 20.88 -7.30
C ASN C 891 -40.20 20.00 -6.09
N GLU C 892 -40.90 18.89 -6.27
CA GLU C 892 -41.10 17.95 -5.17
C GLU C 892 -39.76 17.40 -4.68
N PHE C 893 -38.82 17.18 -5.60
CA PHE C 893 -37.52 16.65 -5.19
C PHE C 893 -36.83 17.59 -4.21
N HIS C 894 -36.81 18.90 -4.53
CA HIS C 894 -36.16 19.86 -3.64
C HIS C 894 -36.88 19.96 -2.31
N LYS C 895 -38.22 20.04 -2.34
CA LYS C 895 -38.98 20.07 -1.09
C LYS C 895 -38.66 18.85 -0.23
N ASN C 896 -38.57 17.68 -0.84
CA ASN C 896 -38.41 16.45 -0.07
C ASN C 896 -36.96 16.20 0.34
N TYR C 897 -35.98 16.58 -0.49
CA TYR C 897 -34.64 16.03 -0.34
C TYR C 897 -33.49 17.04 -0.36
N PHE C 898 -33.73 18.32 -0.66
CA PHE C 898 -32.62 19.26 -0.73
C PHE C 898 -31.88 19.34 0.60
N PHE C 899 -32.60 19.63 1.68
CA PHE C 899 -31.93 19.78 2.97
C PHE C 899 -31.40 18.47 3.52
N ILE C 900 -31.98 17.34 3.10
CA ILE C 900 -31.41 16.05 3.46
C ILE C 900 -30.01 15.93 2.87
N PHE C 901 -29.84 16.32 1.60
CA PHE C 901 -28.53 16.23 0.99
C PHE C 901 -27.56 17.26 1.56
N VAL C 902 -28.04 18.46 1.85
CA VAL C 902 -27.18 19.47 2.46
C VAL C 902 -26.67 18.98 3.81
N SER C 903 -27.57 18.49 4.66
CA SER C 903 -27.17 18.16 6.02
C SER C 903 -26.38 16.86 6.09
N GLU C 904 -26.68 15.88 5.24
CA GLU C 904 -25.88 14.66 5.22
C GLU C 904 -24.48 14.95 4.68
N THR C 905 -24.36 15.84 3.71
CA THR C 905 -23.04 16.21 3.21
C THR C 905 -22.24 16.93 4.30
N PHE C 906 -22.86 17.91 4.96
CA PHE C 906 -22.20 18.58 6.08
C PHE C 906 -21.77 17.58 7.14
N PHE C 907 -22.58 16.55 7.37
CA PHE C 907 -22.27 15.61 8.45
C PHE C 907 -20.96 14.87 8.18
N VAL C 908 -20.79 14.33 6.97
CA VAL C 908 -19.55 13.61 6.70
C VAL C 908 -18.37 14.56 6.51
N LEU C 909 -18.62 15.82 6.17
CA LEU C 909 -17.55 16.80 6.09
C LEU C 909 -16.96 17.09 7.46
N THR C 910 -17.78 17.11 8.50
CA THR C 910 -17.38 17.62 9.80
C THR C 910 -17.13 16.54 10.86
N ASP C 911 -17.35 15.27 10.55
CA ASP C 911 -17.30 14.24 11.60
C ASP C 911 -15.96 13.56 11.73
N SER C 912 -14.96 13.96 10.95
CA SER C 912 -13.57 13.53 11.07
C SER C 912 -13.35 12.06 10.70
N ASP C 913 -14.37 11.33 10.27
CA ASP C 913 -14.21 9.94 9.88
C ASP C 913 -14.34 9.73 8.37
N HIS C 914 -14.42 10.81 7.59
CA HIS C 914 -14.55 10.70 6.14
C HIS C 914 -13.65 11.71 5.45
N LYS C 915 -12.41 11.85 5.94
CA LYS C 915 -11.48 12.82 5.37
C LYS C 915 -11.17 12.51 3.91
N SER C 916 -11.19 11.24 3.53
CA SER C 916 -10.81 10.86 2.18
C SER C 916 -11.74 11.43 1.12
N GLY C 917 -12.98 11.77 1.48
CA GLY C 917 -13.93 12.30 0.53
C GLY C 917 -14.10 13.81 0.57
N PHE C 918 -13.18 14.54 1.21
CA PHE C 918 -13.35 15.97 1.41
C PHE C 918 -13.63 16.69 0.09
N SER C 919 -12.78 16.49 -0.91
CA SER C 919 -12.90 17.23 -2.16
C SER C 919 -14.26 17.03 -2.81
N LYS C 920 -14.75 15.78 -2.86
CA LYS C 920 -16.02 15.54 -3.51
C LYS C 920 -17.21 15.97 -2.64
N GLN C 921 -17.08 15.89 -1.31
CA GLN C 921 -18.10 16.46 -0.44
C GLN C 921 -18.21 17.97 -0.65
N ALA C 922 -17.07 18.64 -0.74
CA ALA C 922 -17.08 20.09 -0.96
C ALA C 922 -17.72 20.43 -2.29
N LEU C 923 -17.41 19.66 -3.34
CA LEU C 923 -18.01 19.92 -4.64
C LEU C 923 -19.52 19.78 -4.58
N LEU C 924 -20.00 18.70 -3.97
CA LEU C 924 -21.44 18.50 -3.82
C LEU C 924 -22.06 19.62 -3.01
N LEU C 925 -21.43 19.99 -1.89
CA LEU C 925 -21.99 21.06 -1.08
C LEU C 925 -22.02 22.37 -1.85
N MET C 926 -20.98 22.61 -2.65
CA MET C 926 -20.94 23.85 -3.40
C MET C 926 -22.04 23.89 -4.46
N LYS C 927 -22.27 22.78 -5.14
CA LYS C 927 -23.36 22.71 -6.11
C LYS C 927 -24.70 22.95 -5.42
N LEU C 928 -24.91 22.36 -4.25
CA LEU C 928 -26.17 22.53 -3.54
C LEU C 928 -26.40 24.00 -3.18
N ILE C 929 -25.39 24.65 -2.62
CA ILE C 929 -25.55 26.05 -2.22
C ILE C 929 -25.76 26.94 -3.43
N SER C 930 -25.09 26.63 -4.55
CA SER C 930 -25.18 27.50 -5.71
C SER C 930 -26.57 27.43 -6.34
N LEU C 931 -27.27 26.30 -6.24
CA LEU C 931 -28.65 26.24 -6.71
C LEU C 931 -29.48 27.34 -6.08
N VAL C 932 -29.32 27.57 -4.79
CA VAL C 932 -30.16 28.53 -4.09
C VAL C 932 -29.75 29.96 -4.45
N TYR C 933 -28.45 30.22 -4.59
CA TYR C 933 -27.99 31.57 -4.86
C TYR C 933 -27.99 31.91 -6.33
N ASP C 934 -28.42 30.99 -7.19
CA ASP C 934 -28.78 31.30 -8.57
C ASP C 934 -30.29 31.22 -8.80
N ASN C 935 -31.07 31.01 -7.74
CA ASN C 935 -32.51 30.83 -7.84
C ASN C 935 -32.87 29.86 -8.95
N LYS C 936 -32.19 28.71 -8.95
CA LYS C 936 -32.54 27.58 -9.80
C LYS C 936 -33.56 26.66 -9.13
N ILE C 937 -33.91 26.93 -7.88
CA ILE C 937 -34.99 26.24 -7.19
C ILE C 937 -36.21 27.16 -7.23
N SER C 938 -37.25 26.72 -7.93
CA SER C 938 -38.36 27.61 -8.30
C SER C 938 -39.46 27.66 -7.27
N VAL C 939 -39.38 26.89 -6.19
CA VAL C 939 -40.40 26.88 -5.15
C VAL C 939 -39.74 27.21 -3.83
N PRO C 940 -40.50 27.68 -2.84
CA PRO C 940 -39.94 27.85 -1.50
C PRO C 940 -39.56 26.52 -0.87
N LEU C 941 -38.40 26.51 -0.23
CA LEU C 941 -37.90 25.33 0.48
C LEU C 941 -38.46 25.22 1.89
N TYR C 942 -39.23 26.20 2.35
CA TYR C 942 -39.78 26.20 3.69
C TYR C 942 -41.26 25.83 3.65
N GLN C 943 -41.83 25.64 4.84
CA GLN C 943 -43.21 25.19 4.98
C GLN C 943 -44.13 26.37 5.26
N GLU C 944 -45.28 26.38 4.56
CA GLU C 944 -46.35 27.35 4.73
C GLU C 944 -46.00 28.54 5.61
N ALA C 945 -46.12 28.36 6.92
CA ALA C 945 -46.06 29.46 7.88
C ALA C 945 -44.78 29.41 8.71
N GLU C 946 -43.70 28.88 8.15
CA GLU C 946 -42.44 28.81 8.87
C GLU C 946 -41.64 30.10 8.80
N VAL C 947 -41.87 30.91 7.77
CA VAL C 947 -41.27 32.24 7.66
C VAL C 947 -42.28 33.12 6.94
N PRO C 948 -42.11 34.44 6.92
CA PRO C 948 -43.07 35.28 6.21
C PRO C 948 -43.20 34.85 4.76
N GLN C 949 -44.38 35.10 4.19
CA GLN C 949 -44.55 34.94 2.76
C GLN C 949 -43.55 35.81 2.02
N GLY C 950 -42.93 35.24 0.99
CA GLY C 950 -42.00 35.97 0.16
C GLY C 950 -40.55 35.88 0.57
N THR C 951 -40.24 35.22 1.68
CA THR C 951 -38.85 35.02 2.06
C THR C 951 -38.11 34.28 0.96
N SER C 952 -36.95 34.79 0.58
CA SER C 952 -36.13 34.11 -0.42
C SER C 952 -35.57 32.82 0.15
N ASN C 953 -35.37 31.84 -0.74
CA ASN C 953 -34.71 30.61 -0.33
C ASN C 953 -33.30 30.88 0.19
N GLN C 954 -32.67 31.95 -0.30
CA GLN C 954 -31.35 32.35 0.22
C GLN C 954 -31.41 32.62 1.71
N VAL C 955 -32.36 33.44 2.14
CA VAL C 955 -32.48 33.76 3.57
C VAL C 955 -32.83 32.51 4.35
N TYR C 956 -33.75 31.70 3.83
CA TYR C 956 -34.13 30.49 4.56
C TYR C 956 -32.96 29.52 4.67
N LEU C 957 -32.16 29.39 3.60
CA LEU C 957 -31.02 28.49 3.64
C LEU C 957 -30.02 28.91 4.71
N SER C 958 -29.68 30.20 4.76
CA SER C 958 -28.78 30.71 5.79
C SER C 958 -29.34 30.42 7.18
N GLN C 959 -30.64 30.61 7.36
CA GLN C 959 -31.28 30.38 8.63
C GLN C 959 -31.26 28.90 9.00
N TYR C 960 -31.62 28.03 8.05
CA TYR C 960 -31.58 26.60 8.31
C TYR C 960 -30.17 26.14 8.67
N LEU C 961 -29.17 26.61 7.93
CA LEU C 961 -27.80 26.20 8.21
C LEU C 961 -27.32 26.75 9.55
N ALA C 962 -27.64 28.01 9.86
CA ALA C 962 -27.23 28.56 11.15
C ALA C 962 -27.77 27.72 12.30
N ASN C 963 -29.05 27.34 12.22
CA ASN C 963 -29.66 26.53 13.27
C ASN C 963 -29.05 25.13 13.30
N MET C 964 -28.77 24.55 12.14
CA MET C 964 -28.18 23.22 12.08
C MET C 964 -26.80 23.20 12.75
N LEU C 965 -25.94 24.14 12.37
CA LEU C 965 -24.59 24.19 12.94
C LEU C 965 -24.62 24.55 14.42
N SER C 966 -25.57 25.39 14.84
CA SER C 966 -25.66 25.74 16.25
C SER C 966 -25.92 24.51 17.11
N ASN C 967 -26.86 23.66 16.69
CA ASN C 967 -27.19 22.48 17.50
C ASN C 967 -26.13 21.40 17.37
N ALA C 968 -25.47 21.32 16.22
CA ALA C 968 -24.46 20.30 16.00
C ALA C 968 -23.13 20.69 16.63
N PHE C 969 -22.85 21.98 16.74
CA PHE C 969 -21.59 22.49 17.30
C PHE C 969 -21.94 23.59 18.30
N PRO C 970 -22.54 23.22 19.43
CA PRO C 970 -23.04 24.25 20.36
C PRO C 970 -21.98 25.14 20.95
N HIS C 971 -20.70 24.77 20.85
CA HIS C 971 -19.66 25.60 21.42
C HIS C 971 -19.22 26.73 20.51
N LEU C 972 -19.70 26.75 19.26
CA LEU C 972 -19.45 27.88 18.38
C LEU C 972 -20.34 29.05 18.78
N THR C 973 -19.81 30.27 18.63
CA THR C 973 -20.63 31.44 18.80
C THR C 973 -21.50 31.65 17.57
N SER C 974 -22.64 32.31 17.78
CA SER C 974 -23.49 32.68 16.65
C SER C 974 -22.70 33.46 15.62
N GLU C 975 -21.78 34.31 16.07
CA GLU C 975 -20.97 35.12 15.16
C GLU C 975 -20.08 34.25 14.29
N GLN C 976 -19.43 33.24 14.89
CA GLN C 976 -18.64 32.29 14.10
C GLN C 976 -19.49 31.66 13.00
N ILE C 977 -20.67 31.14 13.38
CA ILE C 977 -21.52 30.46 12.41
C ILE C 977 -21.93 31.42 11.31
N ALA C 978 -22.34 32.63 11.68
CA ALA C 978 -22.81 33.58 10.67
C ALA C 978 -21.69 33.99 9.73
N SER C 979 -20.48 34.21 10.26
CA SER C 979 -19.35 34.58 9.41
C SER C 979 -18.96 33.43 8.49
N PHE C 980 -18.94 32.21 9.03
CA PHE C 980 -18.62 31.04 8.21
C PHE C 980 -19.60 30.91 7.04
N LEU C 981 -20.90 31.04 7.32
CA LEU C 981 -21.89 30.84 6.28
C LEU C 981 -21.88 31.99 5.28
N SER C 982 -21.66 33.21 5.74
CA SER C 982 -21.55 34.34 4.81
CA SER C 982 -21.54 34.34 4.82
C SER C 982 -20.41 34.12 3.83
N ALA C 983 -19.25 33.69 4.34
CA ALA C 983 -18.11 33.42 3.47
C ALA C 983 -18.40 32.25 2.53
N LEU C 984 -18.84 31.13 3.08
CA LEU C 984 -19.14 29.95 2.28
C LEU C 984 -20.10 30.29 1.15
N THR C 985 -21.14 31.06 1.47
CA THR C 985 -22.14 31.44 0.48
C THR C 985 -21.53 32.32 -0.60
N LYS C 986 -20.78 33.37 -0.21
CA LYS C 986 -20.16 34.25 -1.19
C LYS C 986 -19.24 33.49 -2.13
N GLN C 987 -18.67 32.38 -1.67
CA GLN C 987 -17.57 31.71 -2.36
C GLN C 987 -18.02 30.49 -3.14
N CYS C 988 -19.34 30.33 -3.35
CA CYS C 988 -19.85 29.08 -3.90
C CYS C 988 -19.63 28.95 -5.41
N LYS C 989 -18.91 29.88 -6.04
CA LYS C 989 -18.45 29.71 -7.42
C LYS C 989 -16.95 29.43 -7.50
N ASP C 990 -16.25 29.45 -6.37
CA ASP C 990 -14.79 29.37 -6.33
C ASP C 990 -14.43 28.16 -5.47
N LEU C 991 -14.29 27.01 -6.12
CA LEU C 991 -14.13 25.75 -5.38
C LEU C 991 -12.90 25.78 -4.49
N VAL C 992 -11.79 26.28 -5.01
CA VAL C 992 -10.55 26.35 -4.22
C VAL C 992 -10.77 27.14 -2.94
N VAL C 993 -11.40 28.31 -3.06
CA VAL C 993 -11.59 29.17 -1.89
C VAL C 993 -12.63 28.58 -0.96
N PHE C 994 -13.77 28.15 -1.52
CA PHE C 994 -14.81 27.42 -0.80
C PHE C 994 -14.19 26.33 0.07
N LYS C 995 -13.28 25.55 -0.52
CA LYS C 995 -12.63 24.48 0.24
C LYS C 995 -11.77 25.04 1.36
N GLY C 996 -11.03 26.13 1.07
CA GLY C 996 -10.26 26.76 2.13
C GLY C 996 -11.11 27.14 3.32
N THR C 997 -12.31 27.66 3.04
CA THR C 997 -13.21 28.08 4.11
C THR C 997 -13.76 26.88 4.87
N LEU C 998 -14.07 25.79 4.16
CA LEU C 998 -14.47 24.57 4.85
C LEU C 998 -13.35 24.08 5.77
N ARG C 999 -12.11 24.07 5.30
N ARG C 999 -12.11 24.06 5.29
CA ARG C 999 -11.02 23.62 6.15
CA ARG C 999 -10.99 23.64 6.11
C ARG C 999 -10.80 24.55 7.32
C ARG C 999 -10.84 24.55 7.33
N ASP C 1000 -11.03 25.85 7.14
CA ASP C 1000 -10.97 26.78 8.27
C ASP C 1000 -12.03 26.43 9.30
N PHE C 1001 -13.23 26.07 8.83
CA PHE C 1001 -14.31 25.67 9.74
C PHE C 1001 -13.95 24.40 10.49
N LEU C 1002 -13.31 23.44 9.82
CA LEU C 1002 -12.91 22.21 10.47
C LEU C 1002 -11.87 22.46 11.55
N VAL C 1003 -11.03 23.47 11.39
CA VAL C 1003 -10.11 23.85 12.46
C VAL C 1003 -10.89 24.42 13.63
N GLN C 1004 -11.82 25.34 13.36
CA GLN C 1004 -12.46 26.08 14.43
C GLN C 1004 -13.37 25.21 15.28
N ILE C 1005 -14.03 24.20 14.70
CA ILE C 1005 -14.89 23.34 15.49
C ILE C 1005 -14.10 22.48 16.47
N LYS C 1006 -12.78 22.41 16.33
CA LYS C 1006 -11.95 21.61 17.22
C LYS C 1006 -11.56 22.36 18.48
N GLU C 1007 -11.85 23.66 18.57
CA GLU C 1007 -11.45 24.45 19.72
C GLU C 1007 -12.62 25.36 20.10
N VAL C 1008 -12.41 26.13 21.16
CA VAL C 1008 -13.35 27.12 21.63
C VAL C 1008 -12.77 28.49 21.33
N GLY C 1009 -13.62 29.40 20.86
CA GLY C 1009 -13.24 30.79 20.74
C GLY C 1009 -12.54 31.17 19.46
N GLY C 1010 -12.76 30.43 18.37
CA GLY C 1010 -12.16 30.79 17.11
C GLY C 1010 -12.59 32.18 16.66
N ASP C 1011 -11.70 32.84 15.94
CA ASP C 1011 -11.93 34.22 15.51
C ASP C 1011 -12.85 34.22 14.30
N PRO C 1012 -14.03 34.83 14.36
CA PRO C 1012 -14.92 34.84 13.20
C PRO C 1012 -14.39 35.65 12.03
N THR C 1013 -13.47 36.58 12.25
CA THR C 1013 -12.89 37.31 11.12
C THR C 1013 -11.97 36.43 10.28
N ASP C 1014 -11.58 35.25 10.77
CA ASP C 1014 -10.80 34.33 9.95
C ASP C 1014 -11.48 34.05 8.62
N TYR C 1015 -12.82 34.05 8.60
CA TYR C 1015 -13.55 33.71 7.39
C TYR C 1015 -13.54 34.83 6.36
N LEU C 1016 -12.89 35.95 6.64
CA LEU C 1016 -12.67 36.99 5.64
C LEU C 1016 -11.32 36.84 4.95
N PHE C 1017 -10.64 35.70 5.13
CA PHE C 1017 -9.28 35.57 4.62
C PHE C 1017 -9.20 35.78 3.12
N ALA C 1018 -10.08 35.11 2.36
CA ALA C 1018 -10.01 35.20 0.90
C ALA C 1018 -10.17 36.64 0.45
N GLU C 1019 -11.21 37.32 0.93
CA GLU C 1019 -11.40 38.74 0.65
C GLU C 1019 -10.16 39.53 1.06
N VAL D 5 21.23 -16.03 -39.79
CA VAL D 5 20.21 -16.37 -38.81
C VAL D 5 19.92 -17.86 -38.86
N ASP D 6 19.71 -18.37 -40.06
CA ASP D 6 19.48 -19.80 -40.22
C ASP D 6 20.62 -20.62 -39.66
N GLN D 7 21.82 -20.03 -39.53
CA GLN D 7 22.94 -20.74 -38.95
C GLN D 7 22.69 -21.06 -37.48
N LEU D 8 22.02 -20.15 -36.77
CA LEU D 8 21.49 -20.49 -35.45
C LEU D 8 20.69 -21.78 -35.55
N ARG D 9 21.01 -22.75 -34.69
CA ARG D 9 20.31 -24.03 -34.67
C ARG D 9 19.45 -24.09 -33.42
N LEU D 10 18.42 -23.25 -33.38
CA LEU D 10 17.55 -23.17 -32.21
C LEU D 10 16.69 -24.41 -32.06
N GLU D 11 16.38 -25.09 -33.17
CA GLU D 11 15.60 -26.33 -33.08
C GLU D 11 16.29 -27.38 -32.22
N ARG D 12 17.61 -27.27 -32.04
CA ARG D 12 18.34 -28.21 -31.19
C ARG D 12 18.24 -27.89 -29.71
N LEU D 13 17.79 -26.68 -29.35
CA LEU D 13 17.65 -26.33 -27.95
C LEU D 13 16.87 -27.40 -27.21
N GLN D 14 17.42 -27.86 -26.09
CA GLN D 14 16.82 -28.96 -25.35
C GLN D 14 16.92 -28.68 -23.86
N ILE D 15 15.99 -29.29 -23.12
CA ILE D 15 15.96 -29.17 -21.67
C ILE D 15 16.10 -30.56 -21.05
#